data_8JBO
#
_entry.id   8JBO
#
_cell.length_a   54.791
_cell.length_b   164.399
_cell.length_c   179.614
_cell.angle_alpha   90.000
_cell.angle_beta   90.000
_cell.angle_gamma   90.000
#
_symmetry.space_group_name_H-M   'P 21 21 21'
#
loop_
_entity.id
_entity.type
_entity.pdbx_description
1 polymer Glucosylceramidase
2 non-polymer 5-HYDROXYMETHYL-3,4-DIHYDROXYPIPERIDINE
3 non-polymer 'CALCIUM ION'
4 non-polymer GLYCEROL
5 non-polymer 1,2-ETHANEDIOL
6 water water
#
_entity_poly.entity_id   1
_entity_poly.type   'polypeptide(L)'
_entity_poly.pdbx_seq_one_letter_code
;MALTGCSEKININEDKISHKIDIPDSAWTIGIGEKFKNAGHPNVKYPMIDDSYVQGAPLGGFGAGTIGRTYNGGFSRWHL
EIGKNKYTTVYANQFSVFQKVEGNKDGVAQVLYAGEPENGYLSSWKWDYPKESGMYYALYPNSWYTYTNKDLPVQLAVKQ
FSPIIPYNYKETSYPVAVFKWTAYNPTNKNVDVSIMFTWQNMIGFFGKQVNVNSGNFNKIIKDKSKDSEIVAAVMGNISN
DNEEWNGEYSIGVKKVPGVDISYKAKFVTTGDGSDLWHEFSKNGILDNKDDETPTKQDGIGSAIAVNFKLQPGQTIEVPF
ALSWDLPIMKFGGGDKWYKMYTKYFGKNGKNSFAILKEALNNYQKWEKMIDDWQKPILSNKSKPDWYKTALFNELYYLAD
GGTAWENGKVGEKDKRTNNMFGLLECFDYNYYETLDVRFYGSFPLVMLWPDIEKQVMRQFADTINVQDSSEFKVGSNGAM
AVKKVQGMIPHDLGSSYALPWIKINAYDWQNPNIWKDLNSKYVLLVYRDYVLTGKTDKEFLKYTWKSVKTALDKLKEMDK
DNDGIPDNEGIPDQTYDTWSMKGTSAYCGSLWLAALKAAQEIGKVLKDNEAYIKYNEWYKIAQQNFEKELWNGEYYNFDT
ESDHKDSIMADQLAGQWYADILRLGDILPKDHVQKALKKIYEFNVMKFENGKMGAVNGMRPDGIVDESDIQAQEVWTGVT
YALASFMKYRGMTEEAYNTAYGVYKMTYDKSGKGYWFRTPEAWTKDGNYRASMYMRPLSIWSMEVNYNEVLEHHHHHH
;
_entity_poly.pdbx_strand_id   A,B
#
# COMPACT_ATOMS: atom_id res chain seq x y z
N ASP A 15 8.40 -18.56 12.84
CA ASP A 15 7.30 -17.67 13.37
C ASP A 15 5.92 -18.28 13.12
N LYS A 16 5.45 -19.08 14.07
CA LYS A 16 4.12 -19.69 14.10
C LYS A 16 3.16 -18.93 15.03
N ILE A 17 3.66 -17.93 15.75
CA ILE A 17 2.82 -17.11 16.66
C ILE A 17 2.04 -16.02 15.94
N SER A 18 2.62 -15.43 14.87
CA SER A 18 1.94 -14.43 14.01
C SER A 18 0.53 -14.84 13.58
N HIS A 19 0.41 -16.07 13.08
CA HIS A 19 -0.90 -16.67 12.75
C HIS A 19 -1.93 -16.58 13.91
N LYS A 20 -1.46 -16.74 15.17
CA LYS A 20 -2.32 -16.75 16.37
C LYS A 20 -2.70 -15.37 16.93
N ILE A 21 -2.16 -14.28 16.37
CA ILE A 21 -2.56 -12.94 16.84
C ILE A 21 -2.93 -12.13 15.62
N ASP A 22 -3.43 -10.93 15.81
CA ASP A 22 -3.83 -10.13 14.66
C ASP A 22 -3.14 -8.75 14.66
N ILE A 23 -1.96 -8.73 14.07
CA ILE A 23 -1.19 -7.54 13.87
C ILE A 23 -1.53 -6.97 12.48
N PRO A 24 -1.92 -5.70 12.39
CA PRO A 24 -2.20 -5.14 11.09
C PRO A 24 -0.93 -5.02 10.23
N ASP A 25 -1.10 -5.24 8.92
CA ASP A 25 -0.03 -5.10 7.95
C ASP A 25 0.67 -3.77 8.00
N SER A 26 -0.05 -2.69 8.31
CA SER A 26 0.58 -1.36 8.35
C SER A 26 1.36 -1.05 9.64
N ALA A 27 1.43 -1.98 10.59
CA ALA A 27 2.25 -1.81 11.77
C ALA A 27 3.69 -1.53 11.39
N TRP A 28 4.31 -0.56 12.06
CA TRP A 28 5.74 -0.34 11.94
C TRP A 28 6.43 -1.53 12.55
N THR A 29 7.52 -2.00 11.96
N THR A 29 7.50 -2.04 11.92
CA THR A 29 8.16 -3.18 12.51
CA THR A 29 8.18 -3.24 12.41
C THR A 29 9.68 -3.14 12.47
C THR A 29 9.69 -3.06 12.53
N ILE A 30 10.29 -3.79 13.46
CA ILE A 30 11.76 -3.82 13.63
C ILE A 30 12.08 -5.06 14.40
N GLY A 31 13.27 -5.61 14.18
CA GLY A 31 13.76 -6.77 14.92
C GLY A 31 14.12 -6.41 16.37
N ILE A 32 13.74 -7.28 17.31
CA ILE A 32 14.14 -7.09 18.69
C ILE A 32 15.65 -7.26 18.71
N GLY A 33 16.34 -6.28 19.28
CA GLY A 33 17.82 -6.26 19.29
C GLY A 33 18.46 -5.69 18.04
N GLU A 34 17.68 -5.23 17.07
CA GLU A 34 18.25 -4.73 15.81
C GLU A 34 19.08 -3.47 16.09
N LYS A 35 20.25 -3.42 15.46
CA LYS A 35 21.07 -2.22 15.43
C LYS A 35 20.64 -1.47 14.18
N PHE A 36 20.62 -0.16 14.26
CA PHE A 36 20.27 0.67 13.15
C PHE A 36 21.51 1.47 12.85
N LYS A 37 21.94 1.51 11.59
CA LYS A 37 23.23 2.10 11.22
C LYS A 37 23.15 3.56 10.85
N ASN A 38 22.02 3.97 10.36
CA ASN A 38 21.95 5.25 9.73
C ASN A 38 21.59 6.46 10.65
N ALA A 39 21.63 6.37 12.00
CA ALA A 39 20.79 7.29 12.80
C ALA A 39 21.22 8.75 12.74
N GLY A 40 20.27 9.68 12.64
CA GLY A 40 20.63 11.08 12.65
C GLY A 40 20.82 11.60 14.06
N HIS A 41 21.39 12.81 14.12
CA HIS A 41 21.76 13.46 15.37
C HIS A 41 21.44 14.93 15.24
N PRO A 42 21.44 15.67 16.37
CA PRO A 42 21.12 17.09 16.24
C PRO A 42 22.13 17.89 15.42
N ASN A 43 21.67 18.86 14.68
CA ASN A 43 22.55 19.65 13.81
C ASN A 43 22.72 21.09 14.33
N VAL A 44 22.47 21.34 15.61
CA VAL A 44 22.57 22.67 16.23
C VAL A 44 23.82 22.75 17.12
N LYS A 45 24.17 23.95 17.52
CA LYS A 45 25.36 24.26 18.32
C LYS A 45 25.16 23.90 19.81
N TYR A 46 24.05 24.29 20.42
CA TYR A 46 23.85 24.06 21.85
C TYR A 46 23.34 22.64 22.11
N PRO A 47 23.41 22.17 23.36
CA PRO A 47 22.97 20.81 23.66
C PRO A 47 21.49 20.60 23.30
N MET A 48 21.19 19.45 22.73
CA MET A 48 19.86 19.14 22.26
C MET A 48 19.61 17.69 22.54
N ILE A 49 18.39 17.38 22.93
CA ILE A 49 18.06 16.01 23.26
C ILE A 49 18.36 15.06 22.10
N ASP A 50 19.07 13.99 22.42
CA ASP A 50 19.20 12.85 21.50
C ASP A 50 19.20 11.56 22.28
N ASP A 51 18.05 10.91 22.38
CA ASP A 51 17.92 9.69 23.16
C ASP A 51 18.23 8.43 22.35
N SER A 52 18.75 8.55 21.13
CA SER A 52 19.00 7.36 20.28
C SER A 52 17.70 6.81 19.67
N TYR A 53 17.88 5.85 18.77
CA TYR A 53 16.81 5.23 18.00
C TYR A 53 16.14 4.11 18.76
N VAL A 54 16.58 3.79 19.98
CA VAL A 54 15.93 2.72 20.75
C VAL A 54 14.72 3.31 21.46
N GLN A 55 13.60 3.29 20.76
CA GLN A 55 12.34 3.89 21.22
C GLN A 55 11.23 2.93 20.92
N GLY A 56 10.03 3.22 21.44
CA GLY A 56 8.84 2.48 21.07
C GLY A 56 7.60 3.32 21.33
N ALA A 57 6.44 2.77 21.00
CA ALA A 57 5.18 3.45 21.25
C ALA A 57 4.94 3.64 22.74
N PRO A 58 4.48 4.82 23.18
CA PRO A 58 4.33 5.03 24.63
C PRO A 58 3.09 4.38 25.20
N LEU A 59 3.15 4.17 26.50
CA LEU A 59 2.02 3.67 27.30
C LEU A 59 1.61 4.80 28.25
N GLY A 60 0.31 4.92 28.50
CA GLY A 60 -0.25 5.97 29.37
C GLY A 60 -1.21 6.90 28.65
N GLY A 61 -2.16 7.37 29.41
CA GLY A 61 -3.17 8.29 28.89
C GLY A 61 -2.72 9.73 28.88
N PHE A 62 -3.59 10.56 28.30
CA PHE A 62 -3.41 12.00 28.27
C PHE A 62 -3.39 12.58 29.67
N GLY A 63 -2.32 13.31 29.99
CA GLY A 63 -2.16 13.92 31.32
C GLY A 63 -1.75 12.98 32.43
N ALA A 64 -1.48 11.71 32.10
CA ALA A 64 -1.21 10.71 33.09
C ALA A 64 0.26 10.61 33.43
N GLY A 65 1.14 11.18 32.60
CA GLY A 65 2.54 10.77 32.58
C GLY A 65 2.63 9.50 31.73
N THR A 66 3.56 9.43 30.81
CA THR A 66 3.71 8.28 29.92
C THR A 66 5.06 7.57 30.20
N ILE A 67 5.10 6.30 29.80
CA ILE A 67 6.26 5.40 29.88
C ILE A 67 6.52 4.83 28.47
N GLY A 68 7.71 5.10 27.93
CA GLY A 68 8.16 4.55 26.69
C GLY A 68 8.88 3.23 26.88
N ARG A 69 8.24 2.17 26.43
CA ARG A 69 8.86 0.86 26.40
C ARG A 69 9.40 0.68 24.97
N THR A 70 10.68 0.40 24.86
CA THR A 70 11.36 0.37 23.58
C THR A 70 11.18 -0.97 22.89
N TYR A 71 11.55 -0.99 21.61
CA TYR A 71 11.52 -2.19 20.81
C TYR A 71 12.45 -3.27 21.35
N ASN A 72 13.42 -2.89 22.17
CA ASN A 72 14.27 -3.88 22.86
C ASN A 72 13.72 -4.46 24.12
N GLY A 73 12.58 -3.94 24.56
CA GLY A 73 11.87 -4.45 25.74
C GLY A 73 11.98 -3.64 27.01
N GLY A 74 12.91 -2.69 27.08
CA GLY A 74 13.14 -1.97 28.32
C GLY A 74 12.17 -0.80 28.48
N PHE A 75 11.83 -0.52 29.73
CA PHE A 75 11.06 0.65 30.09
C PHE A 75 12.07 1.77 30.30
N SER A 76 12.19 2.63 29.30
CA SER A 76 13.32 3.51 29.14
C SER A 76 13.05 4.99 28.99
N ARG A 77 11.95 5.39 28.34
CA ARG A 77 11.69 6.81 28.12
C ARG A 77 10.58 7.32 29.09
N TRP A 78 11.01 7.96 30.16
CA TRP A 78 10.12 8.30 31.31
C TRP A 78 9.63 9.72 31.21
N HIS A 79 8.33 9.83 30.94
CA HIS A 79 7.65 11.09 30.92
C HIS A 79 6.69 11.21 32.11
N LEU A 80 7.00 10.55 33.22
CA LEU A 80 6.11 10.57 34.41
C LEU A 80 6.12 11.88 35.15
N GLU A 81 7.23 12.58 35.08
CA GLU A 81 7.33 13.95 35.55
C GLU A 81 6.89 14.89 34.42
N ILE A 82 5.73 15.54 34.61
CA ILE A 82 5.02 16.10 33.49
C ILE A 82 5.81 17.25 32.91
N GLY A 83 6.09 17.19 31.63
CA GLY A 83 6.92 18.21 30.99
C GLY A 83 8.40 17.90 30.86
N LYS A 84 8.84 16.81 31.45
CA LYS A 84 10.24 16.37 31.40
C LYS A 84 10.38 15.06 30.63
N ASN A 85 11.55 14.91 30.01
CA ASN A 85 11.91 13.72 29.25
C ASN A 85 13.14 13.13 29.94
N LYS A 86 13.03 11.93 30.51
CA LYS A 86 14.16 11.28 31.14
C LYS A 86 14.38 9.88 30.55
N TYR A 87 15.47 9.69 29.83
CA TYR A 87 15.73 8.42 29.16
C TYR A 87 16.73 7.62 29.96
N THR A 88 16.25 6.60 30.62
CA THR A 88 17.09 5.72 31.42
C THR A 88 16.33 4.39 31.59
N THR A 89 16.98 3.28 31.32
CA THR A 89 16.34 1.98 31.44
C THR A 89 16.32 1.58 32.93
N VAL A 90 15.13 1.28 33.45
CA VAL A 90 15.00 0.78 34.82
C VAL A 90 15.04 -0.72 34.67
N TYR A 91 16.20 -1.30 34.93
CA TYR A 91 16.48 -2.69 34.53
C TYR A 91 15.62 -3.74 35.20
N ALA A 92 15.13 -3.46 36.41
CA ALA A 92 14.23 -4.38 37.09
C ALA A 92 12.87 -4.53 36.42
N ASN A 93 12.50 -3.59 35.55
CA ASN A 93 11.19 -3.58 34.92
C ASN A 93 11.23 -4.43 33.65
N GLN A 94 10.68 -5.63 33.72
CA GLN A 94 10.79 -6.57 32.61
C GLN A 94 9.68 -7.57 32.60
N PHE A 95 9.53 -8.19 31.44
CA PHE A 95 8.95 -9.53 31.34
C PHE A 95 10.07 -10.56 31.10
N SER A 96 9.92 -11.71 31.74
CA SER A 96 10.82 -12.84 31.66
C SER A 96 10.01 -14.10 31.44
N VAL A 97 10.65 -15.12 30.87
CA VAL A 97 9.97 -16.38 30.54
C VAL A 97 10.82 -17.57 31.03
N PHE A 98 10.13 -18.60 31.51
CA PHE A 98 10.73 -19.88 31.85
C PHE A 98 10.02 -20.88 30.99
N GLN A 99 10.77 -21.82 30.41
CA GLN A 99 10.16 -22.94 29.70
C GLN A 99 10.90 -24.25 29.97
N LYS A 100 10.15 -25.33 30.15
CA LYS A 100 10.72 -26.65 30.30
C LYS A 100 9.90 -27.70 29.54
N VAL A 101 10.59 -28.42 28.66
CA VAL A 101 9.96 -29.50 27.88
C VAL A 101 9.70 -30.66 28.82
N GLU A 102 8.49 -31.19 28.81
CA GLU A 102 8.15 -32.29 29.73
C GLU A 102 9.05 -33.48 29.40
N GLY A 103 9.68 -34.05 30.43
CA GLY A 103 10.69 -35.09 30.25
C GLY A 103 12.11 -34.61 30.50
N ASN A 104 12.43 -33.36 30.19
CA ASN A 104 13.79 -32.83 30.41
C ASN A 104 14.08 -32.56 31.89
N LYS A 105 15.36 -32.58 32.23
CA LYS A 105 15.78 -32.34 33.60
C LYS A 105 15.62 -30.88 33.99
N ASP A 106 16.07 -29.97 33.14
CA ASP A 106 16.05 -28.53 33.44
C ASP A 106 15.33 -27.73 32.37
N GLY A 107 14.72 -26.62 32.78
CA GLY A 107 14.13 -25.66 31.84
C GLY A 107 15.10 -24.54 31.61
N VAL A 108 14.68 -23.52 30.86
CA VAL A 108 15.51 -22.33 30.62
C VAL A 108 14.70 -21.09 31.02
N ALA A 109 15.41 -20.06 31.48
CA ALA A 109 14.80 -18.82 31.95
C ALA A 109 15.52 -17.67 31.28
N GLN A 110 14.77 -16.69 30.79
CA GLN A 110 15.35 -15.62 29.99
C GLN A 110 14.57 -14.34 30.21
N VAL A 111 15.28 -13.25 30.46
CA VAL A 111 14.66 -11.93 30.52
C VAL A 111 14.41 -11.49 29.05
N LEU A 112 13.21 -10.98 28.76
CA LEU A 112 12.88 -10.56 27.40
C LEU A 112 13.34 -9.10 27.16
N TYR A 113 14.64 -8.91 27.23
CA TYR A 113 15.28 -7.63 27.03
C TYR A 113 16.59 -7.82 26.27
N ALA A 114 16.72 -7.16 25.13
CA ALA A 114 17.88 -7.33 24.27
C ALA A 114 18.96 -6.36 24.74
N GLY A 115 19.56 -6.69 25.88
CA GLY A 115 20.54 -5.85 26.52
C GLY A 115 20.84 -6.37 27.91
N GLU A 116 21.61 -5.59 28.67
CA GLU A 116 21.94 -5.95 30.06
C GLU A 116 22.21 -4.69 30.88
N PRO A 117 22.14 -4.79 32.21
CA PRO A 117 22.46 -3.63 33.06
C PRO A 117 23.88 -3.10 32.91
N GLU A 118 24.06 -1.82 33.21
CA GLU A 118 25.39 -1.20 33.14
C GLU A 118 26.25 -1.70 34.32
N ASN A 119 25.73 -1.55 35.53
CA ASN A 119 26.44 -2.06 36.71
C ASN A 119 26.11 -3.54 37.01
N GLY A 120 26.40 -3.99 38.23
CA GLY A 120 26.29 -5.40 38.63
C GLY A 120 24.99 -5.75 39.34
N TYR A 121 24.04 -4.80 39.34
CA TYR A 121 22.75 -5.12 39.88
C TYR A 121 22.04 -6.07 38.94
N LEU A 122 21.35 -7.02 39.54
CA LEU A 122 20.59 -8.04 38.84
C LEU A 122 21.49 -8.93 37.97
N SER A 123 22.75 -9.11 38.37
CA SER A 123 23.69 -9.98 37.59
C SER A 123 23.25 -11.44 37.54
N SER A 124 22.43 -11.88 38.50
CA SER A 124 21.94 -13.27 38.46
C SER A 124 20.94 -13.54 37.33
N TRP A 125 20.26 -12.49 36.83
CA TRP A 125 19.18 -12.74 35.85
C TRP A 125 19.83 -13.07 34.50
N LYS A 126 19.09 -13.71 33.62
CA LYS A 126 19.59 -14.06 32.27
C LYS A 126 19.27 -12.95 31.24
N TRP A 127 20.27 -12.13 30.99
CA TRP A 127 20.14 -10.97 30.13
C TRP A 127 20.38 -11.30 28.65
N ASP A 128 20.49 -10.26 27.82
CA ASP A 128 20.83 -10.36 26.40
C ASP A 128 19.95 -11.31 25.63
N TYR A 129 18.64 -11.02 25.60
CA TYR A 129 17.77 -11.70 24.68
C TYR A 129 18.44 -11.67 23.27
N PRO A 130 18.58 -12.82 22.61
CA PRO A 130 19.35 -12.83 21.35
C PRO A 130 18.69 -12.16 20.13
N LYS A 131 19.54 -11.75 19.21
CA LYS A 131 19.14 -11.18 17.94
C LYS A 131 18.43 -12.20 17.09
N GLU A 132 17.70 -11.70 16.10
CA GLU A 132 17.01 -12.51 15.11
C GLU A 132 16.12 -13.54 15.73
N SER A 133 15.51 -13.20 16.88
CA SER A 133 14.68 -14.12 17.65
C SER A 133 13.35 -13.47 18.05
N GLY A 134 12.90 -12.49 17.27
CA GLY A 134 11.63 -11.85 17.54
C GLY A 134 11.53 -10.47 16.93
N MET A 135 10.32 -9.95 16.90
CA MET A 135 10.02 -8.68 16.27
C MET A 135 9.15 -7.80 17.17
N TYR A 136 9.24 -6.50 16.94
CA TYR A 136 8.41 -5.50 17.60
C TYR A 136 7.57 -4.89 16.49
N TYR A 137 6.29 -4.63 16.81
CA TYR A 137 5.35 -4.02 15.89
C TYR A 137 4.65 -2.85 16.58
N ALA A 138 4.31 -1.81 15.82
CA ALA A 138 3.58 -0.69 16.40
C ALA A 138 2.57 -0.07 15.47
N LEU A 139 1.35 0.10 15.99
CA LEU A 139 0.34 0.90 15.36
C LEU A 139 -0.46 1.57 16.46
N TYR A 140 0.05 2.73 16.87
CA TYR A 140 -0.36 3.42 18.10
C TYR A 140 -1.89 3.55 18.13
N PRO A 141 -2.57 3.23 19.25
CA PRO A 141 -1.98 3.01 20.58
C PRO A 141 -1.52 1.60 20.94
N ASN A 142 -1.57 0.68 19.96
CA ASN A 142 -1.14 -0.70 20.17
C ASN A 142 0.32 -0.91 19.77
N SER A 143 1.00 -1.77 20.52
CA SER A 143 2.23 -2.35 20.06
C SER A 143 2.31 -3.83 20.46
N TRP A 144 3.18 -4.57 19.78
CA TRP A 144 3.34 -5.99 19.95
C TRP A 144 4.81 -6.38 19.94
N TYR A 145 5.12 -7.43 20.68
CA TYR A 145 6.38 -8.14 20.56
C TYR A 145 6.06 -9.61 20.26
N THR A 146 6.86 -10.24 19.39
CA THR A 146 6.81 -11.69 19.15
C THR A 146 8.15 -12.29 19.51
N TYR A 147 8.14 -13.49 20.10
CA TYR A 147 9.36 -14.15 20.53
C TYR A 147 9.42 -15.51 19.83
N THR A 148 10.40 -15.66 18.96
CA THR A 148 10.52 -16.81 18.07
C THR A 148 11.96 -17.22 18.19
N ASN A 149 12.25 -18.03 19.19
CA ASN A 149 13.60 -18.29 19.66
C ASN A 149 13.82 -19.79 19.60
N LYS A 150 14.92 -20.22 19.00
CA LYS A 150 15.18 -21.67 18.94
C LYS A 150 15.28 -22.40 20.27
N ASP A 151 15.56 -21.70 21.37
CA ASP A 151 15.51 -22.31 22.72
C ASP A 151 14.22 -22.11 23.49
N LEU A 152 13.18 -21.59 22.85
CA LEU A 152 11.87 -21.47 23.47
C LEU A 152 10.87 -22.21 22.56
N PRO A 153 10.65 -23.49 22.85
CA PRO A 153 9.73 -24.24 21.99
C PRO A 153 8.32 -23.67 21.94
N VAL A 154 7.83 -23.11 23.06
CA VAL A 154 6.56 -22.40 23.04
C VAL A 154 6.84 -20.97 22.54
N GLN A 155 6.10 -20.60 21.52
CA GLN A 155 6.20 -19.26 20.95
C GLN A 155 5.23 -18.35 21.69
N LEU A 156 5.63 -17.10 21.82
CA LEU A 156 4.95 -16.11 22.63
C LEU A 156 4.87 -14.80 21.88
N ALA A 157 3.76 -14.13 22.14
CA ALA A 157 3.60 -12.75 21.73
C ALA A 157 2.86 -11.99 22.79
N VAL A 158 3.02 -10.68 22.77
CA VAL A 158 2.25 -9.77 23.64
C VAL A 158 1.77 -8.59 22.82
N LYS A 159 0.53 -8.18 23.09
CA LYS A 159 -0.06 -6.98 22.60
C LYS A 159 -0.17 -6.03 23.81
N GLN A 160 0.41 -4.85 23.69
CA GLN A 160 0.37 -3.88 24.78
C GLN A 160 -0.24 -2.59 24.30
N PHE A 161 -0.98 -1.95 25.21
CA PHE A 161 -1.69 -0.72 24.89
C PHE A 161 -2.27 -0.02 26.11
N SER A 162 -2.67 1.22 25.88
CA SER A 162 -3.45 2.01 26.80
C SER A 162 -4.70 2.43 26.04
N PRO A 163 -5.82 2.63 26.74
CA PRO A 163 -7.09 2.89 26.04
C PRO A 163 -7.22 4.32 25.55
N ILE A 164 -6.49 4.66 24.48
CA ILE A 164 -6.53 5.97 23.87
C ILE A 164 -7.64 5.95 22.81
N ILE A 165 -8.75 6.65 23.07
CA ILE A 165 -10.00 6.47 22.32
C ILE A 165 -10.60 7.84 21.95
N PRO A 166 -10.66 8.19 20.64
CA PRO A 166 -11.32 9.40 20.20
C PRO A 166 -12.74 9.57 20.79
N TYR A 167 -13.09 10.80 21.11
CA TYR A 167 -14.40 11.17 21.69
C TYR A 167 -14.63 10.58 23.08
N ASN A 168 -13.57 10.11 23.72
CA ASN A 168 -13.63 9.54 25.05
C ASN A 168 -12.58 10.32 25.87
N TYR A 169 -13.04 10.95 26.94
CA TYR A 169 -12.21 11.80 27.77
C TYR A 169 -11.96 11.16 29.13
N LYS A 170 -12.34 9.90 29.30
CA LYS A 170 -12.26 9.22 30.57
C LYS A 170 -11.12 8.18 30.56
N GLU A 171 -11.35 7.04 29.95
CA GLU A 171 -10.34 5.99 29.78
C GLU A 171 -9.04 6.52 29.13
N THR A 172 -9.19 7.44 28.17
CA THR A 172 -8.09 8.13 27.50
C THR A 172 -7.11 8.83 28.46
N SER A 173 -7.58 9.20 29.66
CA SER A 173 -6.79 9.84 30.69
C SER A 173 -6.07 8.86 31.61
N TYR A 174 -6.33 7.55 31.51
CA TYR A 174 -5.90 6.60 32.55
C TYR A 174 -4.37 6.33 32.53
N PRO A 175 -3.74 6.28 33.70
CA PRO A 175 -2.35 5.90 33.85
C PRO A 175 -2.28 4.38 33.98
N VAL A 176 -2.55 3.73 32.88
CA VAL A 176 -2.62 2.28 32.84
C VAL A 176 -2.18 1.73 31.50
N ALA A 177 -1.68 0.50 31.54
CA ALA A 177 -1.31 -0.28 30.34
C ALA A 177 -1.69 -1.74 30.54
N VAL A 178 -2.12 -2.37 29.47
CA VAL A 178 -2.46 -3.78 29.45
C VAL A 178 -1.46 -4.52 28.58
N PHE A 179 -1.07 -5.73 29.01
CA PHE A 179 -0.13 -6.58 28.30
C PHE A 179 -0.83 -7.93 28.12
N LYS A 180 -1.40 -8.14 26.93
CA LYS A 180 -2.16 -9.33 26.62
C LYS A 180 -1.24 -10.35 25.93
N TRP A 181 -0.90 -11.40 26.67
CA TRP A 181 0.00 -12.43 26.19
C TRP A 181 -0.76 -13.56 25.49
N THR A 182 -0.18 -14.03 24.39
CA THR A 182 -0.63 -15.24 23.69
C THR A 182 0.55 -16.22 23.67
N ALA A 183 0.30 -17.45 24.07
CA ALA A 183 1.31 -18.51 24.06
C ALA A 183 0.80 -19.69 23.23
N TYR A 184 1.66 -20.22 22.36
CA TYR A 184 1.28 -21.33 21.47
C TYR A 184 2.38 -22.40 21.40
N ASN A 185 1.99 -23.68 21.50
CA ASN A 185 2.94 -24.79 21.47
C ASN A 185 2.87 -25.47 20.09
N PRO A 186 3.81 -25.17 19.19
CA PRO A 186 3.81 -25.84 17.87
C PRO A 186 4.52 -27.22 17.88
N THR A 187 5.12 -27.64 19.01
CA THR A 187 5.88 -28.89 19.09
C THR A 187 4.95 -30.06 19.43
N ASN A 188 5.54 -31.25 19.43
CA ASN A 188 4.81 -32.49 19.75
C ASN A 188 4.92 -32.96 21.22
N LYS A 189 5.53 -32.13 22.08
CA LYS A 189 5.63 -32.41 23.51
C LYS A 189 4.95 -31.34 24.38
N ASN A 190 4.51 -31.77 25.55
CA ASN A 190 4.03 -30.86 26.58
C ASN A 190 5.16 -29.96 27.02
N VAL A 191 4.84 -28.69 27.27
CA VAL A 191 5.83 -27.72 27.72
C VAL A 191 5.24 -26.88 28.86
N ASP A 192 6.01 -26.81 29.96
CA ASP A 192 5.65 -25.99 31.10
C ASP A 192 6.21 -24.61 30.81
N VAL A 193 5.38 -23.59 31.00
CA VAL A 193 5.72 -22.20 30.67
C VAL A 193 5.39 -21.29 31.86
N SER A 194 6.28 -20.36 32.16
CA SER A 194 5.93 -19.23 33.01
C SER A 194 6.30 -17.92 32.36
N ILE A 195 5.46 -16.92 32.62
CA ILE A 195 5.71 -15.54 32.25
C ILE A 195 5.69 -14.73 33.55
N MET A 196 6.74 -13.94 33.79
CA MET A 196 6.89 -13.16 35.02
C MET A 196 7.08 -11.67 34.69
N PHE A 197 6.29 -10.81 35.35
CA PHE A 197 6.38 -9.35 35.24
C PHE A 197 7.06 -8.88 36.52
N THR A 198 8.20 -8.21 36.38
CA THR A 198 8.88 -7.60 37.51
C THR A 198 8.80 -6.08 37.38
N TRP A 199 8.74 -5.40 38.51
CA TRP A 199 8.66 -3.94 38.51
C TRP A 199 9.32 -3.39 39.74
N GLN A 200 10.12 -2.35 39.58
CA GLN A 200 10.72 -1.66 40.71
C GLN A 200 9.74 -0.72 41.37
N ASN A 201 9.75 -0.69 42.70
CA ASN A 201 8.96 0.30 43.41
C ASN A 201 9.64 1.63 43.13
N MET A 202 9.05 2.38 42.21
CA MET A 202 9.67 3.59 41.65
C MET A 202 9.30 4.87 42.41
N ILE A 203 8.64 4.74 43.55
CA ILE A 203 8.39 5.93 44.34
C ILE A 203 9.72 6.56 44.75
N GLY A 204 9.87 7.85 44.47
CA GLY A 204 11.13 8.56 44.67
C GLY A 204 12.07 8.57 43.48
N PHE A 205 11.68 7.93 42.38
CA PHE A 205 12.44 8.01 41.12
C PHE A 205 12.58 9.45 40.64
N PHE A 206 11.56 10.26 40.87
CA PHE A 206 11.64 11.70 40.69
C PHE A 206 10.93 12.42 41.83
N GLY A 207 11.29 13.68 41.96
CA GLY A 207 10.59 14.58 42.84
C GLY A 207 10.96 14.50 44.30
N LYS A 208 11.87 13.60 44.67
CA LYS A 208 12.28 13.45 46.05
C LYS A 208 13.73 13.88 46.19
N GLN A 209 13.97 14.84 47.07
CA GLN A 209 15.27 15.50 47.16
C GLN A 209 16.33 14.65 47.86
N VAL A 210 15.93 13.88 48.87
CA VAL A 210 16.85 13.06 49.69
C VAL A 210 16.22 11.69 49.99
N ASN A 211 17.05 10.70 50.32
CA ASN A 211 16.57 9.39 50.80
C ASN A 211 15.51 8.81 49.85
N VAL A 212 15.91 8.53 48.61
CA VAL A 212 14.93 8.32 47.54
C VAL A 212 14.06 7.08 47.67
N ASN A 213 14.57 6.07 48.37
CA ASN A 213 13.78 4.82 48.61
C ASN A 213 13.10 4.74 49.98
N SER A 214 13.40 5.71 50.83
CA SER A 214 13.04 5.58 52.23
C SER A 214 11.52 5.50 52.44
N GLY A 215 11.08 4.47 53.10
CA GLY A 215 9.68 4.23 53.37
C GLY A 215 8.91 3.50 52.28
N ASN A 216 9.56 3.18 51.16
CA ASN A 216 8.90 2.38 50.13
C ASN A 216 8.60 1.00 50.69
N PHE A 217 7.42 0.50 50.34
CA PHE A 217 7.01 -0.85 50.72
C PHE A 217 6.06 -1.42 49.67
N ASN A 218 5.99 -2.75 49.63
CA ASN A 218 5.18 -3.47 48.67
C ASN A 218 4.19 -4.36 49.39
N LYS A 219 3.00 -4.45 48.84
CA LYS A 219 1.99 -5.35 49.34
C LYS A 219 1.31 -6.08 48.19
N ILE A 220 0.76 -7.24 48.52
CA ILE A 220 0.06 -8.07 47.56
C ILE A 220 -1.44 -8.02 47.79
N ILE A 221 -2.20 -7.82 46.72
CA ILE A 221 -3.66 -7.81 46.75
C ILE A 221 -4.14 -9.03 45.98
N LYS A 222 -5.06 -9.78 46.59
CA LYS A 222 -5.71 -10.91 45.95
C LYS A 222 -7.18 -10.59 45.95
N ASP A 223 -7.72 -10.28 44.79
CA ASP A 223 -9.13 -9.97 44.63
C ASP A 223 -9.84 -11.17 44.01
N LYS A 224 -10.60 -11.91 44.84
CA LYS A 224 -11.28 -13.12 44.39
C LYS A 224 -12.77 -12.98 44.21
N SER A 225 -13.27 -12.00 43.46
CA SER A 225 -14.71 -11.93 43.13
C SER A 225 -15.04 -13.06 42.14
N LYS A 226 -15.73 -14.12 42.61
CA LYS A 226 -16.14 -15.30 41.81
C LYS A 226 -15.96 -15.17 40.28
N ASP A 227 -15.23 -16.13 39.69
CA ASP A 227 -14.86 -16.13 38.25
C ASP A 227 -13.98 -14.93 37.83
N SER A 228 -13.28 -14.34 38.78
CA SER A 228 -12.47 -13.15 38.47
C SER A 228 -11.34 -12.90 39.47
N GLU A 229 -10.44 -13.89 39.64
CA GLU A 229 -9.28 -13.67 40.52
C GLU A 229 -8.25 -12.76 39.87
N ILE A 230 -7.92 -11.69 40.58
CA ILE A 230 -6.78 -10.86 40.25
C ILE A 230 -5.78 -10.95 41.39
N VAL A 231 -4.49 -11.06 41.04
CA VAL A 231 -3.42 -10.95 42.00
C VAL A 231 -2.48 -9.83 41.53
N ALA A 232 -2.19 -8.91 42.43
CA ALA A 232 -1.43 -7.71 42.11
C ALA A 232 -0.46 -7.35 43.20
N ALA A 233 0.60 -6.66 42.80
CA ALA A 233 1.49 -5.98 43.76
C ALA A 233 1.19 -4.49 43.75
N VAL A 234 1.13 -3.88 44.92
CA VAL A 234 1.00 -2.42 45.07
C VAL A 234 2.26 -1.94 45.74
N MET A 235 2.97 -1.10 45.02
CA MET A 235 4.28 -0.61 45.40
C MET A 235 4.13 0.89 45.74
N GLY A 236 4.18 1.20 47.03
CA GLY A 236 3.96 2.55 47.52
C GLY A 236 4.94 2.93 48.59
N ASN A 237 4.53 3.88 49.43
CA ASN A 237 5.38 4.44 50.47
C ASN A 237 4.52 4.59 51.72
N ILE A 238 5.14 4.44 52.89
CA ILE A 238 4.39 4.55 54.16
C ILE A 238 3.80 5.93 54.41
N SER A 239 4.37 6.97 53.80
CA SER A 239 3.90 8.31 53.95
C SER A 239 2.51 8.49 53.35
N ASN A 240 1.67 9.26 54.05
CA ASN A 240 0.36 9.70 53.52
C ASN A 240 0.43 11.12 52.99
N ASP A 241 1.63 11.67 52.81
CA ASP A 241 1.80 13.01 52.26
C ASP A 241 1.31 13.13 50.83
N ASN A 242 0.89 14.34 50.48
CA ASN A 242 0.29 14.63 49.20
C ASN A 242 1.26 15.49 48.42
N GLU A 243 2.19 14.82 47.76
CA GLU A 243 3.29 15.47 47.04
C GLU A 243 3.48 14.82 45.69
N GLU A 244 4.16 15.53 44.81
CA GLU A 244 4.42 15.08 43.44
C GLU A 244 5.08 13.70 43.46
N TRP A 245 5.96 13.43 44.42
CA TRP A 245 6.72 12.17 44.41
C TRP A 245 5.92 10.97 44.91
N ASN A 246 4.86 11.22 45.68
CA ASN A 246 4.17 10.15 46.38
C ASN A 246 2.99 9.58 45.60
N GLY A 247 2.78 8.28 45.74
CA GLY A 247 1.72 7.60 45.05
C GLY A 247 1.99 6.12 45.09
N GLU A 248 1.52 5.38 44.08
CA GLU A 248 1.69 3.93 44.00
C GLU A 248 1.84 3.47 42.57
N TYR A 249 2.61 2.41 42.39
CA TYR A 249 2.66 1.64 41.15
C TYR A 249 2.00 0.31 41.47
N SER A 250 1.33 -0.27 40.49
CA SER A 250 0.83 -1.63 40.62
C SER A 250 1.09 -2.44 39.36
N ILE A 251 1.43 -3.73 39.53
CA ILE A 251 1.45 -4.69 38.42
C ILE A 251 0.61 -5.88 38.87
N GLY A 252 -0.02 -6.54 37.92
CA GLY A 252 -0.82 -7.70 38.24
C GLY A 252 -1.29 -8.47 37.04
N VAL A 253 -2.05 -9.53 37.34
CA VAL A 253 -2.47 -10.52 36.38
C VAL A 253 -3.87 -11.00 36.76
N LYS A 254 -4.64 -11.39 35.74
CA LYS A 254 -5.95 -11.97 35.95
C LYS A 254 -5.84 -13.45 35.71
N LYS A 255 -6.36 -14.27 36.63
CA LYS A 255 -6.36 -15.71 36.47
C LYS A 255 -7.27 -16.11 35.30
N VAL A 256 -6.78 -16.96 34.42
CA VAL A 256 -7.61 -17.55 33.37
C VAL A 256 -7.56 -19.07 33.58
N PRO A 257 -8.55 -19.81 33.06
CA PRO A 257 -8.48 -21.28 33.11
C PRO A 257 -7.15 -21.85 32.59
N GLY A 258 -6.58 -22.80 33.32
CA GLY A 258 -5.34 -23.47 32.93
C GLY A 258 -4.05 -22.84 33.40
N VAL A 259 -4.11 -21.73 34.14
CA VAL A 259 -2.90 -21.09 34.65
C VAL A 259 -2.98 -20.93 36.16
N ASP A 260 -1.84 -21.00 36.80
CA ASP A 260 -1.71 -20.72 38.22
C ASP A 260 -0.92 -19.44 38.32
N ILE A 261 -1.14 -18.70 39.40
CA ILE A 261 -0.41 -17.47 39.66
C ILE A 261 0.56 -17.69 40.82
N SER A 262 1.76 -17.11 40.74
CA SER A 262 2.62 -16.99 41.91
C SER A 262 3.18 -15.55 41.96
N TYR A 263 3.78 -15.20 43.09
CA TYR A 263 4.23 -13.86 43.32
C TYR A 263 5.36 -13.83 44.28
N LYS A 264 6.04 -12.69 44.28
CA LYS A 264 6.97 -12.34 45.32
C LYS A 264 6.85 -10.83 45.58
N ALA A 265 6.52 -10.48 46.83
CA ALA A 265 6.27 -9.08 47.19
C ALA A 265 7.47 -8.18 47.14
N LYS A 266 8.62 -8.72 47.57
CA LYS A 266 9.78 -7.89 47.79
C LYS A 266 11.06 -8.60 47.36
N PHE A 267 11.71 -8.09 46.31
CA PHE A 267 13.09 -8.45 46.03
C PHE A 267 13.87 -7.16 45.95
N VAL A 268 15.18 -7.24 46.13
CA VAL A 268 16.00 -6.06 46.23
C VAL A 268 16.48 -5.78 44.81
N THR A 269 16.20 -4.58 44.30
CA THR A 269 16.62 -4.16 42.98
C THR A 269 18.08 -3.65 43.00
N THR A 270 18.55 -3.16 44.14
CA THR A 270 19.95 -2.75 44.32
C THR A 270 20.72 -3.94 44.93
N GLY A 271 20.63 -5.08 44.27
CA GLY A 271 21.33 -6.30 44.67
C GLY A 271 21.47 -7.18 43.46
N ASP A 272 21.91 -8.42 43.65
CA ASP A 272 22.19 -9.27 42.50
C ASP A 272 20.96 -9.93 41.90
N GLY A 273 19.80 -9.77 42.54
CA GLY A 273 18.56 -10.30 41.99
C GLY A 273 18.29 -11.78 42.22
N SER A 274 19.20 -12.49 42.89
CA SER A 274 19.08 -13.95 42.99
C SER A 274 17.99 -14.35 43.96
N ASP A 275 17.66 -13.51 44.95
CA ASP A 275 16.47 -13.70 45.81
C ASP A 275 15.21 -14.05 45.00
N LEU A 276 15.03 -13.41 43.86
CA LEU A 276 13.96 -13.74 42.93
C LEU A 276 14.39 -14.79 41.91
N TRP A 277 15.54 -14.58 41.28
CA TRP A 277 15.87 -15.41 40.11
C TRP A 277 16.12 -16.90 40.40
N HIS A 278 16.64 -17.24 41.57
CA HIS A 278 16.81 -18.65 41.96
C HIS A 278 15.48 -19.39 42.05
N GLU A 279 14.40 -18.68 42.34
CA GLU A 279 13.05 -19.28 42.32
C GLU A 279 12.57 -19.46 40.88
N PHE A 280 12.56 -18.36 40.14
CA PHE A 280 12.02 -18.36 38.79
C PHE A 280 12.77 -19.31 37.84
N SER A 281 14.12 -19.35 37.94
CA SER A 281 14.91 -20.19 37.03
C SER A 281 14.84 -21.70 37.31
N LYS A 282 14.38 -22.09 38.50
CA LYS A 282 14.24 -23.50 38.88
C LYS A 282 13.05 -24.10 38.15
N ASN A 283 11.85 -23.59 38.41
CA ASN A 283 10.62 -24.15 37.86
C ASN A 283 9.60 -23.11 37.39
N GLY A 284 9.99 -21.84 37.31
CA GLY A 284 9.05 -20.79 36.93
C GLY A 284 7.97 -20.48 37.96
N ILE A 285 8.22 -20.82 39.24
CA ILE A 285 7.23 -20.62 40.31
C ILE A 285 7.90 -19.88 41.44
N LEU A 286 7.27 -18.81 41.90
CA LEU A 286 7.82 -17.96 42.91
C LEU A 286 7.32 -18.37 44.30
N ASP A 287 7.95 -17.81 45.33
CA ASP A 287 7.72 -18.24 46.73
C ASP A 287 6.36 -17.83 47.37
N ASN A 288 5.60 -16.93 46.73
CA ASN A 288 4.38 -16.37 47.32
C ASN A 288 4.61 -15.75 48.69
N LYS A 289 5.76 -15.13 48.84
CA LYS A 289 6.16 -14.55 50.09
C LYS A 289 5.72 -13.08 50.14
N ASP A 290 4.83 -12.79 51.09
CA ASP A 290 4.40 -11.45 51.41
C ASP A 290 5.37 -10.90 52.43
N ASP A 291 5.66 -9.60 52.32
CA ASP A 291 6.53 -8.91 53.23
C ASP A 291 6.37 -7.41 53.02
N GLU A 292 5.68 -6.74 53.95
CA GLU A 292 5.46 -5.30 53.83
C GLU A 292 6.46 -4.45 54.54
N THR A 293 7.63 -4.98 54.89
CA THR A 293 8.66 -4.24 55.58
C THR A 293 9.15 -3.10 54.68
N PRO A 294 9.04 -1.86 55.16
CA PRO A 294 9.55 -0.79 54.33
C PRO A 294 11.07 -0.82 54.21
N THR A 295 11.59 -0.28 53.13
CA THR A 295 13.02 -0.21 52.92
C THR A 295 13.56 1.12 53.42
N LYS A 296 14.87 1.20 53.58
CA LYS A 296 15.55 2.45 53.88
C LYS A 296 16.42 2.91 52.71
N GLN A 297 17.54 2.23 52.48
CA GLN A 297 18.45 2.63 51.40
C GLN A 297 18.22 1.81 50.15
N ASP A 298 17.96 0.51 50.29
CA ASP A 298 17.83 -0.39 49.13
C ASP A 298 16.58 -0.11 48.31
N GLY A 299 16.73 -0.21 46.99
CA GLY A 299 15.60 -0.24 46.08
C GLY A 299 14.95 -1.61 46.16
N ILE A 300 13.63 -1.63 46.02
CA ILE A 300 12.87 -2.82 46.08
C ILE A 300 11.91 -2.89 44.90
N GLY A 301 11.41 -4.09 44.64
CA GLY A 301 10.52 -4.36 43.52
C GLY A 301 9.66 -5.57 43.82
N SER A 302 8.68 -5.82 42.97
CA SER A 302 7.74 -6.93 43.11
C SER A 302 7.69 -7.73 41.86
N ALA A 303 7.22 -8.98 41.96
CA ALA A 303 7.12 -9.86 40.81
C ALA A 303 5.82 -10.59 40.84
N ILE A 304 5.20 -10.72 39.66
CA ILE A 304 3.94 -11.44 39.48
C ILE A 304 4.19 -12.43 38.31
N ALA A 305 3.88 -13.70 38.52
CA ALA A 305 4.11 -14.72 37.51
C ALA A 305 2.88 -15.58 37.28
N VAL A 306 2.77 -16.12 36.08
CA VAL A 306 1.81 -17.17 35.80
C VAL A 306 2.59 -18.39 35.32
N ASN A 307 2.12 -19.58 35.65
CA ASN A 307 2.73 -20.82 35.10
C ASN A 307 1.61 -21.73 34.62
N PHE A 308 1.89 -22.44 33.53
CA PHE A 308 0.90 -23.27 32.86
C PHE A 308 1.58 -24.32 31.98
N LYS A 309 0.88 -25.41 31.71
CA LYS A 309 1.35 -26.48 30.86
C LYS A 309 0.64 -26.28 29.52
N LEU A 310 1.37 -26.22 28.44
CA LEU A 310 0.72 -26.19 27.13
C LEU A 310 0.92 -27.51 26.44
N GLN A 311 -0.18 -28.14 26.07
CA GLN A 311 -0.14 -29.37 25.25
C GLN A 311 0.15 -29.04 23.80
N PRO A 312 0.55 -30.06 22.99
CA PRO A 312 0.78 -29.84 21.56
C PRO A 312 -0.42 -29.20 20.86
N GLY A 313 -0.16 -28.15 20.08
CA GLY A 313 -1.21 -27.43 19.39
C GLY A 313 -2.07 -26.51 20.27
N GLN A 314 -1.74 -26.36 21.57
CA GLN A 314 -2.58 -25.57 22.45
C GLN A 314 -2.14 -24.09 22.46
N THR A 315 -3.14 -23.21 22.55
CA THR A 315 -2.95 -21.78 22.70
C THR A 315 -3.60 -21.31 23.99
N ILE A 316 -2.95 -20.37 24.67
CA ILE A 316 -3.55 -19.76 25.85
C ILE A 316 -3.29 -18.25 25.83
N GLU A 317 -4.22 -17.50 26.40
CA GLU A 317 -4.18 -16.03 26.45
C GLU A 317 -4.23 -15.60 27.91
N VAL A 318 -3.32 -14.72 28.32
CA VAL A 318 -3.32 -14.24 29.72
C VAL A 318 -2.94 -12.76 29.78
N PRO A 319 -3.80 -11.96 30.46
CA PRO A 319 -3.55 -10.51 30.58
C PRO A 319 -2.84 -10.11 31.87
N PHE A 320 -1.80 -9.30 31.71
CA PHE A 320 -1.16 -8.55 32.76
C PHE A 320 -1.49 -7.04 32.61
N ALA A 321 -1.28 -6.28 33.67
CA ALA A 321 -1.44 -4.85 33.63
C ALA A 321 -0.44 -4.15 34.52
N LEU A 322 -0.30 -2.87 34.25
CA LEU A 322 0.54 -1.93 35.00
C LEU A 322 -0.27 -0.65 35.20
N SER A 323 -0.27 -0.13 36.42
CA SER A 323 -0.89 1.17 36.68
C SER A 323 0.06 2.03 37.51
N TRP A 324 -0.10 3.33 37.37
CA TRP A 324 0.63 4.26 38.20
C TRP A 324 -0.27 5.38 38.68
N ASP A 325 -0.37 5.51 39.99
CA ASP A 325 -1.24 6.54 40.59
C ASP A 325 -0.30 7.51 41.22
N LEU A 326 0.04 8.58 40.48
CA LEU A 326 0.90 9.67 40.95
C LEU A 326 0.06 10.89 40.70
N PRO A 327 -0.84 11.23 41.67
CA PRO A 327 -1.93 12.16 41.35
C PRO A 327 -1.54 13.63 41.15
N ILE A 328 -0.37 14.04 41.63
CA ILE A 328 -0.04 15.44 41.64
C ILE A 328 1.09 15.67 40.65
N MET A 329 0.92 16.68 39.80
CA MET A 329 2.04 17.19 38.98
C MET A 329 2.50 18.52 39.55
N LYS A 330 3.82 18.69 39.63
CA LYS A 330 4.41 19.97 40.06
C LYS A 330 5.23 20.61 38.97
N PHE A 331 5.03 21.90 38.75
CA PHE A 331 5.81 22.63 37.79
C PHE A 331 6.89 23.48 38.50
N GLY A 332 7.90 23.91 37.74
CA GLY A 332 9.09 24.50 38.32
C GLY A 332 8.83 25.79 39.08
N GLY A 333 7.78 26.50 38.69
CA GLY A 333 7.38 27.73 39.35
C GLY A 333 6.67 27.53 40.67
N GLY A 334 6.35 26.28 41.01
CA GLY A 334 5.83 25.92 42.32
C GLY A 334 4.38 25.44 42.34
N ASP A 335 3.59 25.69 41.29
CA ASP A 335 2.21 25.22 41.23
C ASP A 335 2.13 23.69 41.22
N LYS A 336 1.20 23.18 42.02
CA LYS A 336 0.84 21.76 42.08
C LYS A 336 -0.61 21.58 41.61
N TRP A 337 -0.82 20.64 40.68
CA TRP A 337 -2.14 20.34 40.10
C TRP A 337 -2.42 18.84 40.17
N TYR A 338 -3.70 18.47 40.31
CA TYR A 338 -4.11 17.10 40.19
C TYR A 338 -4.24 16.77 38.72
N LYS A 339 -3.83 15.56 38.35
CA LYS A 339 -3.94 15.06 36.99
C LYS A 339 -5.37 14.63 36.70
N MET A 340 -5.76 14.72 35.42
CA MET A 340 -7.17 14.46 35.00
C MET A 340 -7.79 13.16 35.55
N TYR A 341 -7.06 12.04 35.45
CA TYR A 341 -7.62 10.74 35.83
C TYR A 341 -8.11 10.71 37.28
N THR A 342 -7.61 11.61 38.11
CA THR A 342 -8.05 11.66 39.52
C THR A 342 -9.55 11.92 39.66
N LYS A 343 -10.17 12.48 38.62
CA LYS A 343 -11.63 12.64 38.55
C LYS A 343 -12.34 11.29 38.71
N TYR A 344 -11.71 10.23 38.21
CA TYR A 344 -12.33 8.92 38.12
C TYR A 344 -11.88 7.97 39.18
N PHE A 345 -10.73 8.21 39.82
CA PHE A 345 -10.22 7.29 40.83
C PHE A 345 -9.90 7.85 42.19
N GLY A 346 -9.94 9.18 42.36
CA GLY A 346 -9.57 9.86 43.59
C GLY A 346 -8.20 10.52 43.48
N LYS A 347 -7.91 11.33 44.49
CA LYS A 347 -6.77 12.22 44.52
C LYS A 347 -5.72 11.87 45.57
N ASN A 348 -5.96 10.84 46.40
CA ASN A 348 -5.08 10.61 47.56
C ASN A 348 -3.85 9.75 47.24
N GLY A 349 -3.73 9.26 46.01
CA GLY A 349 -2.54 8.53 45.63
C GLY A 349 -2.46 7.11 46.16
N LYS A 350 -3.58 6.55 46.55
CA LYS A 350 -3.61 5.19 47.09
C LYS A 350 -4.56 4.32 46.29
N ASN A 351 -4.66 4.58 44.99
CA ASN A 351 -5.69 3.99 44.11
C ASN A 351 -5.13 3.18 42.92
N SER A 352 -3.90 2.71 43.01
CA SER A 352 -3.30 2.03 41.86
C SER A 352 -4.01 0.70 41.60
N PHE A 353 -4.39 -0.01 42.67
CA PHE A 353 -5.07 -1.27 42.46
C PHE A 353 -6.44 -1.10 41.75
N ALA A 354 -7.18 -0.05 42.10
CA ALA A 354 -8.45 0.20 41.46
C ALA A 354 -8.28 0.44 39.95
N ILE A 355 -7.22 1.16 39.57
CA ILE A 355 -6.97 1.45 38.16
C ILE A 355 -6.60 0.16 37.43
N LEU A 356 -5.69 -0.60 38.04
CA LEU A 356 -5.29 -1.91 37.52
C LEU A 356 -6.48 -2.90 37.30
N LYS A 357 -7.34 -2.98 38.30
CA LYS A 357 -8.50 -3.87 38.27
C LYS A 357 -9.46 -3.48 37.15
N GLU A 358 -9.72 -2.19 37.00
CA GLU A 358 -10.54 -1.70 35.93
C GLU A 358 -9.97 -2.15 34.58
N ALA A 359 -8.65 -2.10 34.43
CA ALA A 359 -8.01 -2.52 33.16
C ALA A 359 -8.12 -4.00 32.95
N LEU A 360 -7.74 -4.79 33.94
CA LEU A 360 -7.81 -6.24 33.80
C LEU A 360 -9.21 -6.80 33.51
N ASN A 361 -10.25 -6.14 34.01
CA ASN A 361 -11.64 -6.56 33.82
C ASN A 361 -12.28 -6.00 32.57
N ASN A 362 -11.66 -4.99 31.94
CA ASN A 362 -12.28 -4.35 30.76
C ASN A 362 -11.40 -4.26 29.52
N TYR A 363 -10.25 -4.91 29.53
CA TYR A 363 -9.29 -4.72 28.42
C TYR A 363 -9.87 -5.15 27.07
N GLN A 364 -10.68 -6.21 27.07
CA GLN A 364 -11.29 -6.69 25.80
C GLN A 364 -12.19 -5.66 25.18
N LYS A 365 -12.97 -5.02 26.00
CA LYS A 365 -13.82 -3.93 25.59
C LYS A 365 -12.96 -2.76 25.04
N TRP A 366 -11.89 -2.45 25.73
CA TRP A 366 -10.99 -1.39 25.24
C TRP A 366 -10.36 -1.71 23.88
N GLU A 367 -9.95 -2.96 23.66
CA GLU A 367 -9.37 -3.40 22.38
C GLU A 367 -10.35 -3.18 21.24
N LYS A 368 -11.61 -3.51 21.51
CA LYS A 368 -12.68 -3.37 20.54
C LYS A 368 -12.97 -1.89 20.23
N MET A 369 -12.93 -1.03 21.23
CA MET A 369 -13.12 0.39 21.01
C MET A 369 -11.99 1.00 20.17
N ILE A 370 -10.77 0.54 20.39
CA ILE A 370 -9.60 0.93 19.59
C ILE A 370 -9.75 0.45 18.13
N ASP A 371 -10.13 -0.81 17.95
CA ASP A 371 -10.40 -1.37 16.63
C ASP A 371 -11.49 -0.60 15.91
N ASP A 372 -12.54 -0.19 16.62
CA ASP A 372 -13.63 0.55 16.01
C ASP A 372 -13.20 1.89 15.47
N TRP A 373 -12.22 2.55 16.10
N TRP A 373 -12.23 2.53 16.12
CA TRP A 373 -11.75 3.83 15.59
CA TRP A 373 -11.75 3.80 15.64
C TRP A 373 -10.59 3.72 14.60
C TRP A 373 -10.74 3.60 14.50
N GLN A 374 -9.83 2.63 14.63
CA GLN A 374 -8.81 2.42 13.56
C GLN A 374 -9.39 1.85 12.25
N LYS A 375 -10.45 1.07 12.35
CA LYS A 375 -10.96 0.31 11.19
C LYS A 375 -11.36 1.11 9.95
N PRO A 376 -12.02 2.25 10.11
CA PRO A 376 -12.36 3.08 8.93
C PRO A 376 -11.16 3.53 8.08
N ILE A 377 -10.02 3.77 8.72
CA ILE A 377 -8.81 4.03 7.98
C ILE A 377 -8.13 2.74 7.51
N LEU A 378 -7.94 1.76 8.38
CA LEU A 378 -7.27 0.51 8.02
C LEU A 378 -7.96 -0.27 6.91
N SER A 379 -9.28 -0.27 6.90
CA SER A 379 -10.06 -0.99 5.88
C SER A 379 -10.20 -0.26 4.54
N ASN A 380 -9.70 0.98 4.45
CA ASN A 380 -9.73 1.74 3.21
C ASN A 380 -8.56 1.26 2.33
N LYS A 381 -8.89 0.46 1.31
CA LYS A 381 -7.87 -0.14 0.46
C LYS A 381 -7.34 0.82 -0.61
N SER A 382 -7.88 2.02 -0.69
CA SER A 382 -7.29 3.05 -1.56
C SER A 382 -6.00 3.68 -0.99
N LYS A 383 -5.73 3.48 0.31
CA LYS A 383 -4.60 4.15 0.95
C LYS A 383 -3.46 3.18 1.15
N PRO A 384 -2.24 3.61 0.82
CA PRO A 384 -1.11 2.72 1.03
C PRO A 384 -0.81 2.46 2.51
N ASP A 385 -0.20 1.32 2.77
CA ASP A 385 0.18 0.97 4.13
C ASP A 385 1.06 2.03 4.79
N TRP A 386 2.07 2.55 4.09
CA TRP A 386 3.00 3.51 4.72
C TRP A 386 2.23 4.72 5.30
N TYR A 387 1.19 5.15 4.61
CA TYR A 387 0.40 6.29 5.01
C TYR A 387 -0.33 5.98 6.34
N LYS A 388 -0.88 4.78 6.43
CA LYS A 388 -1.51 4.29 7.65
C LYS A 388 -0.54 4.22 8.82
N THR A 389 0.68 3.72 8.54
CA THR A 389 1.76 3.63 9.54
C THR A 389 2.03 5.00 10.17
N ALA A 390 2.22 6.00 9.30
CA ALA A 390 2.51 7.36 9.75
C ALA A 390 1.30 7.99 10.45
N LEU A 391 0.12 7.87 9.87
CA LEU A 391 -1.07 8.49 10.46
C LEU A 391 -1.33 8.08 11.90
N PHE A 392 -1.27 6.78 12.17
CA PHE A 392 -1.52 6.31 13.54
C PHE A 392 -0.33 6.55 14.46
N ASN A 393 0.88 6.25 13.99
CA ASN A 393 2.04 6.32 14.88
C ASN A 393 2.46 7.77 15.21
N GLU A 394 2.20 8.74 14.34
CA GLU A 394 2.39 10.14 14.71
C GLU A 394 1.58 10.56 15.96
N LEU A 395 0.44 9.92 16.19
CA LEU A 395 -0.37 10.25 17.35
C LEU A 395 0.28 9.95 18.69
N TYR A 396 1.39 9.18 18.68
CA TYR A 396 2.15 8.93 19.91
C TYR A 396 2.36 10.26 20.68
N TYR A 397 2.60 11.36 19.96
CA TYR A 397 2.93 12.64 20.59
C TYR A 397 1.81 13.25 21.47
N LEU A 398 0.55 12.94 21.17
CA LEU A 398 -0.55 13.43 21.99
C LEU A 398 -0.43 13.01 23.45
N ALA A 399 0.04 11.80 23.67
CA ALA A 399 0.27 11.31 25.03
C ALA A 399 1.68 11.61 25.48
N ASP A 400 2.66 11.47 24.59
CA ASP A 400 4.08 11.64 24.92
C ASP A 400 4.57 13.09 25.00
N GLY A 401 3.77 14.06 24.55
CA GLY A 401 4.18 15.45 24.51
C GLY A 401 4.12 16.26 25.80
N GLY A 402 4.54 15.68 26.93
CA GLY A 402 4.52 16.40 28.20
C GLY A 402 3.11 16.85 28.63
N THR A 403 2.12 16.08 28.22
CA THR A 403 0.74 16.48 28.24
C THR A 403 0.24 16.71 29.66
N ALA A 404 -0.35 17.89 29.88
CA ALA A 404 -0.82 18.32 31.19
C ALA A 404 -2.32 18.52 31.09
N TRP A 405 -3.05 17.92 31.98
CA TRP A 405 -4.51 17.95 31.95
C TRP A 405 -4.99 17.96 33.41
N GLU A 406 -5.37 19.14 33.88
CA GLU A 406 -5.57 19.38 35.32
C GLU A 406 -7.00 19.14 35.81
N ASN A 407 -7.08 18.61 37.03
CA ASN A 407 -8.35 18.40 37.73
C ASN A 407 -8.30 19.12 39.09
N GLY A 408 -7.88 20.37 39.07
CA GLY A 408 -7.87 21.20 40.26
C GLY A 408 -6.45 21.49 40.74
N LYS A 409 -6.23 22.71 41.22
CA LYS A 409 -4.97 23.10 41.86
C LYS A 409 -4.92 22.48 43.25
N VAL A 410 -3.78 21.99 43.71
CA VAL A 410 -3.69 21.39 45.05
C VAL A 410 -3.95 22.52 46.08
N GLY A 411 -4.85 22.30 47.03
CA GLY A 411 -5.29 23.40 47.92
C GLY A 411 -6.60 24.08 47.51
N GLU A 412 -6.74 24.47 46.24
CA GLU A 412 -8.02 24.95 45.69
C GLU A 412 -9.05 23.84 45.87
N LYS A 415 -13.50 24.21 43.00
CA LYS A 415 -13.77 23.42 41.80
C LYS A 415 -14.30 24.33 40.67
N ARG A 416 -13.72 24.18 39.48
CA ARG A 416 -14.19 24.84 38.25
C ARG A 416 -14.92 23.80 37.39
N THR A 417 -15.64 24.25 36.37
CA THR A 417 -16.31 23.35 35.42
C THR A 417 -15.31 22.74 34.41
N ASN A 418 -14.28 23.48 34.01
CA ASN A 418 -13.33 23.02 32.98
C ASN A 418 -12.00 22.54 33.52
N ASN A 419 -11.35 21.72 32.70
CA ASN A 419 -10.08 21.09 33.00
C ASN A 419 -9.09 21.60 31.96
N MET A 420 -8.17 22.44 32.42
CA MET A 420 -7.23 23.06 31.52
C MET A 420 -6.27 21.99 30.95
N PHE A 421 -5.84 22.21 29.72
CA PHE A 421 -5.05 21.24 28.97
C PHE A 421 -3.85 21.93 28.32
N GLY A 422 -2.75 21.19 28.21
CA GLY A 422 -1.62 21.68 27.43
C GLY A 422 -0.75 20.54 26.89
N LEU A 423 -0.36 20.68 25.62
CA LEU A 423 0.59 19.82 24.91
C LEU A 423 1.84 20.66 24.63
N LEU A 424 3.02 20.12 24.92
CA LEU A 424 4.24 20.83 24.64
C LEU A 424 4.48 20.99 23.15
N GLU A 425 5.04 22.13 22.79
CA GLU A 425 5.72 22.29 21.51
C GLU A 425 6.72 21.14 21.29
N CYS A 426 7.58 20.94 22.27
CA CYS A 426 8.53 19.84 22.36
C CYS A 426 9.23 19.96 23.72
N PHE A 427 10.18 19.10 23.99
CA PHE A 427 10.91 19.17 25.23
C PHE A 427 12.09 20.15 25.20
N ASP A 428 12.77 20.30 24.04
CA ASP A 428 13.89 21.24 23.93
C ASP A 428 13.43 22.70 24.05
N TYR A 429 12.28 23.00 23.43
CA TYR A 429 11.62 24.29 23.50
C TYR A 429 10.35 24.05 24.37
N ASN A 430 10.53 24.16 25.68
CA ASN A 430 9.53 23.62 26.65
C ASN A 430 8.37 24.61 26.83
N TYR A 431 7.50 24.73 25.84
CA TYR A 431 6.38 25.70 25.86
C TYR A 431 5.03 25.02 25.58
N TYR A 432 4.04 25.27 26.41
CA TYR A 432 2.73 24.65 26.26
C TYR A 432 1.94 25.35 25.16
N GLU A 433 1.46 24.54 24.22
CA GLU A 433 0.53 25.00 23.22
C GLU A 433 0.99 26.12 22.31
N THR A 434 2.28 26.22 22.06
CA THR A 434 2.76 27.18 21.10
C THR A 434 1.81 27.36 19.92
N LEU A 435 1.18 28.53 19.83
CA LEU A 435 0.07 28.70 18.91
C LEU A 435 0.42 28.69 17.42
N ASP A 436 1.54 29.31 17.07
CA ASP A 436 2.03 29.29 15.71
C ASP A 436 2.38 27.86 15.23
N VAL A 437 2.63 26.94 16.16
CA VAL A 437 2.89 25.53 15.90
C VAL A 437 1.59 24.71 15.93
N ARG A 438 0.72 24.97 16.92
CA ARG A 438 -0.53 24.25 17.05
C ARG A 438 -1.48 24.49 15.86
N PHE A 439 -1.29 25.61 15.14
CA PHE A 439 -1.94 25.84 13.87
C PHE A 439 -1.84 24.61 12.92
N TYR A 440 -0.67 23.96 12.95
CA TYR A 440 -0.40 22.72 12.24
C TYR A 440 -0.70 21.48 13.09
N GLY A 441 -0.22 21.52 14.33
CA GLY A 441 -0.16 20.34 15.20
C GLY A 441 -1.41 19.93 15.95
N SER A 442 -2.46 20.75 15.93
CA SER A 442 -3.67 20.49 16.68
C SER A 442 -4.75 19.73 15.90
N PHE A 443 -4.52 19.36 14.66
CA PHE A 443 -5.52 18.62 13.88
C PHE A 443 -6.10 17.37 14.57
N PRO A 444 -5.24 16.52 15.19
CA PRO A 444 -5.85 15.36 15.84
C PRO A 444 -6.81 15.74 17.00
N LEU A 445 -6.53 16.83 17.71
CA LEU A 445 -7.39 17.23 18.80
C LEU A 445 -8.71 17.69 18.27
N VAL A 446 -8.74 18.53 17.24
CA VAL A 446 -10.03 18.98 16.71
C VAL A 446 -10.81 17.81 16.11
N MET A 447 -10.13 16.90 15.41
CA MET A 447 -10.78 15.81 14.72
C MET A 447 -11.21 14.66 15.63
N LEU A 448 -10.46 14.42 16.71
CA LEU A 448 -10.65 13.23 17.58
C LEU A 448 -10.97 13.49 19.04
N TRP A 449 -10.55 14.62 19.60
CA TRP A 449 -10.90 15.01 20.95
C TRP A 449 -11.32 16.51 20.97
N PRO A 450 -12.40 16.85 20.23
CA PRO A 450 -12.74 18.26 20.06
C PRO A 450 -13.10 19.05 21.33
N ASP A 451 -13.58 18.40 22.40
CA ASP A 451 -13.79 19.11 23.68
C ASP A 451 -12.47 19.63 24.29
N ILE A 452 -11.38 18.90 24.10
CA ILE A 452 -10.05 19.37 24.54
C ILE A 452 -9.64 20.57 23.69
N GLU A 453 -9.80 20.44 22.37
CA GLU A 453 -9.42 21.49 21.44
C GLU A 453 -10.11 22.82 21.79
N LYS A 454 -11.43 22.74 21.97
CA LYS A 454 -12.21 23.94 22.31
C LYS A 454 -11.79 24.55 23.61
N GLN A 455 -11.51 23.72 24.60
CA GLN A 455 -10.96 24.19 25.87
C GLN A 455 -9.64 24.94 25.67
N VAL A 456 -8.72 24.35 24.90
CA VAL A 456 -7.44 25.05 24.65
C VAL A 456 -7.69 26.42 23.98
N MET A 457 -8.59 26.49 23.02
CA MET A 457 -8.82 27.76 22.34
C MET A 457 -9.48 28.82 23.23
N ARG A 458 -10.36 28.39 24.16
CA ARG A 458 -10.92 29.30 25.17
C ARG A 458 -9.79 29.79 26.10
N GLN A 459 -8.84 28.91 26.41
CA GLN A 459 -7.67 29.33 27.19
C GLN A 459 -6.98 30.49 26.50
N PHE A 460 -6.76 30.41 25.18
CA PHE A 460 -6.16 31.54 24.45
C PHE A 460 -7.05 32.79 24.39
N ALA A 461 -8.35 32.59 24.20
CA ALA A 461 -9.34 33.68 24.18
C ALA A 461 -9.25 34.50 25.46
N ASP A 462 -9.17 33.82 26.61
CA ASP A 462 -9.07 34.45 27.91
C ASP A 462 -7.80 35.27 28.08
N THR A 463 -6.75 35.01 27.30
CA THR A 463 -5.51 35.78 27.42
C THR A 463 -5.38 37.04 26.56
N ILE A 464 -6.26 37.23 25.58
CA ILE A 464 -6.07 38.25 24.55
C ILE A 464 -5.82 39.64 25.17
N ASN A 465 -6.61 40.02 26.18
CA ASN A 465 -6.49 41.37 26.75
C ASN A 465 -5.60 41.46 27.98
N VAL A 466 -4.96 40.36 28.37
CA VAL A 466 -4.00 40.37 29.44
C VAL A 466 -2.87 41.33 29.05
N GLN A 467 -2.50 42.15 30.01
CA GLN A 467 -1.45 43.15 29.85
C GLN A 467 -0.47 42.84 30.98
N ASP A 468 0.79 42.57 30.64
CA ASP A 468 1.85 42.37 31.64
C ASP A 468 2.99 43.27 31.21
N SER A 469 3.14 44.36 31.94
CA SER A 469 4.11 45.42 31.61
C SER A 469 5.55 45.14 32.04
N SER A 470 5.77 44.09 32.84
CA SER A 470 7.14 43.71 33.19
C SER A 470 7.94 43.35 31.92
N GLU A 471 9.26 43.54 31.99
CA GLU A 471 10.09 43.47 30.80
C GLU A 471 10.94 42.21 30.76
N PHE A 472 11.29 41.77 29.56
CA PHE A 472 12.15 40.61 29.40
C PHE A 472 13.18 40.91 28.32
N LYS A 473 14.32 40.22 28.38
CA LYS A 473 15.36 40.37 27.39
C LYS A 473 15.09 39.45 26.19
N VAL A 474 14.96 40.03 25.00
CA VAL A 474 14.74 39.28 23.77
C VAL A 474 16.05 38.59 23.42
N GLY A 475 16.00 37.26 23.27
CA GLY A 475 17.19 36.48 23.05
C GLY A 475 17.94 36.79 21.79
N SER A 476 17.24 37.11 20.70
CA SER A 476 17.89 37.26 19.40
C SER A 476 18.70 38.54 19.28
N ASN A 477 18.32 39.59 20.00
CA ASN A 477 19.01 40.88 19.89
C ASN A 477 19.41 41.54 21.22
N GLY A 478 19.06 40.95 22.36
CA GLY A 478 19.39 41.53 23.66
C GLY A 478 18.54 42.71 24.11
N ALA A 479 17.60 43.17 23.27
CA ALA A 479 16.72 44.28 23.59
C ALA A 479 15.69 43.86 24.63
N MET A 480 15.23 44.83 25.42
CA MET A 480 14.18 44.60 26.41
C MET A 480 12.84 44.81 25.77
N ALA A 481 11.83 44.07 26.23
CA ALA A 481 10.47 44.18 25.70
C ALA A 481 9.43 43.83 26.75
N VAL A 482 8.22 44.33 26.53
CA VAL A 482 7.07 44.11 27.40
C VAL A 482 6.69 42.64 27.23
N LYS A 483 6.43 41.96 28.34
CA LYS A 483 6.09 40.54 28.36
C LYS A 483 4.81 40.20 27.57
N LYS A 484 3.72 40.94 27.82
CA LYS A 484 2.43 40.69 27.19
C LYS A 484 1.66 42.01 26.93
N VAL A 485 1.32 42.25 25.67
CA VAL A 485 0.59 43.44 25.21
C VAL A 485 -0.89 43.12 24.99
N GLN A 486 -1.75 44.01 25.47
CA GLN A 486 -3.22 43.92 25.34
C GLN A 486 -3.59 43.78 23.87
N GLY A 487 -4.43 42.79 23.56
CA GLY A 487 -4.88 42.54 22.19
C GLY A 487 -3.98 41.65 21.30
N MET A 488 -2.78 41.30 21.77
CA MET A 488 -1.89 40.39 21.06
C MET A 488 -1.98 39.00 21.69
N ILE A 489 -2.24 38.02 20.86
CA ILE A 489 -2.31 36.60 21.26
C ILE A 489 -0.94 36.16 21.74
N PRO A 490 -0.86 35.42 22.87
CA PRO A 490 0.40 34.92 23.34
C PRO A 490 0.97 33.83 22.44
N HIS A 491 2.29 33.73 22.46
CA HIS A 491 3.03 32.67 21.76
C HIS A 491 2.69 31.30 22.35
N ASP A 492 2.61 31.24 23.67
CA ASP A 492 2.43 29.97 24.37
C ASP A 492 1.78 30.22 25.73
N LEU A 493 1.44 29.14 26.42
CA LEU A 493 0.78 29.20 27.72
C LEU A 493 1.66 28.79 28.89
N GLY A 494 2.95 29.05 28.76
CA GLY A 494 3.92 28.84 29.79
C GLY A 494 4.84 27.66 29.56
N SER A 495 5.65 27.36 30.57
CA SER A 495 6.59 26.27 30.47
C SER A 495 6.44 25.39 31.69
N SER A 496 6.71 24.09 31.54
CA SER A 496 6.74 23.18 32.70
C SER A 496 7.77 23.56 33.75
N TYR A 497 8.80 24.30 33.34
CA TYR A 497 9.79 24.81 34.28
C TYR A 497 9.31 26.01 35.13
N ALA A 498 8.17 26.59 34.77
CA ALA A 498 7.64 27.79 35.38
C ALA A 498 6.18 27.54 35.78
N LEU A 499 5.22 28.23 35.16
CA LEU A 499 3.82 28.19 35.62
C LEU A 499 2.87 28.06 34.42
N PRO A 500 2.69 26.81 33.94
CA PRO A 500 1.73 26.58 32.87
C PRO A 500 0.35 27.14 33.20
N TRP A 501 -0.26 27.73 32.19
CA TRP A 501 -1.58 28.35 32.21
C TRP A 501 -1.62 29.64 33.00
N ILE A 502 -0.62 29.94 33.83
CA ILE A 502 -0.64 31.09 34.72
C ILE A 502 0.29 32.17 34.19
N LYS A 503 1.54 31.83 33.86
CA LYS A 503 2.49 32.78 33.26
C LYS A 503 2.71 32.41 31.80
N ILE A 504 2.09 33.19 30.93
CA ILE A 504 2.13 32.96 29.47
C ILE A 504 3.37 33.57 28.85
N ASN A 505 3.60 33.30 27.57
CA ASN A 505 4.80 33.79 26.88
C ASN A 505 6.13 33.42 27.59
N ALA A 506 6.32 32.15 27.89
CA ALA A 506 7.63 31.68 28.38
C ALA A 506 8.71 31.86 27.28
N TYR A 507 8.32 31.79 26.01
CA TYR A 507 9.26 31.93 24.92
C TYR A 507 9.81 33.36 24.83
N ASP A 508 11.12 33.46 24.66
CA ASP A 508 11.77 34.78 24.63
C ASP A 508 12.80 35.00 23.52
N TRP A 509 12.96 34.04 22.59
CA TRP A 509 13.98 34.23 21.55
C TRP A 509 13.67 35.43 20.66
N GLN A 510 12.38 35.63 20.37
CA GLN A 510 11.86 36.81 19.71
C GLN A 510 10.74 37.36 20.57
N ASN A 511 10.27 38.57 20.26
CA ASN A 511 9.15 39.15 20.99
C ASN A 511 7.83 38.82 20.28
N PRO A 512 7.02 37.89 20.84
CA PRO A 512 5.82 37.45 20.14
C PRO A 512 4.70 38.47 20.10
N ASN A 513 4.84 39.57 20.87
CA ASN A 513 3.83 40.62 20.84
C ASN A 513 3.87 41.42 19.55
N ILE A 514 4.93 41.29 18.76
CA ILE A 514 4.98 41.91 17.42
C ILE A 514 4.94 40.88 16.27
N TRP A 515 4.56 39.63 16.56
CA TRP A 515 4.44 38.63 15.49
C TRP A 515 3.25 38.92 14.60
N LYS A 516 3.39 38.60 13.32
CA LYS A 516 2.35 38.88 12.33
C LYS A 516 1.46 37.67 11.98
N ASP A 517 1.82 36.50 12.48
CA ASP A 517 1.04 35.27 12.25
C ASP A 517 0.21 34.83 13.44
N LEU A 518 0.58 35.18 14.68
CA LEU A 518 -0.16 34.66 15.85
C LEU A 518 -1.64 35.06 15.88
N ASN A 519 -1.92 36.34 15.67
CA ASN A 519 -3.32 36.82 15.73
C ASN A 519 -4.19 36.27 14.62
N SER A 520 -3.63 36.15 13.42
CA SER A 520 -4.39 35.62 12.30
C SER A 520 -4.57 34.09 12.44
N LYS A 521 -3.52 33.36 12.85
CA LYS A 521 -3.65 31.92 13.15
C LYS A 521 -4.71 31.64 14.25
N TYR A 522 -4.78 32.52 15.24
CA TYR A 522 -5.77 32.39 16.30
C TYR A 522 -7.18 32.38 15.73
N VAL A 523 -7.47 33.36 14.92
CA VAL A 523 -8.79 33.49 14.30
C VAL A 523 -9.11 32.26 13.44
N LEU A 524 -8.14 31.85 12.64
CA LEU A 524 -8.26 30.68 11.79
C LEU A 524 -8.51 29.38 12.55
N LEU A 525 -7.86 29.22 13.70
CA LEU A 525 -8.09 28.09 14.59
C LEU A 525 -9.48 28.13 15.17
N VAL A 526 -9.94 29.31 15.58
CA VAL A 526 -11.32 29.44 16.09
C VAL A 526 -12.35 28.97 15.03
N TYR A 527 -12.21 29.46 13.81
CA TYR A 527 -13.18 29.16 12.82
C TYR A 527 -13.04 27.69 12.36
N ARG A 528 -11.82 27.19 12.27
CA ARG A 528 -11.59 25.74 12.02
C ARG A 528 -12.36 24.86 13.00
N ASP A 529 -12.25 25.20 14.27
CA ASP A 529 -12.85 24.41 15.32
C ASP A 529 -14.37 24.40 15.24
N TYR A 530 -14.94 25.52 14.77
CA TYR A 530 -16.37 25.59 14.45
C TYR A 530 -16.75 24.72 13.26
N VAL A 531 -16.05 24.88 12.15
CA VAL A 531 -16.30 24.12 10.93
C VAL A 531 -16.15 22.60 11.12
N LEU A 532 -15.04 22.17 11.70
CA LEU A 532 -14.74 20.74 11.79
C LEU A 532 -15.46 20.03 12.93
N THR A 533 -16.23 20.76 13.74
CA THR A 533 -17.15 20.11 14.68
C THR A 533 -18.62 20.29 14.22
N GLY A 534 -18.82 20.49 12.92
CA GLY A 534 -20.15 20.40 12.28
C GLY A 534 -20.90 21.72 12.09
N LYS A 535 -20.23 22.86 12.28
CA LYS A 535 -20.86 24.21 12.20
C LYS A 535 -22.12 24.38 13.06
N THR A 536 -22.13 23.82 14.26
CA THR A 536 -23.27 23.93 15.16
C THR A 536 -22.94 24.67 16.45
N ASP A 537 -21.66 24.91 16.75
CA ASP A 537 -21.30 25.37 18.09
C ASP A 537 -21.24 26.88 18.09
N LYS A 538 -22.43 27.45 18.10
CA LYS A 538 -22.58 28.90 18.07
C LYS A 538 -22.08 29.50 19.38
N GLU A 539 -22.26 28.78 20.49
CA GLU A 539 -21.74 29.22 21.80
C GLU A 539 -20.21 29.45 21.79
N PHE A 540 -19.49 28.57 21.11
CA PHE A 540 -18.02 28.68 20.99
C PHE A 540 -17.66 29.93 20.18
N LEU A 541 -18.39 30.17 19.10
CA LEU A 541 -18.18 31.41 18.32
C LEU A 541 -18.54 32.66 19.16
N LYS A 542 -19.60 32.60 19.94
CA LYS A 542 -19.96 33.74 20.84
C LYS A 542 -18.88 33.98 21.89
N TYR A 543 -18.40 32.89 22.49
CA TYR A 543 -17.38 33.00 23.53
C TYR A 543 -16.15 33.73 23.02
N THR A 544 -15.74 33.43 21.78
CA THR A 544 -14.46 33.90 21.21
C THR A 544 -14.56 35.15 20.35
N TRP A 545 -15.76 35.66 20.10
CA TRP A 545 -15.96 36.69 19.06
C TRP A 545 -15.26 38.00 19.35
N LYS A 546 -15.33 38.47 20.60
CA LYS A 546 -14.60 39.68 20.95
C LYS A 546 -13.09 39.55 20.76
N SER A 547 -12.51 38.40 21.15
CA SER A 547 -11.07 38.19 20.99
C SER A 547 -10.68 38.17 19.53
N VAL A 548 -11.53 37.57 18.68
CA VAL A 548 -11.33 37.52 17.23
C VAL A 548 -11.25 38.93 16.65
N LYS A 549 -12.24 39.73 16.95
CA LYS A 549 -12.27 41.13 16.46
C LYS A 549 -11.06 41.93 16.93
N THR A 550 -10.78 41.82 18.22
CA THR A 550 -9.60 42.49 18.80
C THR A 550 -8.29 42.05 18.11
N ALA A 551 -8.11 40.73 17.93
CA ALA A 551 -6.91 40.21 17.30
C ALA A 551 -6.70 40.78 15.91
N LEU A 552 -7.75 40.78 15.09
CA LEU A 552 -7.62 41.33 13.73
C LEU A 552 -7.42 42.85 13.74
N ASP A 553 -8.12 43.55 14.63
CA ASP A 553 -8.01 45.02 14.69
C ASP A 553 -6.62 45.42 15.12
N LYS A 554 -6.00 44.69 16.05
CA LYS A 554 -4.62 44.98 16.44
C LYS A 554 -3.62 44.72 15.36
N LEU A 555 -3.83 43.65 14.59
CA LEU A 555 -2.91 43.29 13.51
C LEU A 555 -2.99 44.34 12.37
N LYS A 556 -4.18 44.88 12.13
CA LYS A 556 -4.38 45.91 11.11
C LYS A 556 -3.53 47.16 11.37
N GLU A 557 -3.32 47.48 12.65
CA GLU A 557 -2.48 48.61 13.07
C GLU A 557 -1.03 48.44 12.67
N MET A 558 -0.60 47.20 12.42
CA MET A 558 0.80 46.94 11.98
C MET A 558 1.02 47.10 10.48
N ASP A 559 -0.03 47.47 9.75
CA ASP A 559 0.11 47.90 8.34
C ASP A 559 0.74 49.30 8.34
N LYS A 560 2.02 49.39 7.96
CA LYS A 560 2.79 50.65 7.93
C LYS A 560 2.48 51.52 6.72
N ASP A 561 2.36 50.90 5.55
CA ASP A 561 2.33 51.62 4.28
C ASP A 561 0.94 51.68 3.66
N ASN A 562 -0.09 51.34 4.43
CA ASN A 562 -1.45 51.46 3.98
C ASN A 562 -1.83 50.62 2.74
N ASP A 563 -1.17 49.46 2.53
CA ASP A 563 -1.64 48.49 1.53
C ASP A 563 -2.71 47.51 2.03
N GLY A 564 -3.17 47.72 3.26
CA GLY A 564 -4.22 46.92 3.88
C GLY A 564 -3.73 45.60 4.48
N ILE A 565 -2.41 45.40 4.50
CA ILE A 565 -1.79 44.15 4.94
C ILE A 565 -0.76 44.47 6.01
N PRO A 566 -0.69 43.68 7.11
CA PRO A 566 0.39 43.90 8.08
C PRO A 566 1.78 43.77 7.45
N ASP A 567 2.73 44.58 7.92
CA ASP A 567 4.09 44.61 7.39
C ASP A 567 4.99 43.76 8.27
N ASN A 568 5.60 42.72 7.72
CA ASN A 568 6.73 42.04 8.40
C ASN A 568 7.87 43.05 8.54
N GLU A 569 8.60 42.98 9.65
CA GLU A 569 9.50 44.07 10.05
C GLU A 569 10.98 43.87 9.73
N GLY A 570 11.34 42.96 8.83
CA GLY A 570 12.76 42.71 8.53
C GLY A 570 13.49 41.95 9.61
N ILE A 571 12.73 41.39 10.55
CA ILE A 571 13.22 40.49 11.59
C ILE A 571 12.33 39.23 11.51
N PRO A 572 12.71 38.15 12.23
CA PRO A 572 11.81 37.00 12.24
C PRO A 572 10.62 37.26 13.18
N ASP A 573 9.48 37.61 12.62
CA ASP A 573 8.29 37.97 13.41
C ASP A 573 7.11 37.02 13.10
N GLN A 574 7.44 35.73 13.10
CA GLN A 574 6.46 34.66 12.81
C GLN A 574 7.12 33.32 13.07
N THR A 575 6.39 32.23 12.86
CA THR A 575 6.84 30.89 13.28
C THR A 575 8.24 30.49 12.80
N TYR A 576 8.63 30.98 11.64
CA TYR A 576 9.99 30.75 11.14
C TYR A 576 10.89 31.77 11.86
N ASP A 577 11.19 31.48 13.12
CA ASP A 577 11.66 32.48 14.07
C ASP A 577 13.16 32.86 13.94
N THR A 578 13.86 32.38 12.91
CA THR A 578 15.16 32.91 12.54
C THR A 578 15.20 33.30 11.06
N TRP A 579 14.05 33.30 10.38
CA TRP A 579 13.99 33.57 8.95
C TRP A 579 13.22 34.88 8.71
N SER A 580 13.94 35.95 8.36
CA SER A 580 13.32 37.29 8.26
C SER A 580 12.41 37.44 7.10
N MET A 581 11.26 38.05 7.34
CA MET A 581 10.38 38.50 6.31
C MET A 581 10.29 40.02 6.47
N LYS A 582 10.01 40.69 5.36
CA LYS A 582 9.95 42.14 5.33
C LYS A 582 8.98 42.60 4.26
N GLY A 583 8.06 43.46 4.67
CA GLY A 583 7.04 43.97 3.80
C GLY A 583 5.83 43.09 3.87
N THR A 584 5.19 42.90 2.73
CA THR A 584 4.14 41.90 2.61
C THR A 584 4.82 40.56 2.32
N SER A 585 4.55 39.53 3.15
CA SER A 585 5.00 38.16 2.89
C SER A 585 3.85 37.27 2.35
N ALA A 586 4.21 36.27 1.55
CA ALA A 586 3.22 35.29 1.09
C ALA A 586 2.57 34.60 2.28
N TYR A 587 3.41 34.23 3.24
CA TYR A 587 2.99 33.47 4.43
C TYR A 587 2.03 34.28 5.31
N CYS A 588 2.51 35.37 5.91
CA CYS A 588 1.65 36.18 6.80
C CYS A 588 0.54 36.90 6.07
N GLY A 589 0.81 37.27 4.81
CA GLY A 589 -0.22 37.92 3.98
C GLY A 589 -1.40 37.00 3.66
N SER A 590 -1.12 35.75 3.27
CA SER A 590 -2.19 34.78 2.98
C SER A 590 -2.97 34.40 4.23
N LEU A 591 -2.28 34.27 5.37
CA LEU A 591 -2.95 33.99 6.63
C LEU A 591 -3.90 35.14 6.99
N TRP A 592 -3.43 36.37 6.79
CA TRP A 592 -4.26 37.56 7.01
C TRP A 592 -5.53 37.58 6.16
N LEU A 593 -5.38 37.33 4.87
CA LEU A 593 -6.52 37.24 3.97
C LEU A 593 -7.52 36.19 4.42
N ALA A 594 -7.03 35.00 4.73
CA ALA A 594 -7.91 33.91 5.17
C ALA A 594 -8.59 34.27 6.48
N ALA A 595 -7.83 34.86 7.42
CA ALA A 595 -8.43 35.23 8.73
C ALA A 595 -9.56 36.29 8.61
N LEU A 596 -9.37 37.24 7.70
CA LEU A 596 -10.42 38.24 7.40
C LEU A 596 -11.66 37.56 6.83
N LYS A 597 -11.47 36.59 5.92
CA LYS A 597 -12.62 35.91 5.35
C LYS A 597 -13.34 35.08 6.42
N ALA A 598 -12.58 34.44 7.32
CA ALA A 598 -13.16 33.72 8.45
C ALA A 598 -13.97 34.64 9.38
N ALA A 599 -13.41 35.79 9.74
CA ALA A 599 -14.13 36.75 10.60
C ALA A 599 -15.42 37.30 9.96
N GLN A 600 -15.39 37.56 8.64
CA GLN A 600 -16.63 37.84 7.85
C GLN A 600 -17.68 36.78 8.04
N GLU A 601 -17.28 35.52 7.89
CA GLU A 601 -18.22 34.42 8.05
C GLU A 601 -18.78 34.34 9.44
N ILE A 602 -17.94 34.54 10.45
CA ILE A 602 -18.39 34.52 11.84
C ILE A 602 -19.37 35.68 12.05
N GLY A 603 -19.03 36.86 11.55
CA GLY A 603 -19.93 38.03 11.59
C GLY A 603 -21.30 37.75 10.96
N LYS A 604 -21.32 36.99 9.89
CA LYS A 604 -22.57 36.56 9.25
C LYS A 604 -23.35 35.60 10.13
N VAL A 605 -22.66 34.61 10.71
CA VAL A 605 -23.30 33.65 11.63
C VAL A 605 -23.85 34.34 12.86
N LEU A 606 -23.09 35.28 13.43
CA LEU A 606 -23.51 35.96 14.64
C LEU A 606 -24.34 37.23 14.36
N LYS A 607 -24.64 37.52 13.09
CA LYS A 607 -25.48 38.65 12.67
C LYS A 607 -24.92 39.97 13.18
N ASP A 608 -23.62 40.15 12.92
CA ASP A 608 -22.87 41.33 13.33
C ASP A 608 -22.51 42.00 12.03
N ASN A 609 -23.41 42.88 11.61
CA ASN A 609 -23.28 43.52 10.32
C ASN A 609 -22.12 44.48 10.22
N GLU A 610 -21.91 45.28 11.26
CA GLU A 610 -20.75 46.15 11.34
C GLU A 610 -19.43 45.40 11.04
N ALA A 611 -19.25 44.25 11.71
CA ALA A 611 -18.03 43.45 11.53
C ALA A 611 -17.95 42.83 10.16
N TYR A 612 -19.03 42.23 9.69
CA TYR A 612 -19.07 41.69 8.33
C TYR A 612 -18.61 42.74 7.30
N ILE A 613 -19.20 43.93 7.36
CA ILE A 613 -18.87 45.00 6.41
C ILE A 613 -17.41 45.43 6.56
N LYS A 614 -16.95 45.62 7.78
CA LYS A 614 -15.56 46.06 7.98
C LYS A 614 -14.56 45.04 7.46
N TYR A 615 -14.72 43.77 7.84
CA TYR A 615 -13.72 42.77 7.49
C TYR A 615 -13.80 42.42 5.99
N ASN A 616 -14.99 42.50 5.41
CA ASN A 616 -15.14 42.41 3.93
C ASN A 616 -14.38 43.53 3.20
N GLU A 617 -14.51 44.77 3.67
CA GLU A 617 -13.74 45.87 3.06
C GLU A 617 -12.22 45.66 3.18
N TRP A 618 -11.76 45.35 4.38
CA TRP A 618 -10.33 45.06 4.60
C TRP A 618 -9.83 43.94 3.70
N TYR A 619 -10.63 42.89 3.56
CA TYR A 619 -10.30 41.72 2.74
C TYR A 619 -10.14 42.10 1.26
N LYS A 620 -11.12 42.83 0.71
CA LYS A 620 -11.06 43.22 -0.73
C LYS A 620 -9.83 44.03 -1.04
N ILE A 621 -9.54 44.99 -0.19
CA ILE A 621 -8.35 45.81 -0.40
C ILE A 621 -7.09 44.94 -0.28
N ALA A 622 -6.98 44.17 0.81
CA ALA A 622 -5.79 43.35 1.03
C ALA A 622 -5.57 42.29 -0.05
N GLN A 623 -6.65 41.63 -0.48
CA GLN A 623 -6.59 40.60 -1.54
C GLN A 623 -6.02 41.14 -2.85
N GLN A 624 -6.49 42.33 -3.22
CA GLN A 624 -6.09 42.97 -4.46
C GLN A 624 -4.63 43.35 -4.38
N ASN A 625 -4.19 43.94 -3.26
CA ASN A 625 -2.79 44.31 -3.12
C ASN A 625 -1.84 43.13 -2.95
N PHE A 626 -2.29 42.07 -2.27
CA PHE A 626 -1.49 40.85 -2.13
C PHE A 626 -1.12 40.28 -3.51
N GLU A 627 -2.15 40.10 -4.32
CA GLU A 627 -2.02 39.57 -5.68
C GLU A 627 -1.05 40.40 -6.53
N LYS A 628 -1.25 41.72 -6.50
CA LYS A 628 -0.41 42.64 -7.25
C LYS A 628 1.03 42.63 -6.75
N GLU A 629 1.21 42.63 -5.44
CA GLU A 629 2.57 42.68 -4.87
C GLU A 629 3.38 41.40 -5.03
N LEU A 630 2.73 40.24 -5.08
CA LEU A 630 3.44 38.96 -4.95
C LEU A 630 3.37 37.98 -6.10
N TRP A 631 2.27 37.97 -6.83
CA TRP A 631 2.13 37.05 -7.97
C TRP A 631 3.14 37.42 -9.07
N ASN A 632 4.00 36.47 -9.46
CA ASN A 632 5.03 36.71 -10.48
C ASN A 632 4.81 35.97 -11.79
N GLY A 633 3.63 35.37 -11.96
CA GLY A 633 3.33 34.51 -13.13
C GLY A 633 3.50 33.00 -12.95
N GLU A 634 4.38 32.58 -12.05
CA GLU A 634 4.59 31.15 -11.72
C GLU A 634 4.21 30.81 -10.26
N TYR A 635 4.54 31.69 -9.31
CA TYR A 635 4.25 31.45 -7.89
C TYR A 635 4.09 32.80 -7.17
N TYR A 636 3.84 32.76 -5.87
CA TYR A 636 3.87 33.95 -5.05
C TYR A 636 5.23 34.15 -4.43
N ASN A 637 5.79 35.34 -4.63
CA ASN A 637 7.08 35.65 -4.04
C ASN A 637 7.03 35.55 -2.52
N PHE A 638 8.19 35.20 -1.95
CA PHE A 638 8.39 35.06 -0.52
C PHE A 638 7.92 36.32 0.21
N ASP A 639 8.42 37.48 -0.21
CA ASP A 639 7.93 38.77 0.30
C ASP A 639 8.25 39.95 -0.66
N THR A 640 8.01 41.19 -0.23
CA THR A 640 8.23 42.37 -1.08
C THR A 640 9.56 43.10 -0.87
N GLU A 641 10.26 42.87 0.24
CA GLU A 641 11.41 43.71 0.62
C GLU A 641 12.70 43.01 1.09
N SER A 642 12.74 41.67 1.12
CA SER A 642 13.96 40.95 1.56
C SER A 642 14.95 40.81 0.40
N ASP A 643 16.20 40.45 0.74
CA ASP A 643 17.27 40.13 -0.24
C ASP A 643 16.85 39.06 -1.22
N HIS A 644 16.40 37.93 -0.68
CA HIS A 644 15.90 36.81 -1.51
C HIS A 644 14.35 36.78 -1.51
N LYS A 645 13.77 37.89 -1.94
CA LYS A 645 12.33 38.04 -1.98
C LYS A 645 11.62 37.14 -2.98
N ASP A 646 12.36 36.63 -3.98
CA ASP A 646 11.78 35.74 -5.01
C ASP A 646 12.01 34.25 -4.71
N SER A 647 12.48 33.92 -3.49
CA SER A 647 12.55 32.51 -3.07
C SER A 647 11.16 31.86 -3.16
N ILE A 648 11.15 30.59 -3.52
CA ILE A 648 9.94 29.79 -3.54
C ILE A 648 9.80 29.19 -2.14
N MET A 649 8.76 29.61 -1.42
CA MET A 649 8.53 29.14 -0.05
C MET A 649 7.55 27.97 -0.05
N ALA A 650 7.88 26.87 0.61
CA ALA A 650 6.95 25.73 0.63
C ALA A 650 5.58 26.11 1.22
N ASP A 651 5.59 27.01 2.20
CA ASP A 651 4.40 27.41 2.94
C ASP A 651 3.83 28.77 2.46
N GLN A 652 4.21 29.22 1.27
CA GLN A 652 3.76 30.51 0.77
C GLN A 652 2.23 30.74 0.79
N LEU A 653 1.44 29.67 0.62
CA LEU A 653 -0.01 29.80 0.57
C LEU A 653 -0.76 29.16 1.76
N ALA A 654 -0.16 29.22 2.93
CA ALA A 654 -0.78 28.67 4.15
C ALA A 654 -2.21 29.17 4.43
N GLY A 655 -2.48 30.44 4.17
CA GLY A 655 -3.85 30.94 4.31
C GLY A 655 -4.87 30.25 3.41
N GLN A 656 -4.47 29.93 2.20
CA GLN A 656 -5.36 29.25 1.28
C GLN A 656 -5.55 27.79 1.68
N TRP A 657 -4.50 27.17 2.18
CA TRP A 657 -4.62 25.81 2.72
C TRP A 657 -5.73 25.77 3.78
N TYR A 658 -5.68 26.68 4.73
CA TYR A 658 -6.70 26.72 5.79
C TYR A 658 -8.05 27.13 5.26
N ALA A 659 -8.08 28.06 4.29
CA ALA A 659 -9.34 28.44 3.65
C ALA A 659 -10.04 27.22 2.98
N ASP A 660 -9.28 26.29 2.38
CA ASP A 660 -9.88 25.07 1.83
C ASP A 660 -10.52 24.25 2.95
N ILE A 661 -9.80 24.08 4.05
CA ILE A 661 -10.29 23.31 5.20
C ILE A 661 -11.54 23.94 5.84
N LEU A 662 -11.52 25.26 5.92
CA LEU A 662 -12.62 26.00 6.52
C LEU A 662 -13.79 26.24 5.55
N ARG A 663 -13.63 25.85 4.30
CA ARG A 663 -14.64 26.00 3.24
C ARG A 663 -14.98 27.47 2.99
N LEU A 664 -13.95 28.30 2.97
CA LEU A 664 -14.07 29.73 2.74
C LEU A 664 -13.86 30.09 1.26
N GLY A 665 -13.67 29.10 0.40
CA GLY A 665 -13.49 29.31 -1.02
C GLY A 665 -12.13 29.88 -1.37
N ASP A 666 -12.08 30.53 -2.53
CA ASP A 666 -10.84 31.02 -3.08
C ASP A 666 -10.53 32.35 -2.44
N ILE A 667 -9.35 32.48 -1.83
CA ILE A 667 -8.82 33.80 -1.47
C ILE A 667 -7.86 34.29 -2.54
N LEU A 668 -7.38 33.35 -3.37
CA LEU A 668 -6.48 33.63 -4.50
C LEU A 668 -6.99 32.82 -5.69
N PRO A 669 -6.69 33.26 -6.92
CA PRO A 669 -7.26 32.55 -8.06
C PRO A 669 -6.81 31.07 -8.17
N LYS A 670 -7.77 30.18 -8.47
CA LYS A 670 -7.51 28.74 -8.62
C LYS A 670 -6.31 28.44 -9.49
N ASP A 671 -6.23 29.11 -10.63
CA ASP A 671 -5.16 28.92 -11.58
C ASP A 671 -3.79 29.24 -10.98
N HIS A 672 -3.74 30.29 -10.17
CA HIS A 672 -2.50 30.71 -9.53
C HIS A 672 -2.08 29.75 -8.39
N VAL A 673 -3.04 29.32 -7.59
CA VAL A 673 -2.77 28.36 -6.50
C VAL A 673 -2.21 27.04 -7.10
N GLN A 674 -2.86 26.58 -8.17
CA GLN A 674 -2.43 25.36 -8.83
C GLN A 674 -1.02 25.49 -9.39
N LYS A 675 -0.72 26.60 -10.05
CA LYS A 675 0.65 26.87 -10.54
C LYS A 675 1.67 26.93 -9.40
N ALA A 676 1.32 27.60 -8.31
CA ALA A 676 2.23 27.72 -7.17
C ALA A 676 2.55 26.35 -6.56
N LEU A 677 1.51 25.55 -6.36
CA LEU A 677 1.68 24.20 -5.75
C LEU A 677 2.53 23.26 -6.62
N LYS A 678 2.26 23.28 -7.92
CA LYS A 678 3.09 22.58 -8.88
C LYS A 678 4.54 23.07 -8.88
N LYS A 679 4.74 24.38 -8.75
CA LYS A 679 6.11 24.92 -8.63
C LYS A 679 6.82 24.40 -7.38
N ILE A 680 6.10 24.41 -6.24
CA ILE A 680 6.63 23.90 -4.96
C ILE A 680 7.00 22.43 -5.10
N TYR A 681 6.12 21.63 -5.70
CA TYR A 681 6.44 20.21 -5.88
C TYR A 681 7.67 20.02 -6.79
N GLU A 682 7.73 20.79 -7.89
CA GLU A 682 8.82 20.67 -8.87
C GLU A 682 10.17 21.10 -8.29
N PHE A 683 10.17 22.14 -7.45
CA PHE A 683 11.40 22.68 -6.88
C PHE A 683 11.63 22.18 -5.44
N ASN A 684 10.85 22.69 -4.48
CA ASN A 684 11.10 22.45 -3.06
C ASN A 684 11.10 20.98 -2.69
N VAL A 685 10.31 20.18 -3.42
CA VAL A 685 10.32 18.73 -3.25
C VAL A 685 11.29 18.05 -4.22
N MET A 686 11.00 18.09 -5.52
CA MET A 686 11.76 17.24 -6.48
C MET A 686 13.20 17.62 -6.66
N LYS A 687 13.57 18.89 -6.40
CA LYS A 687 14.97 19.31 -6.55
C LYS A 687 15.74 19.25 -5.24
N PHE A 688 15.14 18.68 -4.20
CA PHE A 688 15.76 18.51 -2.89
C PHE A 688 15.86 17.01 -2.64
N GLU A 689 17.07 16.49 -2.80
CA GLU A 689 17.36 15.09 -2.59
C GLU A 689 16.34 14.19 -3.29
N ASN A 690 16.03 14.56 -4.54
CA ASN A 690 15.18 13.79 -5.43
C ASN A 690 13.77 13.51 -4.89
N GLY A 691 13.25 14.43 -4.08
CA GLY A 691 11.90 14.30 -3.53
C GLY A 691 11.72 13.21 -2.51
N LYS A 692 12.80 12.73 -1.92
CA LYS A 692 12.76 11.63 -0.94
C LYS A 692 12.79 12.06 0.54
N MET A 693 12.73 13.36 0.84
CA MET A 693 12.91 13.87 2.19
C MET A 693 11.95 14.99 2.59
N GLY A 694 10.88 15.20 1.81
CA GLY A 694 9.93 16.27 2.07
C GLY A 694 10.18 17.52 1.26
N ALA A 695 9.57 18.63 1.69
CA ALA A 695 9.66 19.91 1.03
C ALA A 695 10.64 20.80 1.81
N VAL A 696 11.77 21.15 1.18
CA VAL A 696 12.66 22.15 1.79
C VAL A 696 11.91 23.51 1.82
N ASN A 697 12.13 24.29 2.86
CA ASN A 697 11.32 25.49 3.07
C ASN A 697 11.50 26.56 1.99
N GLY A 698 12.74 26.82 1.61
CA GLY A 698 13.06 27.93 0.72
C GLY A 698 13.97 27.47 -0.40
N MET A 699 13.52 27.66 -1.63
CA MET A 699 14.34 27.38 -2.80
C MET A 699 14.42 28.59 -3.72
N ARG A 700 15.63 28.90 -4.21
CA ARG A 700 15.83 29.99 -5.19
C ARG A 700 15.23 29.55 -6.54
N PRO A 701 14.82 30.50 -7.39
CA PRO A 701 14.19 30.11 -8.65
C PRO A 701 15.17 29.44 -9.65
N ASP A 702 16.48 29.55 -9.43
CA ASP A 702 17.44 28.72 -10.18
C ASP A 702 17.55 27.25 -9.71
N GLY A 703 16.76 26.82 -8.72
CA GLY A 703 16.77 25.44 -8.29
C GLY A 703 17.81 25.08 -7.24
N ILE A 704 18.41 26.10 -6.62
CA ILE A 704 19.34 25.86 -5.51
C ILE A 704 18.66 26.30 -4.22
N VAL A 705 18.92 25.59 -3.15
CA VAL A 705 18.27 25.88 -1.87
C VAL A 705 18.72 27.27 -1.38
N ASP A 706 17.75 28.02 -0.88
CA ASP A 706 17.97 29.37 -0.30
C ASP A 706 18.82 29.25 0.97
N GLU A 707 19.91 30.01 1.03
CA GLU A 707 20.88 29.94 2.14
C GLU A 707 20.84 31.11 3.09
N SER A 708 19.87 32.00 2.93
CA SER A 708 19.81 33.19 3.77
C SER A 708 19.60 32.90 5.27
N ASP A 709 19.03 31.74 5.62
CA ASP A 709 18.96 31.28 7.02
C ASP A 709 18.85 29.77 7.07
N ILE A 710 19.31 29.19 8.18
CA ILE A 710 19.19 27.75 8.41
C ILE A 710 17.75 27.20 8.13
N GLN A 711 16.73 27.94 8.52
CA GLN A 711 15.36 27.48 8.41
C GLN A 711 14.92 27.32 6.96
N ALA A 712 15.43 28.17 6.07
CA ALA A 712 15.23 28.01 4.65
C ALA A 712 15.75 26.70 4.08
N GLN A 713 16.78 26.16 4.73
CA GLN A 713 17.49 24.96 4.30
C GLN A 713 16.99 23.71 4.98
N GLU A 714 15.98 23.88 5.85
CA GLU A 714 15.39 22.76 6.56
C GLU A 714 14.09 22.32 5.86
N VAL A 715 13.82 21.02 5.96
CA VAL A 715 12.47 20.51 5.73
C VAL A 715 11.81 20.56 7.09
N TRP A 716 10.60 21.08 7.17
CA TRP A 716 9.83 21.00 8.41
C TRP A 716 8.73 19.95 8.19
N THR A 717 8.78 18.93 9.04
CA THR A 717 7.92 17.76 8.93
C THR A 717 6.43 18.12 8.91
N GLY A 718 6.02 19.03 9.80
CA GLY A 718 4.65 19.48 9.94
C GLY A 718 4.21 20.38 8.81
N VAL A 719 5.15 21.16 8.28
CA VAL A 719 4.87 22.01 7.11
C VAL A 719 4.67 21.12 5.88
N THR A 720 5.48 20.08 5.76
CA THR A 720 5.42 19.20 4.61
C THR A 720 4.14 18.37 4.61
N TYR A 721 3.75 17.86 5.77
CA TYR A 721 2.51 17.08 5.84
C TYR A 721 1.34 17.98 5.54
N ALA A 722 1.38 19.22 6.04
CA ALA A 722 0.31 20.16 5.74
C ALA A 722 0.24 20.51 4.25
N LEU A 723 1.39 20.70 3.63
CA LEU A 723 1.49 20.93 2.20
C LEU A 723 0.88 19.75 1.38
N ALA A 724 1.18 18.52 1.83
CA ALA A 724 0.60 17.32 1.23
C ALA A 724 -0.94 17.34 1.34
N SER A 725 -1.45 17.75 2.50
CA SER A 725 -2.87 17.97 2.68
C SER A 725 -3.45 18.96 1.66
N PHE A 726 -2.78 20.09 1.50
CA PHE A 726 -3.21 21.16 0.58
C PHE A 726 -3.24 20.63 -0.88
N MET A 727 -2.17 19.97 -1.27
CA MET A 727 -2.08 19.34 -2.59
C MET A 727 -3.20 18.33 -2.86
N LYS A 728 -3.50 17.51 -1.85
CA LYS A 728 -4.57 16.53 -1.93
C LYS A 728 -5.95 17.17 -2.12
N TYR A 729 -6.26 18.22 -1.36
CA TYR A 729 -7.54 18.94 -1.56
C TYR A 729 -7.66 19.55 -2.97
N ARG A 730 -6.53 19.96 -3.53
CA ARG A 730 -6.50 20.58 -4.85
C ARG A 730 -6.38 19.55 -5.99
N GLY A 731 -6.60 18.26 -5.70
CA GLY A 731 -6.53 17.21 -6.69
C GLY A 731 -5.16 16.79 -7.16
N MET A 732 -4.09 17.23 -6.49
CA MET A 732 -2.74 16.82 -6.86
C MET A 732 -2.35 15.59 -6.05
N THR A 733 -3.07 14.51 -6.30
CA THR A 733 -3.00 13.31 -5.49
C THR A 733 -1.64 12.67 -5.43
N GLU A 734 -1.05 12.43 -6.60
CA GLU A 734 0.27 11.87 -6.65
C GLU A 734 1.30 12.78 -5.96
N GLU A 735 1.25 14.07 -6.24
CA GLU A 735 2.20 15.01 -5.65
C GLU A 735 2.07 15.03 -4.11
N ALA A 736 0.83 14.97 -3.62
CA ALA A 736 0.54 14.99 -2.21
C ALA A 736 1.15 13.80 -1.49
N TYR A 737 0.85 12.60 -1.96
CA TYR A 737 1.44 11.41 -1.35
C TYR A 737 2.94 11.25 -1.56
N ASN A 738 3.46 11.63 -2.72
CA ASN A 738 4.91 11.60 -2.92
C ASN A 738 5.64 12.57 -1.98
N THR A 739 5.05 13.76 -1.76
CA THR A 739 5.61 14.76 -0.84
C THR A 739 5.65 14.23 0.59
N ALA A 740 4.51 13.77 1.08
CA ALA A 740 4.43 13.14 2.41
C ALA A 740 5.29 11.88 2.60
N TYR A 741 5.43 11.10 1.54
CA TYR A 741 6.19 9.85 1.61
C TYR A 741 7.63 10.05 2.09
N GLY A 742 8.26 11.13 1.64
CA GLY A 742 9.62 11.44 2.11
C GLY A 742 9.69 11.64 3.63
N VAL A 743 8.63 12.20 4.22
CA VAL A 743 8.64 12.41 5.67
C VAL A 743 8.50 11.05 6.36
N TYR A 744 7.53 10.25 5.90
CA TYR A 744 7.40 8.85 6.35
C TYR A 744 8.75 8.09 6.27
N LYS A 745 9.43 8.20 5.14
CA LYS A 745 10.63 7.43 4.85
C LYS A 745 11.79 7.75 5.80
N MET A 746 12.07 9.03 5.93
CA MET A 746 13.03 9.52 6.88
C MET A 746 12.72 9.12 8.32
N THR A 747 11.44 9.15 8.70
CA THR A 747 11.06 8.84 10.08
C THR A 747 11.13 7.36 10.40
N TYR A 748 10.53 6.52 9.53
CA TYR A 748 10.22 5.11 9.83
C TYR A 748 11.00 4.05 9.06
N ASP A 749 11.45 4.37 7.84
CA ASP A 749 12.00 3.37 6.93
C ASP A 749 13.42 3.02 7.28
N LYS A 750 13.83 1.80 6.93
CA LYS A 750 15.23 1.37 7.08
C LYS A 750 16.24 2.34 6.43
N SER A 751 15.85 2.97 5.34
CA SER A 751 16.72 3.92 4.63
C SER A 751 16.68 5.35 5.20
N GLY A 752 15.91 5.56 6.27
CA GLY A 752 15.74 6.87 6.90
C GLY A 752 16.76 7.11 8.00
N LYS A 753 16.40 7.97 8.96
CA LYS A 753 17.35 8.43 9.98
C LYS A 753 16.95 8.02 11.39
N GLY A 754 15.93 7.16 11.52
CA GLY A 754 15.66 6.53 12.82
C GLY A 754 14.96 7.44 13.83
N TYR A 755 13.91 8.13 13.37
CA TYR A 755 13.20 9.09 14.20
C TYR A 755 11.80 8.62 14.67
N TRP A 756 11.54 7.33 14.53
CA TRP A 756 10.28 6.75 14.98
C TRP A 756 10.02 7.04 16.46
N PHE A 757 8.79 7.49 16.74
CA PHE A 757 8.33 7.92 18.06
C PHE A 757 9.16 9.08 18.64
N ARG A 758 9.76 9.88 17.76
CA ARG A 758 10.38 11.13 18.15
C ARG A 758 10.50 12.05 16.97
N THR A 759 9.45 12.12 16.14
CA THR A 759 9.49 12.88 14.90
C THR A 759 9.93 14.32 15.19
N PRO A 760 10.96 14.83 14.48
CA PRO A 760 11.46 16.14 14.82
C PRO A 760 10.75 17.25 14.06
N GLU A 761 10.98 18.48 14.50
CA GLU A 761 10.56 19.66 13.75
C GLU A 761 11.14 19.55 12.34
N ALA A 762 12.46 19.33 12.24
CA ALA A 762 13.19 19.66 11.02
C ALA A 762 14.38 18.78 10.77
N TRP A 763 14.72 18.61 9.49
CA TRP A 763 16.02 18.07 9.11
C TRP A 763 16.61 18.83 7.93
N THR A 764 17.93 18.77 7.84
CA THR A 764 18.66 19.33 6.72
C THR A 764 18.90 18.23 5.68
N LYS A 765 19.47 18.59 4.51
CA LYS A 765 19.70 17.63 3.41
C LYS A 765 20.52 16.42 3.84
N ASP A 766 21.41 16.55 4.81
CA ASP A 766 22.15 15.41 5.35
C ASP A 766 21.31 14.45 6.23
N GLY A 767 20.04 14.79 6.50
CA GLY A 767 19.21 13.94 7.36
C GLY A 767 19.30 14.18 8.85
N ASN A 768 20.20 15.06 9.30
CA ASN A 768 20.32 15.33 10.71
C ASN A 768 19.23 16.32 11.13
N TYR A 769 18.91 16.33 12.42
CA TYR A 769 17.66 16.92 12.88
C TYR A 769 17.78 18.09 13.84
N ARG A 770 16.67 18.79 13.97
CA ARG A 770 16.49 19.75 15.05
C ARG A 770 15.14 19.49 15.75
N ALA A 771 15.21 19.35 17.06
CA ALA A 771 14.08 19.26 17.97
C ALA A 771 13.26 17.99 17.76
N SER A 772 13.79 16.89 18.25
CA SER A 772 13.04 15.64 18.28
C SER A 772 11.82 15.70 19.23
N MET A 773 10.83 14.85 18.99
CA MET A 773 9.57 14.85 19.76
C MET A 773 8.82 16.18 19.64
N TYR A 774 8.35 16.48 18.44
CA TYR A 774 7.83 17.78 18.10
C TYR A 774 6.36 17.74 17.77
N MET A 775 5.62 18.78 18.15
CA MET A 775 4.14 18.81 17.96
C MET A 775 3.71 18.98 16.50
N ARG A 776 4.47 19.79 15.74
CA ARG A 776 4.05 20.13 14.37
C ARG A 776 3.65 18.97 13.41
N PRO A 777 4.38 17.84 13.39
CA PRO A 777 4.01 16.79 12.41
C PRO A 777 2.70 16.06 12.67
N LEU A 778 2.05 16.33 13.81
CA LEU A 778 0.67 15.91 14.02
C LEU A 778 -0.25 16.47 12.92
N SER A 779 0.24 17.46 12.18
CA SER A 779 -0.45 17.94 10.99
C SER A 779 -0.76 16.89 9.91
N ILE A 780 -0.12 15.73 9.96
CA ILE A 780 -0.49 14.63 9.06
C ILE A 780 -2.02 14.37 9.10
N TRP A 781 -2.66 14.58 10.26
CA TRP A 781 -4.10 14.40 10.33
C TRP A 781 -4.93 15.34 9.49
N SER A 782 -4.35 16.46 9.04
CA SER A 782 -5.02 17.32 8.05
C SER A 782 -5.24 16.61 6.71
N MET A 783 -4.49 15.54 6.44
CA MET A 783 -4.70 14.74 5.23
C MET A 783 -5.99 13.91 5.23
N GLU A 784 -6.58 13.74 6.41
CA GLU A 784 -7.84 13.03 6.62
C GLU A 784 -9.10 13.92 6.73
N VAL A 785 -9.00 15.22 6.53
CA VAL A 785 -10.20 16.09 6.63
C VAL A 785 -11.34 15.71 5.62
N ASP B 15 18.98 -14.73 3.19
CA ASP B 15 18.78 -14.02 1.87
C ASP B 15 19.65 -12.74 1.76
N LYS B 16 20.88 -12.92 1.26
CA LYS B 16 21.81 -11.84 0.94
C LYS B 16 21.81 -11.47 -0.56
N ILE B 17 21.09 -12.21 -1.39
CA ILE B 17 21.04 -11.94 -2.84
C ILE B 17 20.05 -10.84 -3.17
N SER B 18 18.93 -10.75 -2.41
CA SER B 18 17.90 -9.68 -2.57
C SER B 18 18.52 -8.31 -2.67
N HIS B 19 19.39 -7.99 -1.72
CA HIS B 19 20.18 -6.73 -1.73
C HIS B 19 20.90 -6.44 -3.08
N LYS B 20 21.38 -7.51 -3.75
CA LYS B 20 22.15 -7.41 -5.02
C LYS B 20 21.33 -7.28 -6.29
N ILE B 21 20.00 -7.42 -6.23
CA ILE B 21 19.15 -7.25 -7.41
C ILE B 21 18.06 -6.25 -7.06
N ASP B 22 17.24 -5.86 -8.01
CA ASP B 22 16.23 -4.86 -7.69
C ASP B 22 14.84 -5.34 -8.08
N ILE B 23 14.19 -5.98 -7.12
CA ILE B 23 12.85 -6.47 -7.29
C ILE B 23 11.92 -5.41 -6.70
N PRO B 24 10.89 -5.00 -7.43
CA PRO B 24 9.95 -4.06 -6.84
C PRO B 24 9.12 -4.67 -5.71
N ASP B 25 8.86 -3.84 -4.72
CA ASP B 25 8.04 -4.23 -3.57
C ASP B 25 6.70 -4.76 -3.93
N SER B 26 6.09 -4.26 -5.01
CA SER B 26 4.79 -4.74 -5.46
C SER B 26 4.80 -6.05 -6.28
N ALA B 27 5.97 -6.64 -6.53
CA ALA B 27 6.03 -7.97 -7.12
C ALA B 27 5.17 -8.97 -6.36
N TRP B 28 4.43 -9.80 -7.07
CA TRP B 28 3.74 -10.94 -6.44
C TRP B 28 4.82 -11.92 -6.02
N THR B 29 4.65 -12.57 -4.88
N THR B 29 4.68 -12.53 -4.84
CA THR B 29 5.69 -13.47 -4.42
CA THR B 29 5.69 -13.44 -4.31
C THR B 29 5.15 -14.74 -3.77
C THR B 29 5.10 -14.77 -3.86
N ILE B 30 5.91 -15.83 -3.93
CA ILE B 30 5.56 -17.15 -3.39
C ILE B 30 6.85 -17.93 -3.18
N GLY B 31 6.84 -18.83 -2.23
CA GLY B 31 8.00 -19.71 -2.01
C GLY B 31 8.18 -20.70 -3.13
N ILE B 32 9.42 -20.93 -3.57
CA ILE B 32 9.71 -22.02 -4.50
C ILE B 32 9.41 -23.32 -3.77
N GLY B 33 8.57 -24.13 -4.39
CA GLY B 33 8.08 -25.35 -3.79
C GLY B 33 6.92 -25.23 -2.83
N GLU B 34 6.35 -24.03 -2.67
CA GLU B 34 5.22 -23.85 -1.75
C GLU B 34 4.00 -24.61 -2.26
N LYS B 35 3.32 -25.27 -1.32
CA LYS B 35 2.03 -25.89 -1.54
C LYS B 35 1.02 -24.83 -1.18
N PHE B 36 -0.07 -24.80 -1.92
CA PHE B 36 -1.12 -23.85 -1.65
C PHE B 36 -2.29 -24.72 -1.29
N LYS B 37 -2.99 -24.42 -0.19
CA LYS B 37 -4.04 -25.30 0.36
C LYS B 37 -5.43 -24.97 -0.14
N ASN B 38 -5.64 -23.73 -0.48
CA ASN B 38 -6.98 -23.25 -0.65
C ASN B 38 -7.54 -23.34 -2.10
N ALA B 39 -6.93 -24.06 -3.05
CA ALA B 39 -7.14 -23.68 -4.49
C ALA B 39 -8.54 -23.97 -4.99
N GLY B 40 -9.10 -23.08 -5.79
CA GLY B 40 -10.42 -23.34 -6.35
C GLY B 40 -10.37 -24.24 -7.57
N HIS B 41 -11.55 -24.66 -7.98
CA HIS B 41 -11.75 -25.59 -9.09
C HIS B 41 -12.99 -25.17 -9.88
N PRO B 42 -13.17 -25.71 -11.08
CA PRO B 42 -14.35 -25.28 -11.85
C PRO B 42 -15.65 -25.70 -11.22
N ASN B 43 -16.66 -24.85 -11.34
CA ASN B 43 -17.95 -25.10 -10.69
C ASN B 43 -19.04 -25.43 -11.72
N VAL B 44 -18.65 -25.82 -12.93
CA VAL B 44 -19.58 -26.12 -14.02
C VAL B 44 -19.73 -27.64 -14.22
N LYS B 45 -20.73 -28.06 -14.97
CA LYS B 45 -21.04 -29.48 -15.20
C LYS B 45 -20.08 -30.20 -16.16
N TYR B 46 -19.83 -29.61 -17.31
CA TYR B 46 -18.94 -30.22 -18.31
C TYR B 46 -17.46 -29.98 -17.95
N PRO B 47 -16.54 -30.82 -18.47
CA PRO B 47 -15.10 -30.65 -18.25
C PRO B 47 -14.64 -29.24 -18.58
N MET B 48 -13.81 -28.66 -17.72
CA MET B 48 -13.31 -27.29 -17.88
C MET B 48 -11.85 -27.28 -17.46
N ILE B 49 -11.04 -26.49 -18.15
CA ILE B 49 -9.60 -26.42 -17.86
C ILE B 49 -9.31 -26.07 -16.39
N ASP B 50 -8.49 -26.89 -15.76
CA ASP B 50 -7.92 -26.62 -14.47
C ASP B 50 -6.49 -27.11 -14.41
N ASP B 51 -5.56 -26.20 -14.64
CA ASP B 51 -4.15 -26.57 -14.67
C ASP B 51 -3.46 -26.47 -13.33
N SER B 52 -4.22 -26.22 -12.23
CA SER B 52 -3.60 -26.11 -10.90
C SER B 52 -3.01 -24.71 -10.70
N TYR B 53 -2.60 -24.46 -9.47
CA TYR B 53 -2.03 -23.20 -9.05
C TYR B 53 -0.54 -23.09 -9.37
N VAL B 54 0.09 -24.11 -9.90
CA VAL B 54 1.53 -24.06 -10.20
C VAL B 54 1.66 -23.39 -11.58
N GLN B 55 1.73 -22.06 -11.52
CA GLN B 55 1.79 -21.17 -12.70
C GLN B 55 2.84 -20.11 -12.49
N GLY B 56 3.16 -19.38 -13.54
CA GLY B 56 4.01 -18.21 -13.41
C GLY B 56 3.77 -17.24 -14.55
N ALA B 57 4.48 -16.14 -14.52
CA ALA B 57 4.34 -15.15 -15.57
C ALA B 57 4.88 -15.73 -16.87
N PRO B 58 4.19 -15.51 -18.01
CA PRO B 58 4.65 -16.09 -19.28
C PRO B 58 5.85 -15.37 -19.90
N LEU B 59 6.52 -16.12 -20.77
CA LEU B 59 7.59 -15.63 -21.61
C LEU B 59 7.12 -15.73 -23.05
N GLY B 60 7.51 -14.74 -23.85
CA GLY B 60 7.14 -14.70 -25.27
C GLY B 60 6.33 -13.46 -25.60
N GLY B 61 6.50 -12.99 -26.84
CA GLY B 61 5.78 -11.84 -27.34
C GLY B 61 4.40 -12.11 -27.89
N PHE B 62 3.75 -11.03 -28.24
CA PHE B 62 2.43 -11.06 -28.84
C PHE B 62 2.51 -11.80 -30.19
N GLY B 63 1.66 -12.81 -30.35
CA GLY B 63 1.62 -13.59 -31.57
C GLY B 63 2.74 -14.58 -31.73
N ALA B 64 3.61 -14.72 -30.73
CA ALA B 64 4.80 -15.53 -30.86
C ALA B 64 4.62 -16.99 -30.41
N GLY B 65 3.54 -17.26 -29.69
CA GLY B 65 3.48 -18.45 -28.87
C GLY B 65 4.13 -18.10 -27.54
N THR B 66 3.52 -18.50 -26.41
CA THR B 66 4.13 -18.20 -25.11
C THR B 66 4.44 -19.50 -24.37
N ILE B 67 5.38 -19.38 -23.42
CA ILE B 67 5.80 -20.46 -22.54
C ILE B 67 5.62 -19.99 -21.09
N GLY B 68 4.80 -20.71 -20.32
CA GLY B 68 4.67 -20.46 -18.92
C GLY B 68 5.67 -21.27 -18.13
N ARG B 69 6.62 -20.57 -17.52
CA ARG B 69 7.55 -21.14 -16.57
C ARG B 69 6.98 -20.85 -15.19
N THR B 70 6.80 -21.89 -14.41
CA THR B 70 6.09 -21.78 -13.14
C THR B 70 7.01 -21.32 -12.01
N TYR B 71 6.39 -20.93 -10.90
CA TYR B 71 7.12 -20.57 -9.69
C TYR B 71 7.98 -21.72 -9.14
N ASN B 72 7.69 -22.96 -9.51
CA ASN B 72 8.57 -24.10 -9.15
C ASN B 72 9.78 -24.29 -10.06
N GLY B 73 9.80 -23.57 -11.18
CA GLY B 73 10.92 -23.60 -12.13
C GLY B 73 10.72 -24.35 -13.44
N GLY B 74 9.66 -25.13 -13.54
CA GLY B 74 9.44 -25.97 -14.72
C GLY B 74 8.82 -25.16 -15.83
N PHE B 75 9.16 -25.54 -17.05
CA PHE B 75 8.52 -24.97 -18.25
C PHE B 75 7.33 -25.85 -18.55
N SER B 76 6.13 -25.38 -18.17
CA SER B 76 4.95 -26.22 -18.02
C SER B 76 3.71 -25.79 -18.75
N ARG B 77 3.50 -24.50 -18.99
CA ARG B 77 2.26 -24.09 -19.65
C ARG B 77 2.53 -23.61 -21.09
N TRP B 78 2.32 -24.51 -22.03
CA TRP B 78 2.76 -24.33 -23.42
C TRP B 78 1.60 -23.78 -24.26
N HIS B 79 1.78 -22.56 -24.71
CA HIS B 79 0.88 -21.90 -25.65
C HIS B 79 1.60 -21.68 -26.98
N LEU B 80 2.52 -22.56 -27.35
CA LEU B 80 3.24 -22.41 -28.61
C LEU B 80 2.40 -22.75 -29.82
N GLU B 81 1.42 -23.63 -29.66
CA GLU B 81 0.42 -23.88 -30.65
C GLU B 81 -0.70 -22.85 -30.45
N ILE B 82 -0.80 -21.91 -31.38
CA ILE B 82 -1.55 -20.68 -31.17
C ILE B 82 -3.02 -21.00 -31.00
N GLY B 83 -3.57 -20.63 -29.86
CA GLY B 83 -4.97 -20.90 -29.55
C GLY B 83 -5.20 -22.08 -28.67
N LYS B 84 -4.12 -22.81 -28.34
CA LYS B 84 -4.22 -24.01 -27.50
C LYS B 84 -3.44 -23.81 -26.20
N ASN B 85 -3.92 -24.47 -25.16
CA ASN B 85 -3.33 -24.47 -23.84
C ASN B 85 -2.94 -25.89 -23.52
N LYS B 86 -1.64 -26.17 -23.36
CA LYS B 86 -1.21 -27.53 -23.05
C LYS B 86 -0.33 -27.47 -21.83
N TYR B 87 -0.81 -28.04 -20.72
CA TYR B 87 -0.03 -27.99 -19.46
C TYR B 87 0.70 -29.31 -19.23
N THR B 88 1.99 -29.29 -19.41
CA THR B 88 2.83 -30.48 -19.21
C THR B 88 4.27 -29.98 -19.00
N THR B 89 4.92 -30.44 -17.94
CA THR B 89 6.30 -30.04 -17.66
C THR B 89 7.27 -30.84 -18.54
N VAL B 90 8.08 -30.13 -19.34
CA VAL B 90 9.07 -30.78 -20.14
C VAL B 90 10.30 -30.82 -19.24
N TYR B 91 10.55 -31.99 -18.65
CA TYR B 91 11.51 -32.06 -17.54
C TYR B 91 12.95 -31.72 -17.94
N ALA B 92 13.33 -31.99 -19.20
CA ALA B 92 14.68 -31.66 -19.63
C ALA B 92 14.96 -30.15 -19.65
N ASN B 93 13.92 -29.32 -19.63
CA ASN B 93 14.07 -27.85 -19.73
C ASN B 93 14.30 -27.25 -18.35
N GLN B 94 15.53 -26.90 -18.03
CA GLN B 94 15.86 -26.47 -16.66
C GLN B 94 17.08 -25.60 -16.61
N PHE B 95 17.20 -24.86 -15.52
CA PHE B 95 18.49 -24.42 -15.03
C PHE B 95 18.94 -25.29 -13.88
N SER B 96 20.24 -25.56 -13.84
CA SER B 96 20.89 -26.36 -12.82
C SER B 96 22.14 -25.64 -12.36
N VAL B 97 22.60 -25.97 -11.14
CA VAL B 97 23.76 -25.29 -10.54
C VAL B 97 24.73 -26.32 -9.99
N PHE B 98 26.01 -26.02 -10.12
CA PHE B 98 27.06 -26.81 -9.48
C PHE B 98 27.85 -25.82 -8.62
N GLN B 99 28.17 -26.20 -7.39
CA GLN B 99 29.03 -25.37 -6.53
C GLN B 99 30.00 -26.24 -5.77
N LYS B 100 31.23 -25.76 -5.67
CA LYS B 100 32.27 -26.40 -4.89
C LYS B 100 33.11 -25.35 -4.16
N VAL B 101 33.19 -25.51 -2.84
CA VAL B 101 33.99 -24.63 -2.02
C VAL B 101 35.47 -24.98 -2.26
N GLU B 102 36.28 -23.97 -2.52
CA GLU B 102 37.71 -24.22 -2.79
C GLU B 102 38.34 -24.91 -1.56
N GLY B 103 39.02 -26.01 -1.78
CA GLY B 103 39.54 -26.84 -0.69
C GLY B 103 38.81 -28.14 -0.46
N ASN B 104 37.49 -28.17 -0.71
CA ASN B 104 36.71 -29.41 -0.55
C ASN B 104 36.95 -30.38 -1.69
N LYS B 105 36.73 -31.65 -1.39
CA LYS B 105 36.94 -32.73 -2.36
C LYS B 105 35.87 -32.71 -3.44
N ASP B 106 34.60 -32.60 -3.04
CA ASP B 106 33.48 -32.64 -3.99
C ASP B 106 32.59 -31.41 -3.89
N GLY B 107 31.99 -31.05 -5.02
CA GLY B 107 30.94 -30.04 -5.07
C GLY B 107 29.57 -30.67 -5.06
N VAL B 108 28.54 -29.84 -5.16
CA VAL B 108 27.16 -30.34 -5.25
C VAL B 108 26.55 -29.82 -6.56
N ALA B 109 25.65 -30.61 -7.12
CA ALA B 109 24.98 -30.27 -8.37
C ALA B 109 23.50 -30.51 -8.18
N GLN B 110 22.67 -29.52 -8.52
CA GLN B 110 21.24 -29.52 -8.19
C GLN B 110 20.45 -28.90 -9.35
N VAL B 111 19.41 -29.57 -9.79
CA VAL B 111 18.45 -28.98 -10.73
C VAL B 111 17.59 -27.97 -9.93
N LEU B 112 17.37 -26.79 -10.49
CA LEU B 112 16.59 -25.75 -9.84
C LEU B 112 15.11 -25.92 -10.20
N TYR B 113 14.55 -27.06 -9.78
CA TYR B 113 13.18 -27.41 -10.00
C TYR B 113 12.64 -28.10 -8.77
N ALA B 114 11.57 -27.56 -8.20
CA ALA B 114 11.01 -28.12 -6.96
C ALA B 114 10.04 -29.19 -7.38
N GLY B 115 10.57 -30.33 -7.79
CA GLY B 115 9.76 -31.45 -8.27
C GLY B 115 10.68 -32.49 -8.91
N GLU B 116 10.10 -33.49 -9.53
CA GLU B 116 10.88 -34.51 -10.22
C GLU B 116 10.05 -35.07 -11.36
N PRO B 117 10.67 -35.79 -12.32
CA PRO B 117 9.90 -36.40 -13.40
C PRO B 117 8.92 -37.48 -12.90
N GLU B 118 7.89 -37.75 -13.69
CA GLU B 118 6.94 -38.82 -13.41
C GLU B 118 7.55 -40.21 -13.69
N ASN B 119 8.10 -40.38 -14.89
CA ASN B 119 8.81 -41.63 -15.23
C ASN B 119 10.29 -41.60 -14.84
N GLY B 120 11.06 -42.54 -15.39
CA GLY B 120 12.47 -42.74 -15.05
C GLY B 120 13.43 -42.00 -15.93
N TYR B 121 12.91 -41.15 -16.84
CA TYR B 121 13.82 -40.34 -17.65
C TYR B 121 14.49 -39.30 -16.75
N LEU B 122 15.76 -39.09 -17.02
CA LEU B 122 16.59 -38.14 -16.30
C LEU B 122 16.73 -38.50 -14.80
N SER B 123 16.65 -39.79 -14.48
CA SER B 123 16.80 -40.21 -13.07
C SER B 123 18.20 -39.91 -12.51
N SER B 124 19.20 -39.71 -13.35
CA SER B 124 20.54 -39.39 -12.87
C SER B 124 20.66 -37.96 -12.36
N TRP B 125 19.76 -37.08 -12.77
CA TRP B 125 19.86 -35.67 -12.35
C TRP B 125 19.39 -35.53 -10.89
N LYS B 126 19.84 -34.48 -10.23
CA LYS B 126 19.45 -34.22 -8.83
C LYS B 126 18.20 -33.33 -8.78
N TRP B 127 17.07 -33.96 -8.51
CA TRP B 127 15.79 -33.33 -8.52
C TRP B 127 15.41 -32.73 -7.14
N ASP B 128 14.16 -32.33 -7.02
CA ASP B 128 13.55 -31.91 -5.74
C ASP B 128 14.29 -30.79 -5.05
N TYR B 129 14.42 -29.66 -5.73
CA TYR B 129 14.94 -28.48 -5.09
C TYR B 129 14.15 -28.26 -3.79
N PRO B 130 14.85 -28.08 -2.66
CA PRO B 130 14.12 -28.18 -1.38
C PRO B 130 13.24 -26.97 -1.08
N LYS B 131 12.22 -27.19 -0.26
CA LYS B 131 11.37 -26.11 0.24
C LYS B 131 12.15 -25.12 1.08
N GLU B 132 11.56 -23.95 1.26
CA GLU B 132 12.09 -22.87 2.11
C GLU B 132 13.51 -22.45 1.76
N SER B 133 13.85 -22.56 0.48
CA SER B 133 15.20 -22.32 0.00
C SER B 133 15.22 -21.36 -1.21
N GLY B 134 14.21 -20.49 -1.28
CA GLY B 134 14.10 -19.52 -2.35
C GLY B 134 12.70 -19.05 -2.64
N MET B 135 12.62 -17.99 -3.43
CA MET B 135 11.36 -17.33 -3.70
C MET B 135 11.22 -16.99 -5.18
N TYR B 136 9.97 -16.90 -5.62
CA TYR B 136 9.63 -16.48 -6.95
C TYR B 136 8.94 -15.14 -6.80
N TYR B 137 9.21 -14.26 -7.75
CA TYR B 137 8.63 -12.93 -7.77
C TYR B 137 8.13 -12.62 -9.17
N ALA B 138 7.02 -11.88 -9.27
CA ALA B 138 6.51 -11.50 -10.58
C ALA B 138 5.91 -10.13 -10.61
N LEU B 139 6.33 -9.37 -11.61
CA LEU B 139 5.68 -8.12 -11.98
C LEU B 139 5.79 -7.99 -13.50
N TYR B 140 4.80 -8.59 -14.16
CA TYR B 140 4.80 -8.79 -15.59
C TYR B 140 5.18 -7.50 -16.35
N PRO B 141 6.10 -7.54 -17.32
CA PRO B 141 6.68 -8.74 -17.95
C PRO B 141 7.92 -9.37 -17.30
N ASN B 142 8.35 -8.88 -16.14
CA ASN B 142 9.46 -9.45 -15.42
C ASN B 142 9.00 -10.50 -14.40
N SER B 143 9.84 -11.52 -14.22
CA SER B 143 9.80 -12.37 -13.06
C SER B 143 11.19 -12.69 -12.57
N TRP B 144 11.28 -13.12 -11.31
CA TRP B 144 12.56 -13.43 -10.70
C TRP B 144 12.47 -14.70 -9.85
N TYR B 145 13.60 -15.41 -9.75
CA TYR B 145 13.76 -16.46 -8.74
C TYR B 145 15.01 -16.12 -7.94
N THR B 146 14.95 -16.34 -6.62
CA THR B 146 16.15 -16.27 -5.74
C THR B 146 16.38 -17.63 -5.10
N TYR B 147 17.64 -18.01 -4.91
CA TYR B 147 18.01 -19.30 -4.40
C TYR B 147 18.88 -19.09 -3.15
N THR B 148 18.35 -19.50 -2.00
CA THR B 148 18.96 -19.23 -0.71
C THR B 148 18.92 -20.53 0.02
N ASN B 149 19.91 -21.35 -0.22
CA ASN B 149 19.91 -22.74 0.14
C ASN B 149 21.13 -22.97 1.02
N LYS B 150 20.94 -23.63 2.17
CA LYS B 150 22.08 -23.87 3.07
C LYS B 150 23.24 -24.68 2.43
N ASP B 151 22.97 -25.50 1.42
CA ASP B 151 24.02 -26.20 0.69
C ASP B 151 24.56 -25.49 -0.56
N LEU B 152 24.16 -24.25 -0.78
CA LEU B 152 24.70 -23.45 -1.87
C LEU B 152 25.30 -22.19 -1.26
N PRO B 153 26.61 -22.22 -0.96
CA PRO B 153 27.19 -21.04 -0.34
C PRO B 153 27.13 -19.78 -1.19
N VAL B 154 27.22 -19.91 -2.51
CA VAL B 154 27.02 -18.76 -3.37
C VAL B 154 25.51 -18.61 -3.59
N GLN B 155 25.02 -17.40 -3.34
CA GLN B 155 23.60 -17.14 -3.54
C GLN B 155 23.37 -16.66 -4.99
N LEU B 156 22.23 -17.06 -5.54
CA LEU B 156 21.92 -16.81 -6.93
C LEU B 156 20.53 -16.25 -7.06
N ALA B 157 20.37 -15.44 -8.09
CA ALA B 157 19.06 -14.97 -8.54
C ALA B 157 19.04 -14.86 -10.04
N VAL B 158 17.86 -14.92 -10.61
CA VAL B 158 17.67 -14.70 -12.04
C VAL B 158 16.50 -13.78 -12.22
N LYS B 159 16.64 -12.85 -13.16
CA LYS B 159 15.57 -12.02 -13.66
C LYS B 159 15.28 -12.52 -15.07
N GLN B 160 14.02 -12.90 -15.31
CA GLN B 160 13.60 -13.39 -16.63
C GLN B 160 12.46 -12.56 -17.19
N PHE B 161 12.52 -12.34 -18.50
CA PHE B 161 11.53 -11.49 -19.17
C PHE B 161 11.62 -11.60 -20.68
N SER B 162 10.57 -11.11 -21.31
CA SER B 162 10.50 -10.88 -22.74
C SER B 162 10.21 -9.38 -22.93
N PRO B 163 10.65 -8.79 -24.06
CA PRO B 163 10.54 -7.33 -24.21
C PRO B 163 9.13 -6.88 -24.65
N ILE B 164 8.21 -6.90 -23.70
CA ILE B 164 6.84 -6.45 -23.88
C ILE B 164 6.82 -4.96 -23.54
N ILE B 165 6.62 -4.11 -24.54
CA ILE B 165 6.86 -2.64 -24.40
C ILE B 165 5.76 -1.84 -25.08
N PRO B 166 4.94 -1.11 -24.30
CA PRO B 166 3.90 -0.25 -24.88
C PRO B 166 4.42 0.66 -25.99
N TYR B 167 3.59 0.87 -27.00
CA TYR B 167 3.90 1.69 -28.19
C TYR B 167 5.04 1.10 -29.04
N ASN B 168 5.41 -0.15 -28.80
CA ASN B 168 6.43 -0.83 -29.56
C ASN B 168 5.76 -2.10 -30.12
N TYR B 169 5.79 -2.23 -31.44
CA TYR B 169 5.13 -3.34 -32.14
C TYR B 169 6.14 -4.30 -32.72
N LYS B 170 7.41 -4.12 -32.40
CA LYS B 170 8.49 -4.92 -33.00
C LYS B 170 9.02 -5.94 -31.99
N GLU B 171 9.84 -5.49 -31.05
CA GLU B 171 10.37 -6.36 -29.97
C GLU B 171 9.26 -7.07 -29.18
N THR B 172 8.15 -6.36 -28.99
CA THR B 172 6.93 -6.92 -28.35
C THR B 172 6.39 -8.20 -29.01
N SER B 173 6.69 -8.39 -30.32
CA SER B 173 6.33 -9.61 -31.06
C SER B 173 7.29 -10.79 -30.93
N TYR B 174 8.46 -10.58 -30.33
CA TYR B 174 9.56 -11.53 -30.45
C TYR B 174 9.35 -12.82 -29.64
N PRO B 175 9.68 -13.98 -30.22
CA PRO B 175 9.61 -15.24 -29.54
C PRO B 175 10.95 -15.46 -28.82
N VAL B 176 11.14 -14.74 -27.73
CA VAL B 176 12.40 -14.72 -27.05
C VAL B 176 12.24 -14.41 -25.57
N ALA B 177 13.17 -14.95 -24.77
CA ALA B 177 13.26 -14.68 -23.35
C ALA B 177 14.71 -14.54 -22.94
N VAL B 178 14.96 -13.64 -21.99
CA VAL B 178 16.27 -13.42 -21.41
C VAL B 178 16.24 -13.89 -19.97
N PHE B 179 17.34 -14.50 -19.53
CA PHE B 179 17.51 -14.96 -18.15
C PHE B 179 18.81 -14.33 -17.65
N LYS B 180 18.70 -13.26 -16.86
CA LYS B 180 19.85 -12.50 -16.38
C LYS B 180 20.15 -12.97 -14.96
N TRP B 181 21.22 -13.73 -14.83
CA TRP B 181 21.65 -14.29 -13.56
C TRP B 181 22.59 -13.34 -12.83
N THR B 182 22.40 -13.29 -11.51
CA THR B 182 23.31 -12.61 -10.59
C THR B 182 23.76 -13.66 -9.58
N ALA B 183 25.08 -13.73 -9.34
CA ALA B 183 25.66 -14.65 -8.36
C ALA B 183 26.53 -13.84 -7.37
N TYR B 184 26.37 -14.15 -6.09
CA TYR B 184 27.08 -13.42 -5.02
C TYR B 184 27.60 -14.39 -3.97
N ASN B 185 28.86 -14.21 -3.57
CA ASN B 185 29.52 -15.04 -2.56
C ASN B 185 29.60 -14.27 -1.21
N PRO B 186 28.67 -14.56 -0.28
CA PRO B 186 28.73 -13.92 1.03
C PRO B 186 29.74 -14.61 2.01
N THR B 187 30.33 -15.74 1.65
CA THR B 187 31.21 -16.50 2.54
C THR B 187 32.62 -15.95 2.48
N ASN B 188 33.49 -16.52 3.32
CA ASN B 188 34.92 -16.12 3.39
C ASN B 188 35.87 -17.01 2.56
N LYS B 189 35.32 -17.96 1.77
CA LYS B 189 36.11 -18.83 0.89
C LYS B 189 35.73 -18.67 -0.57
N ASN B 190 36.70 -18.90 -1.45
CA ASN B 190 36.47 -19.00 -2.90
C ASN B 190 35.54 -20.14 -3.21
N VAL B 191 34.64 -19.92 -4.16
CA VAL B 191 33.67 -20.93 -4.56
C VAL B 191 33.64 -20.99 -6.08
N ASP B 192 33.76 -22.22 -6.59
CA ASP B 192 33.57 -22.48 -8.01
C ASP B 192 32.11 -22.74 -8.25
N VAL B 193 31.56 -22.05 -9.24
CA VAL B 193 30.13 -22.09 -9.55
C VAL B 193 29.94 -22.38 -11.05
N SER B 194 28.98 -23.25 -11.36
CA SER B 194 28.48 -23.34 -12.74
C SER B 194 26.97 -23.24 -12.76
N ILE B 195 26.48 -22.62 -13.81
CA ILE B 195 25.04 -22.51 -14.13
C ILE B 195 24.84 -23.11 -15.51
N MET B 196 23.92 -24.08 -15.64
CA MET B 196 23.69 -24.81 -16.87
C MET B 196 22.23 -24.72 -17.27
N PHE B 197 22.01 -24.33 -18.54
CA PHE B 197 20.68 -24.28 -19.16
C PHE B 197 20.59 -25.52 -20.03
N THR B 198 19.58 -26.36 -19.79
CA THR B 198 19.29 -27.52 -20.66
C THR B 198 17.98 -27.29 -21.33
N TRP B 199 17.85 -27.77 -22.56
CA TRP B 199 16.59 -27.62 -23.30
C TRP B 199 16.42 -28.80 -24.24
N GLN B 200 15.20 -29.33 -24.28
CA GLN B 200 14.89 -30.41 -25.20
C GLN B 200 14.65 -29.82 -26.58
N ASN B 201 15.15 -30.50 -27.62
CA ASN B 201 14.77 -30.19 -29.00
C ASN B 201 13.31 -30.57 -29.13
N MET B 202 12.47 -29.56 -29.09
CA MET B 202 11.03 -29.77 -29.02
C MET B 202 10.34 -29.75 -30.37
N ILE B 203 11.11 -29.79 -31.45
CA ILE B 203 10.47 -29.88 -32.74
C ILE B 203 9.68 -31.18 -32.81
N GLY B 204 8.41 -31.07 -33.22
CA GLY B 204 7.50 -32.20 -33.19
C GLY B 204 6.72 -32.40 -31.88
N PHE B 205 6.99 -31.59 -30.88
CA PHE B 205 6.20 -31.59 -29.63
C PHE B 205 4.73 -31.35 -29.91
N PHE B 206 4.42 -30.51 -30.90
CA PHE B 206 3.06 -30.39 -31.45
C PHE B 206 3.11 -30.34 -32.96
N GLY B 207 1.96 -30.62 -33.58
CA GLY B 207 1.75 -30.41 -34.99
C GLY B 207 2.25 -31.52 -35.90
N LYS B 208 2.90 -32.55 -35.34
CA LYS B 208 3.48 -33.61 -36.15
C LYS B 208 2.71 -34.89 -35.84
N GLN B 209 2.18 -35.51 -36.88
CA GLN B 209 1.25 -36.64 -36.72
C GLN B 209 1.95 -37.93 -36.30
N VAL B 210 3.12 -38.20 -36.91
CA VAL B 210 3.88 -39.46 -36.71
C VAL B 210 5.37 -39.14 -36.53
N ASN B 211 6.13 -40.07 -35.93
CA ASN B 211 7.59 -40.00 -35.85
C ASN B 211 8.07 -38.65 -35.27
N VAL B 212 7.64 -38.36 -34.05
CA VAL B 212 7.68 -36.99 -33.54
C VAL B 212 9.07 -36.40 -33.34
N ASN B 213 10.07 -37.24 -33.12
CA ASN B 213 11.46 -36.78 -33.00
C ASN B 213 12.27 -36.95 -34.28
N SER B 214 11.72 -37.59 -35.29
CA SER B 214 12.53 -38.04 -36.41
C SER B 214 13.10 -36.87 -37.20
N GLY B 215 14.41 -36.89 -37.38
CA GLY B 215 15.12 -35.86 -38.11
C GLY B 215 15.59 -34.68 -37.25
N ASN B 216 15.24 -34.68 -35.96
CA ASN B 216 15.72 -33.63 -35.06
C ASN B 216 17.22 -33.72 -34.90
N PHE B 217 17.88 -32.57 -34.90
CA PHE B 217 19.31 -32.51 -34.71
C PHE B 217 19.69 -31.18 -34.05
N ASN B 218 20.84 -31.19 -33.38
CA ASN B 218 21.33 -30.03 -32.64
C ASN B 218 22.68 -29.58 -33.17
N LYS B 219 22.87 -28.28 -33.27
CA LYS B 219 24.15 -27.74 -33.64
C LYS B 219 24.56 -26.63 -32.71
N ILE B 220 25.86 -26.40 -32.64
CA ILE B 220 26.42 -25.36 -31.78
C ILE B 220 26.92 -24.21 -32.64
N ILE B 221 26.56 -22.99 -32.26
CA ILE B 221 27.03 -21.76 -32.91
C ILE B 221 27.93 -21.05 -31.94
N LYS B 222 29.09 -20.61 -32.42
CA LYS B 222 30.02 -19.80 -31.64
C LYS B 222 30.24 -18.54 -32.42
N ASP B 223 29.68 -17.44 -31.95
CA ASP B 223 29.75 -16.16 -32.62
C ASP B 223 30.73 -15.28 -31.86
N LYS B 224 31.93 -15.10 -32.40
CA LYS B 224 33.01 -14.35 -31.74
C LYS B 224 33.27 -13.00 -32.39
N SER B 225 32.32 -12.07 -32.38
CA SER B 225 32.59 -10.68 -32.81
C SER B 225 33.26 -9.91 -31.67
N LYS B 226 34.57 -9.63 -31.80
CA LYS B 226 35.41 -8.91 -30.79
C LYS B 226 34.65 -8.22 -29.62
N ASP B 227 34.98 -8.64 -28.39
CA ASP B 227 34.28 -8.22 -27.14
C ASP B 227 32.82 -8.70 -27.07
N SER B 228 32.46 -9.76 -27.79
CA SER B 228 31.07 -10.23 -27.80
C SER B 228 30.93 -11.70 -28.23
N GLU B 229 31.51 -12.62 -27.45
CA GLU B 229 31.30 -14.04 -27.70
C GLU B 229 29.95 -14.55 -27.22
N ILE B 230 29.20 -15.11 -28.15
CA ILE B 230 28.00 -15.87 -27.85
C ILE B 230 28.18 -17.36 -28.21
N VAL B 231 27.75 -18.26 -27.33
CA VAL B 231 27.72 -19.68 -27.63
C VAL B 231 26.30 -20.13 -27.46
N ALA B 232 25.78 -20.80 -28.50
CA ALA B 232 24.38 -21.21 -28.53
C ALA B 232 24.22 -22.58 -29.13
N ALA B 233 23.17 -23.25 -28.71
CA ALA B 233 22.68 -24.46 -29.38
C ALA B 233 21.49 -24.08 -30.24
N VAL B 234 21.42 -24.64 -31.44
CA VAL B 234 20.26 -24.51 -32.32
C VAL B 234 19.69 -25.91 -32.52
N MET B 235 18.43 -26.06 -32.15
CA MET B 235 17.77 -27.33 -32.07
C MET B 235 16.69 -27.32 -33.12
N GLY B 236 16.93 -28.06 -34.20
CA GLY B 236 16.00 -28.05 -35.33
C GLY B 236 15.77 -29.42 -35.91
N ASN B 237 15.43 -29.46 -37.20
CA ASN B 237 15.11 -30.71 -37.90
C ASN B 237 15.75 -30.64 -39.31
N ILE B 238 16.21 -31.77 -39.84
CA ILE B 238 16.86 -31.78 -41.18
C ILE B 238 15.95 -31.36 -42.32
N SER B 239 14.64 -31.44 -42.11
CA SER B 239 13.66 -31.06 -43.10
C SER B 239 13.66 -29.56 -43.33
N ASN B 240 13.59 -29.13 -44.61
CA ASN B 240 13.40 -27.73 -44.99
C ASN B 240 11.96 -27.42 -45.33
N ASP B 241 11.04 -28.31 -44.97
CA ASP B 241 9.60 -28.07 -45.16
C ASP B 241 9.06 -26.89 -44.35
N ASN B 242 8.01 -26.28 -44.87
CA ASN B 242 7.44 -25.09 -44.31
C ASN B 242 6.10 -25.51 -43.76
N GLU B 243 6.14 -25.96 -42.50
CA GLU B 243 4.96 -26.47 -41.80
C GLU B 243 4.92 -25.95 -40.39
N GLU B 244 3.72 -26.01 -39.80
CA GLU B 244 3.48 -25.54 -38.43
C GLU B 244 4.47 -26.18 -37.48
N TRP B 245 4.82 -27.45 -37.70
CA TRP B 245 5.65 -28.15 -36.72
C TRP B 245 7.13 -27.81 -36.81
N ASN B 246 7.58 -27.27 -37.95
CA ASN B 246 9.00 -27.16 -38.20
C ASN B 246 9.54 -25.76 -37.89
N GLY B 247 10.78 -25.74 -37.45
CA GLY B 247 11.43 -24.53 -37.05
C GLY B 247 12.64 -24.87 -36.20
N GLU B 248 12.99 -23.94 -35.29
CA GLU B 248 14.14 -24.11 -34.42
C GLU B 248 13.89 -23.53 -33.03
N TYR B 249 14.47 -24.18 -32.02
CA TYR B 249 14.67 -23.61 -30.70
C TYR B 249 16.16 -23.28 -30.54
N SER B 250 16.45 -22.21 -29.80
CA SER B 250 17.83 -21.96 -29.45
C SER B 250 17.94 -21.55 -27.98
N ILE B 251 19.01 -22.00 -27.34
CA ILE B 251 19.41 -21.51 -26.03
C ILE B 251 20.88 -21.12 -26.11
N GLY B 252 21.26 -20.12 -25.34
CA GLY B 252 22.66 -19.69 -25.33
C GLY B 252 23.00 -18.73 -24.25
N VAL B 253 24.26 -18.30 -24.27
CA VAL B 253 24.81 -17.44 -23.26
C VAL B 253 25.81 -16.49 -23.91
N LYS B 254 25.95 -15.30 -23.33
CA LYS B 254 26.98 -14.35 -23.75
C LYS B 254 28.14 -14.38 -22.76
N LYS B 255 29.35 -14.42 -23.26
CA LYS B 255 30.54 -14.42 -22.40
C LYS B 255 30.69 -13.06 -21.69
N VAL B 256 31.01 -13.11 -20.39
CA VAL B 256 31.33 -11.93 -19.62
C VAL B 256 32.71 -12.17 -18.99
N PRO B 257 33.40 -11.08 -18.60
CA PRO B 257 34.68 -11.26 -17.92
C PRO B 257 34.58 -12.14 -16.65
N GLY B 258 35.51 -13.08 -16.51
CA GLY B 258 35.55 -13.98 -15.37
C GLY B 258 34.81 -15.29 -15.53
N VAL B 259 34.13 -15.55 -16.64
CA VAL B 259 33.40 -16.82 -16.81
C VAL B 259 33.90 -17.57 -18.05
N ASP B 260 33.87 -18.88 -17.99
CA ASP B 260 34.16 -19.73 -19.13
C ASP B 260 32.85 -20.38 -19.54
N ILE B 261 32.72 -20.68 -20.81
CA ILE B 261 31.52 -21.31 -21.34
C ILE B 261 31.86 -22.75 -21.72
N SER B 262 30.99 -23.70 -21.39
CA SER B 262 31.08 -25.06 -21.93
C SER B 262 29.71 -25.48 -22.45
N TYR B 263 29.69 -26.55 -23.23
CA TYR B 263 28.46 -26.98 -23.87
C TYR B 263 28.43 -28.45 -24.12
N LYS B 264 27.24 -28.94 -24.39
CA LYS B 264 27.07 -30.27 -24.95
C LYS B 264 25.96 -30.26 -25.95
N ALA B 265 26.28 -30.58 -27.20
CA ALA B 265 25.30 -30.47 -28.28
C ALA B 265 24.11 -31.43 -28.18
N LYS B 266 24.36 -32.65 -27.72
CA LYS B 266 23.34 -33.71 -27.81
C LYS B 266 23.41 -34.59 -26.59
N PHE B 267 22.35 -34.58 -25.77
CA PHE B 267 22.14 -35.61 -24.77
C PHE B 267 20.75 -36.15 -25.02
N VAL B 268 20.51 -37.37 -24.55
CA VAL B 268 19.27 -38.05 -24.85
C VAL B 268 18.27 -37.72 -23.73
N THR B 269 17.12 -37.13 -24.09
CA THR B 269 16.09 -36.79 -23.10
C THR B 269 15.23 -38.00 -22.71
N THR B 270 15.15 -38.99 -23.59
CA THR B 270 14.40 -40.22 -23.31
C THR B 270 15.39 -41.30 -22.84
N GLY B 271 16.19 -40.95 -21.85
CA GLY B 271 17.20 -41.82 -21.29
C GLY B 271 17.43 -41.34 -19.86
N ASP B 272 18.46 -41.87 -19.19
CA ASP B 272 18.66 -41.55 -17.79
C ASP B 272 19.35 -40.21 -17.54
N GLY B 273 19.83 -39.57 -18.60
CA GLY B 273 20.42 -38.24 -18.47
C GLY B 273 21.84 -38.20 -18.01
N SER B 274 22.48 -39.36 -17.80
CA SER B 274 23.81 -39.41 -17.20
C SER B 274 24.88 -39.03 -18.22
N ASP B 275 24.61 -39.22 -19.51
CA ASP B 275 25.49 -38.69 -20.57
C ASP B 275 25.87 -37.21 -20.36
N LEU B 276 24.89 -36.41 -19.91
CA LEU B 276 25.14 -35.03 -19.49
C LEU B 276 25.55 -34.91 -18.01
N TRP B 277 24.78 -35.53 -17.11
CA TRP B 277 24.94 -35.27 -15.69
C TRP B 277 26.26 -35.74 -15.11
N HIS B 278 26.81 -36.84 -15.63
N HIS B 278 26.80 -36.86 -15.60
CA HIS B 278 28.14 -37.34 -15.20
CA HIS B 278 28.11 -37.34 -15.16
C HIS B 278 29.23 -36.30 -15.39
C HIS B 278 29.19 -36.27 -15.35
N GLU B 279 29.06 -35.43 -16.39
CA GLU B 279 30.01 -34.33 -16.63
C GLU B 279 29.75 -33.17 -15.67
N PHE B 280 28.51 -32.71 -15.65
CA PHE B 280 28.13 -31.53 -14.88
C PHE B 280 28.38 -31.74 -13.38
N SER B 281 28.06 -32.94 -12.85
CA SER B 281 28.18 -33.16 -11.40
C SER B 281 29.63 -33.41 -10.90
N LYS B 282 30.56 -33.60 -11.83
CA LYS B 282 31.95 -33.77 -11.47
C LYS B 282 32.58 -32.43 -11.12
N ASN B 283 32.60 -31.51 -12.07
CA ASN B 283 33.21 -30.20 -11.91
C ASN B 283 32.46 -29.05 -12.55
N GLY B 284 31.20 -29.23 -12.94
CA GLY B 284 30.41 -28.14 -13.54
C GLY B 284 30.85 -27.76 -14.95
N ILE B 285 31.56 -28.65 -15.63
CA ILE B 285 32.13 -28.35 -16.93
C ILE B 285 31.74 -29.46 -17.89
N LEU B 286 31.21 -29.08 -19.05
CA LEU B 286 30.70 -30.05 -20.01
C LEU B 286 31.76 -30.39 -21.04
N ASP B 287 31.49 -31.42 -21.83
CA ASP B 287 32.50 -32.00 -22.75
C ASP B 287 32.80 -31.19 -24.03
N ASN B 288 32.03 -30.16 -24.34
CA ASN B 288 32.18 -29.37 -25.58
C ASN B 288 32.09 -30.24 -26.82
N LYS B 289 31.27 -31.27 -26.76
CA LYS B 289 31.16 -32.23 -27.81
C LYS B 289 30.07 -31.81 -28.79
N ASP B 290 30.49 -31.48 -30.00
CA ASP B 290 29.58 -31.24 -31.13
C ASP B 290 29.16 -32.57 -31.70
N ASP B 291 27.90 -32.65 -32.13
CA ASP B 291 27.38 -33.85 -32.78
C ASP B 291 26.07 -33.53 -33.46
N GLU B 292 26.08 -33.42 -34.78
CA GLU B 292 24.89 -33.08 -35.52
C GLU B 292 24.09 -34.29 -35.99
N THR B 293 24.35 -35.46 -35.44
CA THR B 293 23.66 -36.67 -35.89
C THR B 293 22.16 -36.55 -35.59
N PRO B 294 21.30 -36.69 -36.62
CA PRO B 294 19.90 -36.58 -36.34
C PRO B 294 19.39 -37.80 -35.58
N THR B 295 18.35 -37.60 -34.78
CA THR B 295 17.78 -38.68 -34.01
C THR B 295 16.66 -39.32 -34.82
N LYS B 296 16.27 -40.53 -34.43
CA LYS B 296 15.11 -41.20 -35.04
C LYS B 296 13.96 -41.28 -34.03
N GLN B 297 14.08 -42.16 -33.05
CA GLN B 297 13.03 -42.35 -32.06
C GLN B 297 13.29 -41.57 -30.76
N ASP B 298 14.54 -41.47 -30.32
CA ASP B 298 14.88 -40.85 -29.06
C ASP B 298 14.67 -39.33 -29.07
N GLY B 299 14.24 -38.78 -27.94
CA GLY B 299 14.24 -37.33 -27.76
C GLY B 299 15.67 -36.89 -27.44
N ILE B 300 16.04 -35.72 -27.93
CA ILE B 300 17.35 -35.13 -27.71
C ILE B 300 17.25 -33.68 -27.21
N GLY B 301 18.34 -33.20 -26.63
CA GLY B 301 18.40 -31.87 -26.04
C GLY B 301 19.84 -31.36 -26.07
N SER B 302 20.01 -30.07 -25.76
CA SER B 302 21.33 -29.48 -25.70
C SER B 302 21.52 -28.83 -24.34
N ALA B 303 22.77 -28.56 -24.01
CA ALA B 303 23.10 -27.89 -22.76
C ALA B 303 24.17 -26.83 -22.98
N ILE B 304 24.01 -25.70 -22.32
CA ILE B 304 24.94 -24.57 -22.36
C ILE B 304 25.23 -24.20 -20.90
N ALA B 305 26.51 -24.20 -20.51
CA ALA B 305 26.89 -23.89 -19.15
C ALA B 305 27.93 -22.78 -19.11
N VAL B 306 27.95 -22.07 -17.97
CA VAL B 306 29.06 -21.19 -17.64
C VAL B 306 29.65 -21.71 -16.33
N ASN B 307 30.96 -21.54 -16.18
CA ASN B 307 31.63 -21.81 -14.90
C ASN B 307 32.57 -20.65 -14.56
N PHE B 308 32.65 -20.36 -13.26
CA PHE B 308 33.39 -19.23 -12.77
C PHE B 308 33.77 -19.43 -11.30
N LYS B 309 34.82 -18.75 -10.85
CA LYS B 309 35.23 -18.74 -9.45
C LYS B 309 34.77 -17.43 -8.85
N LEU B 310 34.02 -17.46 -7.76
CA LEU B 310 33.70 -16.22 -7.07
C LEU B 310 34.51 -16.11 -5.79
N GLN B 311 35.24 -15.02 -5.66
CA GLN B 311 35.95 -14.68 -4.42
C GLN B 311 35.00 -14.13 -3.38
N PRO B 312 35.44 -14.09 -2.10
CA PRO B 312 34.57 -13.55 -1.05
C PRO B 312 34.13 -12.14 -1.39
N GLY B 313 32.85 -11.85 -1.18
CA GLY B 313 32.30 -10.54 -1.49
C GLY B 313 32.08 -10.24 -2.96
N GLN B 314 32.34 -11.18 -3.87
CA GLN B 314 32.29 -10.89 -5.29
C GLN B 314 30.90 -11.22 -5.84
N THR B 315 30.50 -10.38 -6.79
CA THR B 315 29.24 -10.53 -7.53
C THR B 315 29.55 -10.64 -8.99
N ILE B 316 28.80 -11.49 -9.69
CA ILE B 316 28.92 -11.56 -11.15
C ILE B 316 27.55 -11.70 -11.81
N GLU B 317 27.41 -11.12 -12.99
CA GLU B 317 26.15 -11.11 -13.74
C GLU B 317 26.40 -11.82 -15.08
N VAL B 318 25.52 -12.74 -15.48
CA VAL B 318 25.66 -13.42 -16.76
C VAL B 318 24.31 -13.70 -17.39
N PRO B 319 24.13 -13.31 -18.69
CA PRO B 319 22.83 -13.49 -19.37
C PRO B 319 22.76 -14.72 -20.27
N PHE B 320 21.72 -15.50 -20.08
CA PHE B 320 21.31 -16.56 -20.98
C PHE B 320 20.06 -16.09 -21.75
N ALA B 321 19.75 -16.78 -22.85
CA ALA B 321 18.54 -16.55 -23.59
C ALA B 321 17.97 -17.80 -24.22
N LEU B 322 16.70 -17.70 -24.57
CA LEU B 322 15.94 -18.76 -25.23
C LEU B 322 15.17 -18.12 -26.35
N SER B 323 15.22 -18.72 -27.53
CA SER B 323 14.38 -18.26 -28.64
C SER B 323 13.66 -19.43 -29.28
N TRP B 324 12.54 -19.15 -29.93
CA TRP B 324 11.87 -20.16 -30.70
C TRP B 324 11.39 -19.59 -32.03
N ASP B 325 11.89 -20.13 -33.12
CA ASP B 325 11.45 -19.72 -34.46
C ASP B 325 10.53 -20.81 -35.03
N LEU B 326 9.22 -20.65 -34.83
CA LEU B 326 8.22 -21.54 -35.35
C LEU B 326 7.33 -20.60 -36.16
N PRO B 327 7.69 -20.36 -37.42
CA PRO B 327 7.09 -19.21 -38.12
C PRO B 327 5.61 -19.35 -38.54
N ILE B 328 5.11 -20.57 -38.58
CA ILE B 328 3.77 -20.78 -39.13
C ILE B 328 2.82 -21.17 -38.03
N MET B 329 1.67 -20.52 -37.97
CA MET B 329 0.59 -21.01 -37.13
C MET B 329 -0.48 -21.63 -38.03
N LYS B 330 -1.04 -22.73 -37.59
CA LYS B 330 -2.11 -23.40 -38.33
C LYS B 330 -3.33 -23.50 -37.46
N PHE B 331 -4.49 -23.14 -38.00
CA PHE B 331 -5.74 -23.27 -37.31
C PHE B 331 -6.51 -24.51 -37.78
N GLY B 332 -7.47 -24.95 -36.98
CA GLY B 332 -8.13 -26.23 -37.18
C GLY B 332 -8.90 -26.32 -38.49
N GLY B 333 -9.34 -25.16 -39.00
CA GLY B 333 -10.01 -25.09 -40.29
C GLY B 333 -9.10 -25.26 -41.49
N GLY B 334 -7.78 -25.25 -41.27
CA GLY B 334 -6.78 -25.49 -42.32
C GLY B 334 -5.89 -24.31 -42.66
N ASP B 335 -6.30 -23.07 -42.35
CA ASP B 335 -5.50 -21.89 -42.72
C ASP B 335 -4.17 -21.89 -41.98
N LYS B 336 -3.12 -21.57 -42.73
CA LYS B 336 -1.75 -21.39 -42.23
C LYS B 336 -1.34 -19.92 -42.42
N TRP B 337 -0.83 -19.30 -41.36
CA TRP B 337 -0.39 -17.89 -41.37
C TRP B 337 1.01 -17.78 -40.79
N TYR B 338 1.77 -16.80 -41.26
CA TYR B 338 3.03 -16.43 -40.67
C TYR B 338 2.79 -15.57 -39.43
N LYS B 339 3.59 -15.81 -38.40
CA LYS B 339 3.53 -15.01 -37.19
C LYS B 339 4.23 -13.66 -37.35
N MET B 340 3.77 -12.67 -36.60
CA MET B 340 4.23 -11.28 -36.75
C MET B 340 5.74 -11.12 -36.77
N TYR B 341 6.42 -11.76 -35.82
CA TYR B 341 7.85 -11.58 -35.69
C TYR B 341 8.61 -11.90 -36.98
N THR B 342 8.01 -12.74 -37.85
CA THR B 342 8.66 -13.07 -39.15
C THR B 342 8.96 -11.85 -40.02
N LYS B 343 8.25 -10.76 -39.80
CA LYS B 343 8.53 -9.49 -40.47
C LYS B 343 9.95 -9.03 -40.20
N TYR B 344 10.46 -9.33 -38.99
CA TYR B 344 11.76 -8.84 -38.54
C TYR B 344 12.86 -9.84 -38.72
N PHE B 345 12.57 -11.14 -38.78
CA PHE B 345 13.64 -12.15 -38.82
C PHE B 345 13.57 -13.13 -39.99
N GLY B 346 12.52 -13.07 -40.79
CA GLY B 346 12.32 -14.02 -41.90
C GLY B 346 11.26 -15.08 -41.56
N LYS B 347 10.87 -15.83 -42.59
CA LYS B 347 9.78 -16.77 -42.59
C LYS B 347 10.21 -18.23 -42.76
N ASN B 348 11.49 -18.51 -42.96
CA ASN B 348 11.93 -19.87 -43.33
C ASN B 348 12.19 -20.79 -42.15
N GLY B 349 12.06 -20.27 -40.93
CA GLY B 349 12.15 -21.13 -39.75
C GLY B 349 13.55 -21.57 -39.40
N LYS B 350 14.54 -20.85 -39.92
CA LYS B 350 15.94 -21.20 -39.65
C LYS B 350 16.66 -20.00 -39.00
N ASN B 351 15.90 -19.21 -38.22
CA ASN B 351 16.38 -17.92 -37.70
C ASN B 351 16.46 -17.84 -36.15
N SER B 352 16.49 -18.96 -35.46
CA SER B 352 16.46 -18.91 -33.99
C SER B 352 17.71 -18.25 -33.44
N PHE B 353 18.88 -18.53 -34.03
CA PHE B 353 20.11 -17.92 -33.54
C PHE B 353 20.08 -16.38 -33.69
N ALA B 354 19.58 -15.87 -34.82
CA ALA B 354 19.47 -14.41 -35.00
C ALA B 354 18.58 -13.77 -33.91
N ILE B 355 17.50 -14.45 -33.54
CA ILE B 355 16.62 -13.93 -32.51
C ILE B 355 17.33 -13.90 -31.16
N LEU B 356 17.97 -15.01 -30.84
CA LEU B 356 18.77 -15.17 -29.62
C LEU B 356 19.87 -14.11 -29.48
N LYS B 357 20.60 -13.89 -30.57
CA LYS B 357 21.69 -12.94 -30.58
C LYS B 357 21.21 -11.51 -30.32
N GLU B 358 20.12 -11.12 -30.97
CA GLU B 358 19.53 -9.82 -30.77
C GLU B 358 19.20 -9.62 -29.28
N ALA B 359 18.67 -10.67 -28.63
CA ALA B 359 18.33 -10.60 -27.21
C ALA B 359 19.56 -10.47 -26.34
N LEU B 360 20.54 -11.35 -26.53
CA LEU B 360 21.76 -11.30 -25.73
C LEU B 360 22.53 -9.97 -25.86
N ASN B 361 22.47 -9.33 -27.03
CA ASN B 361 23.19 -8.07 -27.25
C ASN B 361 22.40 -6.82 -26.85
N ASN B 362 21.09 -6.96 -26.65
CA ASN B 362 20.28 -5.78 -26.37
C ASN B 362 19.44 -5.85 -25.12
N TYR B 363 19.62 -6.88 -24.30
CA TYR B 363 18.69 -7.08 -23.16
C TYR B 363 18.71 -5.94 -22.16
N GLN B 364 19.89 -5.32 -21.93
CA GLN B 364 20.00 -4.16 -21.01
C GLN B 364 19.15 -2.97 -21.45
N LYS B 365 19.16 -2.72 -22.73
CA LYS B 365 18.31 -1.72 -23.32
C LYS B 365 16.80 -2.04 -23.10
N TRP B 366 16.44 -3.29 -23.33
CA TRP B 366 15.06 -3.74 -23.13
C TRP B 366 14.61 -3.59 -21.67
N GLU B 367 15.50 -3.91 -20.73
CA GLU B 367 15.19 -3.77 -19.30
C GLU B 367 14.85 -2.31 -18.95
N LYS B 368 15.62 -1.40 -19.55
CA LYS B 368 15.45 0.02 -19.33
C LYS B 368 14.13 0.51 -19.92
N MET B 369 13.79 0.01 -21.10
CA MET B 369 12.52 0.33 -21.75
C MET B 369 11.33 -0.16 -20.91
N ILE B 370 11.43 -1.35 -20.33
CA ILE B 370 10.39 -1.87 -19.43
C ILE B 370 10.29 -1.02 -18.14
N ASP B 371 11.43 -0.71 -17.53
CA ASP B 371 11.48 0.20 -16.40
C ASP B 371 10.83 1.55 -16.68
N ASP B 372 11.13 2.10 -17.86
CA ASP B 372 10.59 3.40 -18.24
C ASP B 372 9.07 3.40 -18.30
N TRP B 373 8.45 2.29 -18.72
N TRP B 373 8.47 2.30 -18.75
CA TRP B 373 6.98 2.26 -18.77
CA TRP B 373 7.03 2.21 -18.80
C TRP B 373 6.32 1.81 -17.47
C TRP B 373 6.43 1.96 -17.41
N GLN B 374 7.02 1.06 -16.63
CA GLN B 374 6.47 0.72 -15.29
C GLN B 374 6.58 1.88 -14.25
N LYS B 375 7.63 2.68 -14.39
CA LYS B 375 8.03 3.64 -13.37
C LYS B 375 7.00 4.68 -13.02
N PRO B 376 6.27 5.22 -14.01
CA PRO B 376 5.19 6.16 -13.68
C PRO B 376 4.13 5.62 -12.71
N ILE B 377 3.80 4.35 -12.81
CA ILE B 377 2.87 3.76 -11.90
C ILE B 377 3.57 3.39 -10.60
N LEU B 378 4.71 2.70 -10.67
CA LEU B 378 5.39 2.22 -9.46
C LEU B 378 5.84 3.34 -8.51
N SER B 379 6.26 4.47 -9.07
CA SER B 379 6.76 5.60 -8.25
C SER B 379 5.62 6.44 -7.64
N ASN B 380 4.36 6.18 -8.01
CA ASN B 380 3.22 6.93 -7.52
C ASN B 380 2.88 6.39 -6.11
N LYS B 381 3.28 7.14 -5.09
CA LYS B 381 3.15 6.68 -3.72
C LYS B 381 1.72 6.84 -3.16
N SER B 382 0.80 7.41 -3.93
CA SER B 382 -0.64 7.41 -3.56
C SER B 382 -1.34 6.05 -3.78
N LYS B 383 -0.74 5.14 -4.54
CA LYS B 383 -1.42 3.87 -4.87
C LYS B 383 -0.85 2.78 -4.04
N PRO B 384 -1.70 1.91 -3.49
CA PRO B 384 -1.19 0.78 -2.71
C PRO B 384 -0.49 -0.26 -3.57
N ASP B 385 0.44 -0.96 -2.97
CA ASP B 385 1.19 -2.03 -3.65
C ASP B 385 0.26 -3.06 -4.31
N TRP B 386 -0.79 -3.51 -3.62
CA TRP B 386 -1.65 -4.58 -4.17
C TRP B 386 -2.21 -4.18 -5.53
N TYR B 387 -2.52 -2.90 -5.69
CA TYR B 387 -3.11 -2.38 -6.90
C TYR B 387 -2.09 -2.46 -8.03
N LYS B 388 -0.84 -2.12 -7.71
CA LYS B 388 0.26 -2.22 -8.65
C LYS B 388 0.50 -3.67 -9.07
N THR B 389 0.45 -4.61 -8.12
CA THR B 389 0.61 -6.06 -8.39
C THR B 389 -0.41 -6.54 -9.46
N ALA B 390 -1.68 -6.17 -9.25
CA ALA B 390 -2.77 -6.60 -10.08
C ALA B 390 -2.68 -5.93 -11.44
N LEU B 391 -2.47 -4.61 -11.44
CA LEU B 391 -2.37 -3.88 -12.70
C LEU B 391 -1.34 -4.43 -13.70
N PHE B 392 -0.12 -4.65 -13.23
CA PHE B 392 0.88 -5.22 -14.12
C PHE B 392 0.69 -6.71 -14.39
N ASN B 393 0.41 -7.50 -13.37
CA ASN B 393 0.30 -8.94 -13.59
C ASN B 393 -0.93 -9.37 -14.40
N GLU B 394 -2.03 -8.64 -14.37
CA GLU B 394 -3.17 -8.95 -15.22
C GLU B 394 -2.81 -8.90 -16.71
N LEU B 395 -1.80 -8.08 -17.07
CA LEU B 395 -1.35 -8.02 -18.45
C LEU B 395 -0.73 -9.30 -19.03
N TYR B 396 -0.40 -10.28 -18.18
CA TYR B 396 0.09 -11.58 -18.62
C TYR B 396 -0.81 -12.06 -19.79
N TYR B 397 -2.13 -11.80 -19.70
CA TYR B 397 -3.11 -12.35 -20.65
C TYR B 397 -2.94 -11.83 -22.09
N LEU B 398 -2.41 -10.61 -22.26
CA LEU B 398 -2.18 -10.10 -23.62
C LEU B 398 -1.28 -11.00 -24.44
N ALA B 399 -0.29 -11.57 -23.80
CA ALA B 399 0.61 -12.54 -24.45
C ALA B 399 0.11 -13.96 -24.32
N ASP B 400 -0.45 -14.31 -23.17
CA ASP B 400 -0.92 -15.68 -22.89
C ASP B 400 -2.30 -16.05 -23.42
N GLY B 401 -3.03 -15.11 -24.00
CA GLY B 401 -4.38 -15.35 -24.46
C GLY B 401 -4.55 -15.93 -25.85
N GLY B 402 -3.72 -16.90 -26.24
CA GLY B 402 -3.84 -17.49 -27.58
C GLY B 402 -3.61 -16.49 -28.71
N THR B 403 -2.80 -15.49 -28.42
CA THR B 403 -2.72 -14.30 -29.24
C THR B 403 -2.19 -14.61 -30.66
N ALA B 404 -2.98 -14.20 -31.65
CA ALA B 404 -2.69 -14.40 -33.08
C ALA B 404 -2.43 -13.08 -33.73
N TRP B 405 -1.31 -12.97 -34.43
CA TRP B 405 -0.91 -11.72 -35.06
C TRP B 405 -0.19 -12.07 -36.35
N GLU B 406 -0.86 -11.88 -37.49
CA GLU B 406 -0.41 -12.47 -38.75
C GLU B 406 0.44 -11.57 -39.64
N ASN B 407 1.41 -12.17 -40.31
CA ASN B 407 2.25 -11.49 -41.28
C ASN B 407 2.17 -12.19 -42.63
N GLY B 408 0.94 -12.43 -43.08
CA GLY B 408 0.70 -13.07 -44.39
C GLY B 408 0.21 -14.50 -44.27
N LYS B 409 -0.74 -14.86 -45.13
CA LYS B 409 -1.19 -16.26 -45.25
C LYS B 409 -0.12 -17.07 -45.98
N VAL B 410 0.09 -18.32 -45.61
CA VAL B 410 1.11 -19.13 -46.27
C VAL B 410 0.61 -19.36 -47.72
N GLY B 411 1.48 -19.13 -48.71
CA GLY B 411 1.06 -19.14 -50.12
C GLY B 411 0.72 -17.77 -50.69
N GLU B 412 -0.09 -16.98 -50.00
CA GLU B 412 -0.32 -15.57 -50.38
C GLU B 412 1.04 -14.84 -50.39
N LYS B 415 0.93 -9.52 -50.39
CA LYS B 415 1.21 -8.72 -49.21
C LYS B 415 0.16 -7.61 -49.02
N ARG B 416 -0.38 -7.52 -47.80
CA ARG B 416 -1.30 -6.43 -47.40
C ARG B 416 -0.54 -5.40 -46.56
N THR B 417 -1.15 -4.24 -46.34
CA THR B 417 -0.55 -3.23 -45.45
C THR B 417 -0.73 -3.56 -43.96
N ASN B 418 -1.84 -4.21 -43.59
CA ASN B 418 -2.14 -4.50 -42.19
C ASN B 418 -1.91 -5.96 -41.78
N ASN B 419 -1.72 -6.12 -40.48
CA ASN B 419 -1.43 -7.40 -39.84
C ASN B 419 -2.58 -7.65 -38.90
N MET B 420 -3.43 -8.60 -39.25
CA MET B 420 -4.61 -8.85 -38.46
C MET B 420 -4.22 -9.42 -37.08
N PHE B 421 -5.04 -9.12 -36.08
CA PHE B 421 -4.74 -9.47 -34.69
C PHE B 421 -5.96 -10.09 -34.03
N GLY B 422 -5.70 -11.01 -33.11
CA GLY B 422 -6.77 -11.58 -32.29
C GLY B 422 -6.24 -12.08 -30.95
N LEU B 423 -6.98 -11.74 -29.91
CA LEU B 423 -6.80 -12.22 -28.54
C LEU B 423 -8.02 -13.08 -28.21
N LEU B 424 -7.82 -14.28 -27.67
CA LEU B 424 -8.95 -15.13 -27.26
C LEU B 424 -9.76 -14.54 -26.11
N GLU B 425 -11.07 -14.79 -26.15
CA GLU B 425 -11.92 -14.63 -24.99
C GLU B 425 -11.34 -15.44 -23.82
N CYS B 426 -11.03 -16.69 -24.10
CA CYS B 426 -10.38 -17.63 -23.19
C CYS B 426 -10.19 -18.94 -23.96
N PHE B 427 -9.65 -19.97 -23.31
CA PHE B 427 -9.41 -21.23 -23.96
C PHE B 427 -10.61 -22.17 -23.90
N ASP B 428 -11.44 -22.09 -22.86
CA ASP B 428 -12.62 -22.93 -22.75
C ASP B 428 -13.69 -22.49 -23.76
N TYR B 429 -13.80 -21.19 -23.96
CA TYR B 429 -14.69 -20.61 -24.94
C TYR B 429 -13.76 -19.97 -25.99
N ASN B 430 -13.37 -20.78 -26.96
CA ASN B 430 -12.22 -20.47 -27.83
C ASN B 430 -12.64 -19.56 -28.96
N TYR B 431 -12.85 -18.27 -28.65
CA TYR B 431 -13.34 -17.27 -29.63
C TYR B 431 -12.44 -16.03 -29.69
N TYR B 432 -12.06 -15.62 -30.88
CA TYR B 432 -11.19 -14.45 -31.05
C TYR B 432 -11.96 -13.17 -30.92
N GLU B 433 -11.47 -12.31 -30.03
CA GLU B 433 -11.98 -10.96 -29.87
C GLU B 433 -13.46 -10.83 -29.54
N THR B 434 -14.05 -11.77 -28.83
CA THR B 434 -15.42 -11.62 -28.41
C THR B 434 -15.72 -10.17 -28.04
N LEU B 435 -16.59 -9.53 -28.84
CA LEU B 435 -16.76 -8.09 -28.75
C LEU B 435 -17.47 -7.63 -27.45
N ASP B 436 -18.47 -8.38 -27.01
CA ASP B 436 -19.16 -8.07 -25.77
C ASP B 436 -18.24 -8.16 -24.55
N VAL B 437 -17.16 -8.95 -24.70
CA VAL B 437 -16.12 -9.12 -23.66
C VAL B 437 -15.00 -8.07 -23.83
N ARG B 438 -14.57 -7.84 -25.08
CA ARG B 438 -13.51 -6.85 -25.35
C ARG B 438 -13.88 -5.42 -24.98
N PHE B 439 -15.19 -5.14 -24.90
CA PHE B 439 -15.71 -3.90 -24.34
C PHE B 439 -15.05 -3.61 -22.97
N TYR B 440 -14.86 -4.65 -22.17
CA TYR B 440 -14.16 -4.59 -20.88
C TYR B 440 -12.68 -4.84 -21.05
N GLY B 441 -12.34 -5.88 -21.81
CA GLY B 441 -10.99 -6.43 -21.85
C GLY B 441 -9.93 -5.77 -22.72
N SER B 442 -10.34 -4.85 -23.58
CA SER B 442 -9.44 -4.25 -24.54
C SER B 442 -8.73 -2.99 -24.02
N PHE B 443 -9.00 -2.56 -22.80
CA PHE B 443 -8.37 -1.32 -22.29
C PHE B 443 -6.83 -1.27 -22.44
N PRO B 444 -6.12 -2.36 -22.07
CA PRO B 444 -4.68 -2.27 -22.26
C PRO B 444 -4.25 -2.06 -23.71
N LEU B 445 -4.98 -2.60 -24.68
CA LEU B 445 -4.63 -2.40 -26.07
C LEU B 445 -4.84 -0.93 -26.45
N VAL B 446 -5.97 -0.35 -26.13
CA VAL B 446 -6.17 1.05 -26.54
C VAL B 446 -5.17 1.99 -25.81
N MET B 447 -4.86 1.68 -24.56
CA MET B 447 -3.99 2.54 -23.76
C MET B 447 -2.52 2.36 -24.06
N LEU B 448 -2.11 1.14 -24.42
CA LEU B 448 -0.70 0.79 -24.55
C LEU B 448 -0.20 0.31 -25.91
N TRP B 449 -1.10 -0.25 -26.73
CA TRP B 449 -0.78 -0.67 -28.10
C TRP B 449 -1.92 -0.25 -29.04
N PRO B 450 -2.16 1.08 -29.13
CA PRO B 450 -3.35 1.54 -29.83
C PRO B 450 -3.43 1.22 -31.35
N ASP B 451 -2.30 1.04 -32.03
CA ASP B 451 -2.33 0.60 -33.44
C ASP B 451 -2.95 -0.80 -33.57
N ILE B 452 -2.77 -1.66 -32.55
CA ILE B 452 -3.36 -2.99 -32.59
C ILE B 452 -4.84 -2.83 -32.37
N GLU B 453 -5.21 -2.04 -31.38
CA GLU B 453 -6.63 -1.84 -31.03
C GLU B 453 -7.39 -1.34 -32.27
N LYS B 454 -6.85 -0.30 -32.92
CA LYS B 454 -7.51 0.26 -34.13
C LYS B 454 -7.67 -0.74 -35.27
N GLN B 455 -6.63 -1.53 -35.50
CA GLN B 455 -6.70 -2.64 -36.42
C GLN B 455 -7.84 -3.61 -36.04
N VAL B 456 -7.95 -3.98 -34.75
CA VAL B 456 -9.05 -4.93 -34.38
C VAL B 456 -10.42 -4.31 -34.66
N MET B 457 -10.59 -3.02 -34.38
CA MET B 457 -11.89 -2.40 -34.63
C MET B 457 -12.19 -2.23 -36.12
N ARG B 458 -11.17 -2.03 -36.96
CA ARG B 458 -11.38 -2.05 -38.42
C ARG B 458 -11.78 -3.45 -38.90
N GLN B 459 -11.21 -4.49 -38.28
CA GLN B 459 -11.65 -5.87 -38.57
C GLN B 459 -13.16 -5.99 -38.34
N PHE B 460 -13.64 -5.47 -37.20
CA PHE B 460 -15.10 -5.54 -36.92
C PHE B 460 -15.92 -4.69 -37.91
N ALA B 461 -15.42 -3.50 -38.23
CA ALA B 461 -16.06 -2.59 -39.19
C ALA B 461 -16.30 -3.29 -40.52
N ASP B 462 -15.28 -3.99 -41.02
CA ASP B 462 -15.35 -4.73 -42.26
C ASP B 462 -16.37 -5.84 -42.26
N THR B 463 -16.79 -6.34 -41.10
CA THR B 463 -17.79 -7.41 -41.05
C THR B 463 -19.22 -6.99 -40.95
N ILE B 464 -19.50 -5.70 -40.70
CA ILE B 464 -20.86 -5.25 -40.40
C ILE B 464 -21.89 -5.69 -41.46
N ASN B 465 -21.58 -5.52 -42.73
CA ASN B 465 -22.54 -5.90 -43.77
C ASN B 465 -22.39 -7.27 -44.36
N VAL B 466 -21.46 -8.07 -43.83
CA VAL B 466 -21.35 -9.46 -44.24
C VAL B 466 -22.68 -10.17 -43.93
N GLN B 467 -23.10 -10.99 -44.87
CA GLN B 467 -24.35 -11.74 -44.81
C GLN B 467 -23.88 -13.16 -45.07
N ASP B 468 -24.21 -14.07 -44.16
CA ASP B 468 -23.96 -15.51 -44.36
C ASP B 468 -25.26 -16.20 -44.02
N SER B 469 -25.96 -16.65 -45.06
CA SER B 469 -27.30 -17.24 -44.92
C SER B 469 -27.33 -18.70 -44.48
N SER B 470 -26.17 -19.37 -44.43
CA SER B 470 -26.15 -20.73 -43.89
C SER B 470 -26.60 -20.75 -42.41
N GLU B 471 -27.17 -21.88 -42.01
CA GLU B 471 -27.83 -21.99 -40.72
C GLU B 471 -26.97 -22.73 -39.71
N PHE B 472 -27.22 -22.49 -38.43
CA PHE B 472 -26.55 -23.21 -37.33
C PHE B 472 -27.55 -23.48 -36.25
N LYS B 473 -27.30 -24.51 -35.45
CA LYS B 473 -28.13 -24.84 -34.33
C LYS B 473 -27.70 -24.01 -33.11
N VAL B 474 -28.63 -23.24 -32.55
CA VAL B 474 -28.43 -22.46 -31.35
C VAL B 474 -28.38 -23.43 -30.16
N GLY B 475 -27.31 -23.40 -29.39
CA GLY B 475 -27.09 -24.35 -28.34
C GLY B 475 -28.13 -24.32 -27.23
N SER B 476 -28.60 -23.13 -26.86
CA SER B 476 -29.44 -23.00 -25.67
C SER B 476 -30.85 -23.56 -25.88
N ASN B 477 -31.36 -23.53 -27.11
CA ASN B 477 -32.73 -23.99 -27.38
C ASN B 477 -32.90 -25.02 -28.53
N GLY B 478 -31.83 -25.35 -29.25
CA GLY B 478 -31.91 -26.26 -30.39
C GLY B 478 -32.45 -25.67 -31.69
N ALA B 479 -32.89 -24.41 -31.68
CA ALA B 479 -33.44 -23.78 -32.87
C ALA B 479 -32.36 -23.46 -33.89
N MET B 480 -32.75 -23.42 -35.16
CA MET B 480 -31.83 -23.08 -36.24
C MET B 480 -31.85 -21.57 -36.45
N ALA B 481 -30.71 -21.02 -36.88
CA ALA B 481 -30.60 -19.59 -37.12
C ALA B 481 -29.58 -19.31 -38.17
N VAL B 482 -29.73 -18.14 -38.79
CA VAL B 482 -28.82 -17.61 -39.80
C VAL B 482 -27.49 -17.27 -39.08
N LYS B 483 -26.37 -17.68 -39.66
CA LYS B 483 -25.05 -17.48 -39.11
C LYS B 483 -24.65 -15.99 -38.89
N LYS B 484 -24.85 -15.16 -39.91
CA LYS B 484 -24.49 -13.75 -39.88
C LYS B 484 -25.49 -12.90 -40.69
N VAL B 485 -26.12 -11.93 -40.02
CA VAL B 485 -27.10 -11.02 -40.60
C VAL B 485 -26.45 -9.68 -40.94
N GLN B 486 -26.81 -9.14 -42.11
CA GLN B 486 -26.32 -7.86 -42.59
C GLN B 486 -26.66 -6.77 -41.57
N GLY B 487 -25.67 -5.95 -41.21
CA GLY B 487 -25.87 -4.85 -40.26
C GLY B 487 -25.77 -5.18 -38.77
N MET B 488 -25.62 -6.46 -38.44
CA MET B 488 -25.39 -6.90 -37.06
C MET B 488 -23.90 -7.21 -36.87
N ILE B 489 -23.32 -6.60 -35.85
CA ILE B 489 -21.93 -6.85 -35.47
C ILE B 489 -21.76 -8.29 -35.00
N PRO B 490 -20.67 -8.97 -35.41
CA PRO B 490 -20.46 -10.33 -34.96
C PRO B 490 -20.04 -10.41 -33.50
N HIS B 491 -20.38 -11.54 -32.89
CA HIS B 491 -19.99 -11.89 -31.56
C HIS B 491 -18.46 -12.00 -31.46
N ASP B 492 -17.83 -12.61 -32.46
CA ASP B 492 -16.42 -12.90 -32.44
C ASP B 492 -15.90 -13.04 -33.83
N LEU B 493 -14.58 -13.16 -33.97
CA LEU B 493 -13.92 -13.26 -35.26
C LEU B 493 -13.37 -14.66 -35.51
N GLY B 494 -14.05 -15.68 -34.99
CA GLY B 494 -13.71 -17.08 -35.29
C GLY B 494 -13.06 -17.77 -34.11
N SER B 495 -12.69 -19.03 -34.34
CA SER B 495 -12.09 -19.87 -33.34
C SER B 495 -10.77 -20.41 -33.87
N SER B 496 -9.80 -20.65 -32.97
CA SER B 496 -8.55 -21.30 -33.38
C SER B 496 -8.80 -22.73 -33.89
N TYR B 497 -9.92 -23.33 -33.50
CA TYR B 497 -10.31 -24.64 -34.02
C TYR B 497 -10.87 -24.63 -35.45
N ALA B 498 -11.10 -23.44 -35.99
CA ALA B 498 -11.72 -23.26 -37.30
C ALA B 498 -10.91 -22.20 -38.06
N LEU B 499 -11.48 -21.05 -38.38
CA LEU B 499 -10.82 -20.11 -39.30
C LEU B 499 -10.85 -18.66 -38.78
N PRO B 500 -9.91 -18.33 -37.88
CA PRO B 500 -9.87 -16.96 -37.36
C PRO B 500 -9.84 -15.93 -38.49
N TRP B 501 -10.58 -14.87 -38.29
CA TRP B 501 -10.67 -13.74 -39.21
C TRP B 501 -11.41 -14.06 -40.50
N ILE B 502 -11.65 -15.34 -40.81
CA ILE B 502 -12.29 -15.74 -42.08
C ILE B 502 -13.72 -16.17 -41.83
N LYS B 503 -13.94 -17.04 -40.86
CA LYS B 503 -15.29 -17.45 -40.48
C LYS B 503 -15.63 -16.88 -39.10
N ILE B 504 -16.48 -15.88 -39.09
CA ILE B 504 -16.86 -15.16 -37.87
C ILE B 504 -18.01 -15.87 -37.19
N ASN B 505 -18.36 -15.42 -36.00
CA ASN B 505 -19.43 -16.00 -35.20
C ASN B 505 -19.26 -17.52 -35.01
N ALA B 506 -18.09 -17.94 -34.52
CA ALA B 506 -17.89 -19.34 -34.08
C ALA B 506 -18.77 -19.66 -32.87
N TYR B 507 -19.08 -18.67 -32.05
CA TYR B 507 -19.96 -18.84 -30.89
C TYR B 507 -21.38 -19.22 -31.33
N ASP B 508 -21.99 -20.23 -30.68
CA ASP B 508 -23.35 -20.68 -31.02
C ASP B 508 -24.29 -20.97 -29.85
N TRP B 509 -23.89 -20.70 -28.60
CA TRP B 509 -24.80 -21.00 -27.49
C TRP B 509 -26.09 -20.18 -27.58
N GLN B 510 -25.95 -18.93 -28.03
CA GLN B 510 -27.06 -18.06 -28.36
C GLN B 510 -26.85 -17.54 -29.76
N ASN B 511 -27.89 -16.91 -30.31
CA ASN B 511 -27.75 -16.30 -31.62
C ASN B 511 -27.36 -14.84 -31.46
N PRO B 512 -26.10 -14.51 -31.81
CA PRO B 512 -25.63 -13.13 -31.56
C PRO B 512 -26.20 -12.09 -32.50
N ASN B 513 -26.82 -12.54 -33.58
CA ASN B 513 -27.48 -11.60 -34.52
C ASN B 513 -28.69 -10.90 -33.92
N ILE B 514 -29.22 -11.40 -32.81
CA ILE B 514 -30.30 -10.73 -32.09
C ILE B 514 -29.87 -10.17 -30.72
N TRP B 515 -28.56 -10.07 -30.47
CA TRP B 515 -28.08 -9.46 -29.21
C TRP B 515 -28.29 -7.95 -29.20
N LYS B 516 -28.61 -7.41 -28.05
CA LYS B 516 -28.90 -5.98 -27.91
C LYS B 516 -27.71 -5.12 -27.46
N ASP B 517 -26.61 -5.77 -27.07
CA ASP B 517 -25.42 -5.04 -26.60
C ASP B 517 -24.31 -4.95 -27.63
N LEU B 518 -24.22 -5.89 -28.58
CA LEU B 518 -23.09 -5.92 -29.51
C LEU B 518 -22.94 -4.66 -30.38
N ASN B 519 -24.03 -4.28 -31.00
CA ASN B 519 -24.02 -3.10 -31.87
C ASN B 519 -23.71 -1.81 -31.10
N SER B 520 -24.29 -1.66 -29.91
CA SER B 520 -24.04 -0.47 -29.10
C SER B 520 -22.62 -0.45 -28.52
N LYS B 521 -22.14 -1.61 -28.03
CA LYS B 521 -20.73 -1.75 -27.60
C LYS B 521 -19.73 -1.43 -28.69
N TYR B 522 -20.04 -1.85 -29.92
CA TYR B 522 -19.17 -1.59 -31.07
C TYR B 522 -18.97 -0.09 -31.29
N VAL B 523 -20.08 0.65 -31.26
CA VAL B 523 -20.04 2.09 -31.46
C VAL B 523 -19.24 2.77 -30.34
N LEU B 524 -19.51 2.34 -29.12
CA LEU B 524 -18.80 2.84 -27.95
C LEU B 524 -17.30 2.57 -27.97
N LEU B 525 -16.90 1.38 -28.45
CA LEU B 525 -15.49 1.06 -28.63
C LEU B 525 -14.85 1.95 -29.67
N VAL B 526 -15.55 2.21 -30.79
CA VAL B 526 -15.03 3.10 -31.83
C VAL B 526 -14.72 4.49 -31.25
N TYR B 527 -15.68 5.05 -30.54
CA TYR B 527 -15.54 6.41 -30.05
C TYR B 527 -14.50 6.45 -28.89
N ARG B 528 -14.48 5.42 -28.05
CA ARG B 528 -13.40 5.24 -27.06
C ARG B 528 -12.01 5.32 -27.68
N ASP B 529 -11.80 4.57 -28.76
CA ASP B 529 -10.51 4.50 -29.42
C ASP B 529 -10.08 5.84 -30.02
N TYR B 530 -11.05 6.61 -30.48
CA TYR B 530 -10.79 7.99 -30.90
C TYR B 530 -10.42 8.88 -29.69
N VAL B 531 -11.23 8.87 -28.64
CA VAL B 531 -10.98 9.72 -27.46
C VAL B 531 -9.65 9.40 -26.74
N LEU B 532 -9.39 8.12 -26.51
CA LEU B 532 -8.21 7.74 -25.72
C LEU B 532 -6.94 7.72 -26.53
N THR B 533 -6.99 8.03 -27.82
CA THR B 533 -5.75 8.25 -28.59
C THR B 533 -5.64 9.75 -28.97
N GLY B 534 -6.30 10.61 -28.22
CA GLY B 534 -6.07 12.07 -28.28
C GLY B 534 -7.04 12.90 -29.12
N LYS B 535 -8.16 12.29 -29.54
CA LYS B 535 -9.16 12.94 -30.42
C LYS B 535 -8.55 13.58 -31.67
N THR B 536 -7.61 12.90 -32.31
CA THR B 536 -6.98 13.38 -33.54
C THR B 536 -7.21 12.47 -34.74
N ASP B 537 -7.65 11.24 -34.53
CA ASP B 537 -7.65 10.25 -35.58
C ASP B 537 -9.00 10.29 -36.30
N LYS B 538 -9.12 11.31 -37.14
CA LYS B 538 -10.31 11.54 -37.91
C LYS B 538 -10.44 10.47 -38.99
N GLU B 539 -9.32 10.00 -39.55
CA GLU B 539 -9.36 8.91 -40.54
C GLU B 539 -10.01 7.64 -39.95
N PHE B 540 -9.73 7.34 -38.68
CA PHE B 540 -10.34 6.20 -38.01
C PHE B 540 -11.83 6.38 -37.90
N LEU B 541 -12.29 7.57 -37.51
CA LEU B 541 -13.74 7.85 -37.49
C LEU B 541 -14.37 7.77 -38.88
N LYS B 542 -13.67 8.24 -39.91
CA LYS B 542 -14.17 8.15 -41.29
C LYS B 542 -14.29 6.70 -41.71
N TYR B 543 -13.27 5.90 -41.40
CA TYR B 543 -13.25 4.49 -41.79
C TYR B 543 -14.46 3.74 -41.24
N THR B 544 -14.84 4.03 -39.99
CA THR B 544 -15.87 3.28 -39.28
C THR B 544 -17.28 3.92 -39.29
N TRP B 545 -17.44 5.12 -39.87
CA TRP B 545 -18.67 5.89 -39.68
C TRP B 545 -19.90 5.18 -40.25
N LYS B 546 -19.77 4.59 -41.42
CA LYS B 546 -20.90 3.86 -42.03
C LYS B 546 -21.33 2.68 -41.20
N SER B 547 -20.36 1.93 -40.67
CA SER B 547 -20.67 0.78 -39.77
C SER B 547 -21.36 1.23 -38.49
N VAL B 548 -20.96 2.39 -37.99
CA VAL B 548 -21.58 2.95 -36.77
C VAL B 548 -23.05 3.27 -37.01
N LYS B 549 -23.30 4.02 -38.07
CA LYS B 549 -24.70 4.39 -38.41
C LYS B 549 -25.55 3.15 -38.66
N THR B 550 -25.02 2.21 -39.43
CA THR B 550 -25.73 0.95 -39.67
C THR B 550 -26.06 0.21 -38.40
N ALA B 551 -25.06 0.06 -37.51
CA ALA B 551 -25.23 -0.67 -36.26
C ALA B 551 -26.35 -0.09 -35.41
N LEU B 552 -26.35 1.23 -35.23
CA LEU B 552 -27.40 1.87 -34.44
C LEU B 552 -28.78 1.80 -35.14
N ASP B 553 -28.81 2.01 -36.45
CA ASP B 553 -30.07 1.94 -37.20
C ASP B 553 -30.67 0.54 -37.13
N LYS B 554 -29.83 -0.51 -37.20
CA LYS B 554 -30.36 -1.87 -37.04
C LYS B 554 -30.90 -2.16 -35.65
N LEU B 555 -30.20 -1.67 -34.64
CA LEU B 555 -30.60 -1.90 -33.27
C LEU B 555 -31.93 -1.17 -32.97
N LYS B 556 -32.14 -0.01 -33.60
CA LYS B 556 -33.39 0.76 -33.44
C LYS B 556 -34.60 -0.04 -33.88
N GLU B 557 -34.44 -0.86 -34.92
CA GLU B 557 -35.51 -1.73 -35.42
C GLU B 557 -35.96 -2.76 -34.40
N MET B 558 -35.14 -3.07 -33.38
CA MET B 558 -35.53 -4.01 -32.33
C MET B 558 -36.31 -3.37 -31.18
N ASP B 559 -36.64 -2.09 -31.30
CA ASP B 559 -37.61 -1.43 -30.39
C ASP B 559 -39.04 -1.86 -30.80
N LYS B 560 -39.64 -2.77 -30.03
CA LYS B 560 -40.97 -3.36 -30.32
C LYS B 560 -42.13 -2.45 -29.97
N ASP B 561 -42.03 -1.75 -28.85
CA ASP B 561 -43.15 -1.00 -28.27
C ASP B 561 -43.01 0.51 -28.43
N ASN B 562 -42.10 0.94 -29.29
CA ASN B 562 -41.95 2.34 -29.59
C ASN B 562 -41.63 3.26 -28.39
N ASP B 563 -40.95 2.74 -27.35
CA ASP B 563 -40.37 3.64 -26.34
C ASP B 563 -39.01 4.24 -26.73
N GLY B 564 -38.53 3.98 -27.94
CA GLY B 564 -37.24 4.51 -28.43
C GLY B 564 -35.99 3.72 -28.00
N ILE B 565 -36.21 2.59 -27.32
CA ILE B 565 -35.13 1.74 -26.77
C ILE B 565 -35.32 0.30 -27.27
N PRO B 566 -34.22 -0.38 -27.68
CA PRO B 566 -34.36 -1.81 -28.04
C PRO B 566 -34.94 -2.66 -26.92
N ASP B 567 -35.72 -3.68 -27.29
CA ASP B 567 -36.36 -4.56 -26.32
C ASP B 567 -35.57 -5.83 -26.18
N ASN B 568 -35.05 -6.10 -24.99
CA ASN B 568 -34.54 -7.43 -24.67
C ASN B 568 -35.71 -8.40 -24.76
N GLU B 569 -35.44 -9.62 -25.23
CA GLU B 569 -36.49 -10.53 -25.73
C GLU B 569 -36.88 -11.66 -24.79
N GLY B 570 -36.57 -11.55 -23.51
CA GLY B 570 -36.91 -12.61 -22.54
C GLY B 570 -36.06 -13.86 -22.67
N ILE B 571 -34.96 -13.74 -23.39
CA ILE B 571 -33.92 -14.74 -23.50
C ILE B 571 -32.59 -14.03 -23.18
N PRO B 572 -31.52 -14.78 -22.99
CA PRO B 572 -30.24 -14.08 -22.79
C PRO B 572 -29.74 -13.56 -24.14
N ASP B 573 -29.89 -12.26 -24.39
CA ASP B 573 -29.53 -11.68 -25.68
C ASP B 573 -28.46 -10.57 -25.50
N GLN B 574 -27.45 -10.93 -24.72
CA GLN B 574 -26.35 -10.02 -24.40
C GLN B 574 -25.27 -10.82 -23.64
N THR B 575 -24.20 -10.14 -23.21
CA THR B 575 -23.03 -10.77 -22.67
C THR B 575 -23.31 -11.71 -21.53
N TYR B 576 -24.32 -11.41 -20.72
CA TYR B 576 -24.75 -12.32 -19.65
C TYR B 576 -25.60 -13.39 -20.32
N ASP B 577 -24.94 -14.32 -20.99
CA ASP B 577 -25.55 -15.19 -22.01
C ASP B 577 -26.36 -16.39 -21.49
N THR B 578 -26.60 -16.46 -20.18
CA THR B 578 -27.62 -17.32 -19.59
C THR B 578 -28.58 -16.57 -18.66
N TRP B 579 -28.51 -15.24 -18.64
CA TRP B 579 -29.27 -14.42 -17.70
C TRP B 579 -30.24 -13.57 -18.51
N SER B 580 -31.52 -13.91 -18.46
CA SER B 580 -32.54 -13.26 -19.31
C SER B 580 -32.86 -11.86 -18.92
N MET B 581 -32.95 -11.01 -19.93
CA MET B 581 -33.48 -9.70 -19.77
C MET B 581 -34.73 -9.64 -20.65
N LYS B 582 -35.64 -8.75 -20.29
CA LYS B 582 -36.88 -8.59 -21.01
C LYS B 582 -37.38 -7.17 -20.86
N GLY B 583 -37.64 -6.54 -21.99
CA GLY B 583 -38.15 -5.17 -22.02
C GLY B 583 -37.01 -4.21 -22.18
N THR B 584 -37.09 -3.09 -21.48
CA THR B 584 -35.97 -2.20 -21.34
C THR B 584 -35.13 -2.68 -20.17
N SER B 585 -33.85 -2.95 -20.41
CA SER B 585 -32.90 -3.30 -19.33
C SER B 585 -32.00 -2.09 -19.01
N ALA B 586 -31.60 -1.98 -17.75
CA ALA B 586 -30.61 -0.98 -17.32
C ALA B 586 -29.31 -1.13 -18.14
N TYR B 587 -28.89 -2.37 -18.32
CA TYR B 587 -27.65 -2.71 -19.01
C TYR B 587 -27.66 -2.31 -20.50
N CYS B 588 -28.52 -2.96 -21.30
CA CYS B 588 -28.58 -2.64 -22.72
C CYS B 588 -29.16 -1.28 -23.00
N GLY B 589 -30.06 -0.80 -22.13
CA GLY B 589 -30.62 0.54 -22.27
C GLY B 589 -29.59 1.63 -22.07
N SER B 590 -28.77 1.52 -21.02
CA SER B 590 -27.75 2.53 -20.78
C SER B 590 -26.69 2.50 -21.87
N LEU B 591 -26.35 1.31 -22.35
CA LEU B 591 -25.38 1.21 -23.45
C LEU B 591 -25.92 1.89 -24.74
N TRP B 592 -27.20 1.70 -24.97
CA TRP B 592 -27.88 2.33 -26.11
C TRP B 592 -27.82 3.84 -25.99
N LEU B 593 -28.18 4.38 -24.82
CA LEU B 593 -28.12 5.82 -24.60
C LEU B 593 -26.75 6.39 -24.86
N ALA B 594 -25.73 5.74 -24.28
CA ALA B 594 -24.37 6.21 -24.45
C ALA B 594 -23.92 6.10 -25.91
N ALA B 595 -24.29 5.00 -26.57
CA ALA B 595 -23.89 4.83 -27.98
C ALA B 595 -24.52 5.91 -28.90
N LEU B 596 -25.76 6.28 -28.61
CA LEU B 596 -26.40 7.40 -29.33
C LEU B 596 -25.68 8.71 -29.11
N LYS B 597 -25.29 8.99 -27.87
CA LYS B 597 -24.54 10.21 -27.61
C LYS B 597 -23.16 10.21 -28.27
N ALA B 598 -22.52 9.04 -28.33
CA ALA B 598 -21.24 8.93 -29.05
C ALA B 598 -21.41 9.19 -30.54
N ALA B 599 -22.45 8.62 -31.14
CA ALA B 599 -22.71 8.82 -32.58
C ALA B 599 -23.02 10.29 -32.94
N GLN B 600 -23.79 10.98 -32.11
CA GLN B 600 -23.98 12.45 -32.22
C GLN B 600 -22.67 13.18 -32.26
N GLU B 601 -21.75 12.81 -31.37
CA GLU B 601 -20.45 13.46 -31.33
C GLU B 601 -19.67 13.19 -32.57
N ILE B 602 -19.70 11.94 -33.04
CA ILE B 602 -18.94 11.60 -34.23
C ILE B 602 -19.54 12.39 -35.42
N GLY B 603 -20.87 12.42 -35.49
CA GLY B 603 -21.59 13.20 -36.51
C GLY B 603 -21.14 14.67 -36.52
N LYS B 604 -20.99 15.24 -35.33
CA LYS B 604 -20.49 16.60 -35.19
C LYS B 604 -19.05 16.74 -35.70
N VAL B 605 -18.17 15.78 -35.38
CA VAL B 605 -16.77 15.81 -35.84
C VAL B 605 -16.67 15.68 -37.36
N LEU B 606 -17.50 14.80 -37.93
CA LEU B 606 -17.46 14.54 -39.36
C LEU B 606 -18.44 15.43 -40.16
N LYS B 607 -19.08 16.38 -39.48
CA LYS B 607 -19.98 17.37 -40.10
C LYS B 607 -21.09 16.69 -40.90
N ASP B 608 -21.77 15.76 -40.24
CA ASP B 608 -22.85 14.97 -40.77
C ASP B 608 -24.06 15.38 -39.95
N ASN B 609 -24.76 16.39 -40.46
CA ASN B 609 -25.82 17.06 -39.71
C ASN B 609 -27.06 16.18 -39.58
N GLU B 610 -27.40 15.51 -40.67
CA GLU B 610 -28.46 14.53 -40.70
C GLU B 610 -28.31 13.54 -39.52
N ALA B 611 -27.10 12.97 -39.40
CA ALA B 611 -26.85 11.96 -38.35
C ALA B 611 -26.94 12.58 -36.98
N TYR B 612 -26.29 13.74 -36.80
CA TYR B 612 -26.36 14.45 -35.51
C TYR B 612 -27.80 14.63 -35.07
N ILE B 613 -28.62 15.21 -35.96
CA ILE B 613 -30.02 15.50 -35.66
C ILE B 613 -30.78 14.23 -35.33
N LYS B 614 -30.63 13.21 -36.17
CA LYS B 614 -31.32 11.93 -35.95
C LYS B 614 -30.97 11.30 -34.58
N TYR B 615 -29.67 11.13 -34.32
CA TYR B 615 -29.28 10.41 -33.10
C TYR B 615 -29.57 11.25 -31.86
N ASN B 616 -29.49 12.58 -31.98
CA ASN B 616 -29.97 13.47 -30.91
C ASN B 616 -31.47 13.28 -30.59
N GLU B 617 -32.30 13.21 -31.61
CA GLU B 617 -33.74 12.95 -31.37
C GLU B 617 -33.98 11.62 -30.69
N TRP B 618 -33.37 10.55 -31.22
CA TRP B 618 -33.47 9.19 -30.62
C TRP B 618 -33.02 9.20 -29.15
N TYR B 619 -31.91 9.90 -28.91
CA TYR B 619 -31.32 10.00 -27.57
C TYR B 619 -32.29 10.64 -26.56
N LYS B 620 -32.83 11.81 -26.94
CA LYS B 620 -33.74 12.53 -26.04
C LYS B 620 -34.93 11.68 -25.67
N ILE B 621 -35.52 11.00 -26.66
CA ILE B 621 -36.70 10.18 -26.39
C ILE B 621 -36.30 9.03 -25.49
N ALA B 622 -35.25 8.31 -25.87
CA ALA B 622 -34.79 7.11 -25.13
C ALA B 622 -34.39 7.44 -23.69
N GLN B 623 -33.65 8.54 -23.52
CA GLN B 623 -33.21 8.99 -22.19
C GLN B 623 -34.39 9.21 -21.27
N GLN B 624 -35.41 9.90 -21.79
CA GLN B 624 -36.58 10.22 -21.01
C GLN B 624 -37.32 8.96 -20.59
N ASN B 625 -37.54 8.05 -21.54
CA ASN B 625 -38.23 6.79 -21.22
C ASN B 625 -37.40 5.84 -20.34
N PHE B 626 -36.08 5.81 -20.55
CA PHE B 626 -35.21 4.97 -19.69
C PHE B 626 -35.40 5.36 -18.22
N GLU B 627 -35.23 6.65 -17.97
CA GLU B 627 -35.36 7.22 -16.63
C GLU B 627 -36.73 6.89 -16.01
N LYS B 628 -37.80 7.11 -16.76
CA LYS B 628 -39.16 6.86 -16.28
C LYS B 628 -39.43 5.39 -16.01
N GLU B 629 -38.98 4.53 -16.91
CA GLU B 629 -39.19 3.07 -16.79
C GLU B 629 -38.39 2.41 -15.68
N LEU B 630 -37.19 2.92 -15.38
CA LEU B 630 -36.25 2.17 -14.52
C LEU B 630 -35.86 2.78 -13.20
N TRP B 631 -35.74 4.10 -13.12
CA TRP B 631 -35.40 4.76 -11.85
C TRP B 631 -36.45 4.49 -10.78
N ASN B 632 -36.06 3.92 -9.64
CA ASN B 632 -37.00 3.59 -8.56
C ASN B 632 -36.84 4.41 -7.31
N GLY B 633 -36.02 5.47 -7.35
CA GLY B 633 -35.68 6.29 -6.17
C GLY B 633 -34.36 5.97 -5.48
N GLU B 634 -33.92 4.71 -5.54
CA GLU B 634 -32.62 4.26 -5.01
C GLU B 634 -31.61 3.81 -6.09
N TYR B 635 -32.09 3.09 -7.10
CA TYR B 635 -31.22 2.57 -8.17
C TYR B 635 -32.04 2.39 -9.46
N TYR B 636 -31.40 1.91 -10.52
CA TYR B 636 -32.12 1.57 -11.75
C TYR B 636 -32.44 0.09 -11.72
N ASN B 637 -33.72 -0.24 -11.90
CA ASN B 637 -34.16 -1.61 -11.98
C ASN B 637 -33.44 -2.40 -13.09
N PHE B 638 -33.27 -3.68 -12.86
CA PHE B 638 -32.63 -4.60 -13.77
C PHE B 638 -33.26 -4.52 -15.16
N ASP B 639 -34.58 -4.66 -15.19
CA ASP B 639 -35.35 -4.42 -16.42
C ASP B 639 -36.85 -4.14 -16.13
N THR B 640 -37.69 -4.05 -17.19
CA THR B 640 -39.12 -3.72 -17.05
C THR B 640 -40.07 -4.93 -16.98
N GLU B 641 -39.64 -6.11 -17.42
CA GLU B 641 -40.56 -7.25 -17.65
C GLU B 641 -40.17 -8.64 -17.08
N SER B 642 -39.01 -8.77 -16.42
CA SER B 642 -38.60 -10.05 -15.84
C SER B 642 -39.25 -10.30 -14.49
N ASP B 643 -39.22 -11.56 -14.04
CA ASP B 643 -39.64 -11.96 -12.68
C ASP B 643 -38.98 -11.15 -11.59
N HIS B 644 -37.65 -11.09 -11.62
CA HIS B 644 -36.86 -10.33 -10.65
C HIS B 644 -36.35 -9.03 -11.28
N LYS B 645 -37.30 -8.23 -11.79
CA LYS B 645 -36.99 -6.97 -12.44
C LYS B 645 -36.40 -5.89 -11.51
N ASP B 646 -36.62 -6.02 -10.21
CA ASP B 646 -36.08 -5.06 -9.25
C ASP B 646 -34.75 -5.53 -8.61
N SER B 647 -34.10 -6.54 -9.20
CA SER B 647 -32.76 -6.91 -8.77
C SER B 647 -31.81 -5.74 -8.96
N ILE B 648 -30.85 -5.61 -8.04
CA ILE B 648 -29.79 -4.62 -8.14
C ILE B 648 -28.67 -5.27 -8.97
N MET B 649 -28.44 -4.76 -10.18
CA MET B 649 -27.37 -5.28 -11.05
C MET B 649 -26.06 -4.49 -10.92
N ALA B 650 -24.94 -5.19 -10.71
CA ALA B 650 -23.65 -4.51 -10.56
C ALA B 650 -23.35 -3.62 -11.78
N ASP B 651 -23.73 -4.10 -12.96
CA ASP B 651 -23.39 -3.46 -14.24
C ASP B 651 -24.57 -2.66 -14.80
N GLN B 652 -25.56 -2.33 -13.97
CA GLN B 652 -26.75 -1.57 -14.43
C GLN B 652 -26.48 -0.27 -15.23
N LEU B 653 -25.38 0.42 -14.93
CA LEU B 653 -25.06 1.69 -15.57
C LEU B 653 -23.81 1.64 -16.42
N ALA B 654 -23.59 0.50 -17.08
CA ALA B 654 -22.44 0.34 -17.96
C ALA B 654 -22.32 1.43 -19.04
N GLY B 655 -23.43 1.88 -19.60
CA GLY B 655 -23.37 2.98 -20.57
C GLY B 655 -22.84 4.28 -19.98
N GLN B 656 -23.19 4.57 -18.74
CA GLN B 656 -22.67 5.79 -18.10
C GLN B 656 -21.19 5.68 -17.73
N TRP B 657 -20.75 4.49 -17.31
CA TRP B 657 -19.31 4.22 -17.12
C TRP B 657 -18.52 4.61 -18.37
N TYR B 658 -18.95 4.10 -19.53
CA TYR B 658 -18.24 4.41 -20.77
C TYR B 658 -18.42 5.86 -21.15
N ALA B 659 -19.60 6.44 -20.94
CA ALA B 659 -19.78 7.87 -21.18
C ALA B 659 -18.77 8.74 -20.38
N ASP B 660 -18.47 8.37 -19.12
CA ASP B 660 -17.46 9.09 -18.35
C ASP B 660 -16.10 8.99 -19.06
N ILE B 661 -15.74 7.78 -19.49
CA ILE B 661 -14.46 7.56 -20.17
C ILE B 661 -14.40 8.32 -21.49
N LEU B 662 -15.53 8.36 -22.22
CA LEU B 662 -15.57 9.03 -23.51
C LEU B 662 -15.78 10.56 -23.41
N ARG B 663 -15.99 11.05 -22.18
CA ARG B 663 -16.22 12.47 -21.89
C ARG B 663 -17.50 12.95 -22.59
N LEU B 664 -18.53 12.14 -22.53
CA LEU B 664 -19.80 12.44 -23.14
C LEU B 664 -20.77 13.06 -22.11
N GLY B 665 -20.30 13.30 -20.89
CA GLY B 665 -21.13 13.91 -19.86
C GLY B 665 -22.19 12.98 -19.32
N ASP B 666 -23.24 13.58 -18.78
CA ASP B 666 -24.28 12.86 -18.07
C ASP B 666 -25.28 12.31 -19.06
N ILE B 667 -25.47 11.00 -19.09
CA ILE B 667 -26.62 10.42 -19.78
C ILE B 667 -27.75 10.21 -18.81
N LEU B 668 -27.44 10.18 -17.52
CA LEU B 668 -28.42 10.06 -16.47
C LEU B 668 -28.04 11.08 -15.40
N PRO B 669 -28.99 11.47 -14.54
CA PRO B 669 -28.66 12.54 -13.56
C PRO B 669 -27.56 12.12 -12.57
N LYS B 670 -26.63 13.04 -12.30
CA LYS B 670 -25.54 12.81 -11.37
C LYS B 670 -25.99 12.20 -10.08
N ASP B 671 -27.05 12.80 -9.51
CA ASP B 671 -27.58 12.38 -8.22
C ASP B 671 -28.01 10.93 -8.22
N HIS B 672 -28.61 10.50 -9.33
CA HIS B 672 -29.13 9.15 -9.48
C HIS B 672 -27.99 8.14 -9.66
N VAL B 673 -27.00 8.50 -10.47
CA VAL B 673 -25.82 7.66 -10.69
C VAL B 673 -25.12 7.38 -9.36
N GLN B 674 -24.93 8.45 -8.59
CA GLN B 674 -24.27 8.37 -7.29
C GLN B 674 -25.03 7.47 -6.33
N LYS B 675 -26.35 7.62 -6.28
CA LYS B 675 -27.19 6.76 -5.45
C LYS B 675 -27.11 5.30 -5.90
N ALA B 676 -27.14 5.06 -7.20
CA ALA B 676 -27.07 3.69 -7.72
C ALA B 676 -25.72 3.03 -7.38
N LEU B 677 -24.63 3.74 -7.62
CA LEU B 677 -23.29 3.21 -7.28
C LEU B 677 -23.16 2.90 -5.78
N LYS B 678 -23.64 3.80 -4.93
CA LYS B 678 -23.62 3.57 -3.50
C LYS B 678 -24.46 2.36 -3.09
N LYS B 679 -25.60 2.17 -3.76
CA LYS B 679 -26.45 1.00 -3.54
C LYS B 679 -25.70 -0.29 -3.92
N ILE B 680 -25.06 -0.26 -5.09
CA ILE B 680 -24.27 -1.41 -5.58
C ILE B 680 -23.16 -1.73 -4.57
N TYR B 681 -22.46 -0.71 -4.08
CA TYR B 681 -21.39 -0.98 -3.11
C TYR B 681 -21.98 -1.56 -1.83
N GLU B 682 -23.09 -0.98 -1.37
CA GLU B 682 -23.70 -1.40 -0.09
C GLU B 682 -24.27 -2.81 -0.13
N PHE B 683 -24.78 -3.22 -1.29
CA PHE B 683 -25.43 -4.54 -1.46
C PHE B 683 -24.53 -5.54 -2.19
N ASN B 684 -24.31 -5.33 -3.49
CA ASN B 684 -23.60 -6.31 -4.32
C ASN B 684 -22.17 -6.58 -3.85
N VAL B 685 -21.53 -5.57 -3.26
CA VAL B 685 -20.22 -5.76 -2.67
C VAL B 685 -20.36 -6.13 -1.19
N MET B 686 -20.81 -5.19 -0.35
CA MET B 686 -20.71 -5.34 1.10
C MET B 686 -21.58 -6.43 1.69
N LYS B 687 -22.66 -6.80 1.03
CA LYS B 687 -23.50 -7.91 1.52
C LYS B 687 -23.16 -9.25 0.88
N PHE B 688 -22.09 -9.32 0.09
CA PHE B 688 -21.62 -10.57 -0.51
C PHE B 688 -20.28 -10.93 0.09
N GLU B 689 -20.26 -11.90 1.00
CA GLU B 689 -19.03 -12.32 1.70
C GLU B 689 -18.23 -11.14 2.25
N ASN B 690 -18.95 -10.21 2.86
CA ASN B 690 -18.37 -9.06 3.56
C ASN B 690 -17.47 -8.19 2.67
N GLY B 691 -17.80 -8.08 1.38
CA GLY B 691 -17.05 -7.21 0.48
C GLY B 691 -15.61 -7.63 0.18
N LYS B 692 -15.30 -8.91 0.41
CA LYS B 692 -13.95 -9.44 0.21
C LYS B 692 -13.74 -10.21 -1.09
N MET B 693 -14.73 -10.23 -1.98
CA MET B 693 -14.66 -11.08 -3.19
C MET B 693 -15.17 -10.42 -4.46
N GLY B 694 -15.32 -9.09 -4.47
CA GLY B 694 -15.85 -8.35 -5.61
C GLY B 694 -17.35 -8.09 -5.53
N ALA B 695 -17.92 -7.68 -6.66
CA ALA B 695 -19.34 -7.35 -6.78
C ALA B 695 -20.10 -8.53 -7.38
N VAL B 696 -21.00 -9.14 -6.61
CA VAL B 696 -21.89 -10.15 -7.17
C VAL B 696 -22.80 -9.48 -8.21
N ASN B 697 -23.11 -10.19 -9.28
CA ASN B 697 -23.83 -9.54 -10.38
C ASN B 697 -25.25 -9.11 -10.03
N GLY B 698 -25.99 -9.93 -9.29
CA GLY B 698 -27.41 -9.65 -9.06
C GLY B 698 -27.78 -9.82 -7.61
N MET B 699 -28.31 -8.78 -7.01
CA MET B 699 -28.77 -8.86 -5.64
C MET B 699 -30.22 -8.38 -5.53
N ARG B 700 -31.02 -9.13 -4.77
CA ARG B 700 -32.41 -8.73 -4.50
C ARG B 700 -32.39 -7.56 -3.54
N PRO B 701 -33.44 -6.69 -3.59
CA PRO B 701 -33.42 -5.53 -2.67
C PRO B 701 -33.56 -5.88 -1.19
N ASP B 702 -33.93 -7.12 -0.84
CA ASP B 702 -33.82 -7.57 0.55
C ASP B 702 -32.42 -7.99 1.01
N GLY B 703 -31.41 -7.87 0.15
CA GLY B 703 -30.03 -8.16 0.54
C GLY B 703 -29.61 -9.62 0.40
N ILE B 704 -30.37 -10.39 -0.36
CA ILE B 704 -30.04 -11.78 -0.67
C ILE B 704 -29.72 -11.88 -2.15
N VAL B 705 -28.74 -12.71 -2.47
CA VAL B 705 -28.28 -12.82 -3.85
C VAL B 705 -29.39 -13.37 -4.74
N ASP B 706 -29.54 -12.78 -5.93
CA ASP B 706 -30.54 -13.18 -6.93
C ASP B 706 -30.20 -14.57 -7.48
N GLU B 707 -31.17 -15.48 -7.41
CA GLU B 707 -30.96 -16.90 -7.78
C GLU B 707 -31.62 -17.31 -9.09
N SER B 708 -32.11 -16.36 -9.86
CA SER B 708 -32.79 -16.68 -11.10
C SER B 708 -31.88 -17.29 -12.18
N ASP B 709 -30.58 -17.04 -12.10
CA ASP B 709 -29.61 -17.72 -12.97
C ASP B 709 -28.24 -17.78 -12.28
N ILE B 710 -27.43 -18.77 -12.66
CA ILE B 710 -26.08 -18.88 -12.15
C ILE B 710 -25.27 -17.55 -12.29
N GLN B 711 -25.42 -16.85 -13.41
CA GLN B 711 -24.66 -15.65 -13.66
C GLN B 711 -24.97 -14.52 -12.69
N ALA B 712 -26.21 -14.45 -12.21
CA ALA B 712 -26.58 -13.51 -11.15
C ALA B 712 -25.83 -13.77 -9.83
N GLN B 713 -25.44 -15.01 -9.61
CA GLN B 713 -24.78 -15.45 -8.37
C GLN B 713 -23.28 -15.45 -8.48
N GLU B 714 -22.77 -15.04 -9.64
CA GLU B 714 -21.33 -14.96 -9.87
C GLU B 714 -20.86 -13.50 -9.69
N VAL B 715 -19.63 -13.37 -9.21
CA VAL B 715 -18.82 -12.17 -9.39
C VAL B 715 -18.10 -12.36 -10.71
N TRP B 716 -18.14 -11.36 -11.57
CA TRP B 716 -17.37 -11.36 -12.79
C TRP B 716 -16.21 -10.39 -12.56
N THR B 717 -15.00 -10.94 -12.65
CA THR B 717 -13.78 -10.20 -12.36
C THR B 717 -13.68 -8.91 -13.15
N GLY B 718 -13.96 -8.99 -14.46
CA GLY B 718 -13.84 -7.84 -15.35
C GLY B 718 -14.94 -6.79 -15.16
N VAL B 719 -16.13 -7.23 -14.78
CA VAL B 719 -17.24 -6.33 -14.46
C VAL B 719 -16.92 -5.59 -13.14
N THR B 720 -16.33 -6.29 -12.20
CA THR B 720 -15.97 -5.69 -10.92
C THR B 720 -14.87 -4.64 -11.09
N TYR B 721 -13.85 -4.94 -11.88
CA TYR B 721 -12.76 -3.98 -12.05
C TYR B 721 -13.28 -2.76 -12.79
N ALA B 722 -14.17 -2.96 -13.75
CA ALA B 722 -14.80 -1.85 -14.48
C ALA B 722 -15.70 -1.00 -13.57
N LEU B 723 -16.46 -1.66 -12.71
CA LEU B 723 -17.24 -0.99 -11.70
C LEU B 723 -16.37 -0.16 -10.74
N ALA B 724 -15.21 -0.71 -10.33
CA ALA B 724 -14.25 0.06 -9.54
C ALA B 724 -13.77 1.32 -10.29
N SER B 725 -13.50 1.18 -11.57
CA SER B 725 -13.14 2.30 -12.44
C SER B 725 -14.23 3.41 -12.44
N PHE B 726 -15.47 2.99 -12.60
CA PHE B 726 -16.64 3.87 -12.60
C PHE B 726 -16.75 4.60 -11.25
N MET B 727 -16.72 3.85 -10.15
CA MET B 727 -16.67 4.43 -8.81
C MET B 727 -15.58 5.48 -8.64
N LYS B 728 -14.37 5.15 -9.09
CA LYS B 728 -13.24 6.05 -8.99
C LYS B 728 -13.47 7.36 -9.75
N TYR B 729 -13.96 7.31 -10.98
CA TYR B 729 -14.25 8.53 -11.75
C TYR B 729 -15.33 9.39 -11.07
N ARG B 730 -16.26 8.77 -10.36
CA ARG B 730 -17.32 9.46 -9.63
C ARG B 730 -16.95 9.89 -8.20
N GLY B 731 -15.65 9.91 -7.87
CA GLY B 731 -15.18 10.31 -6.57
C GLY B 731 -15.42 9.38 -5.42
N MET B 732 -15.84 8.14 -5.67
CA MET B 732 -16.04 7.15 -4.61
C MET B 732 -14.75 6.31 -4.48
N THR B 733 -13.68 6.99 -4.05
CA THR B 733 -12.35 6.42 -4.03
C THR B 733 -12.25 5.18 -3.14
N GLU B 734 -12.71 5.28 -1.89
CA GLU B 734 -12.63 4.15 -0.99
C GLU B 734 -13.44 2.94 -1.53
N GLU B 735 -14.64 3.21 -1.99
CA GLU B 735 -15.49 2.16 -2.54
C GLU B 735 -14.86 1.52 -3.77
N ALA B 736 -14.22 2.31 -4.61
CA ALA B 736 -13.61 1.81 -5.83
C ALA B 736 -12.49 0.79 -5.52
N TYR B 737 -11.55 1.17 -4.65
CA TYR B 737 -10.43 0.30 -4.29
C TYR B 737 -10.85 -0.88 -3.42
N ASN B 738 -11.81 -0.69 -2.53
CA ASN B 738 -12.32 -1.81 -1.72
C ASN B 738 -13.02 -2.85 -2.61
N THR B 739 -13.76 -2.39 -3.62
CA THR B 739 -14.42 -3.27 -4.57
C THR B 739 -13.37 -4.06 -5.38
N ALA B 740 -12.43 -3.37 -5.99
CA ALA B 740 -11.35 -4.03 -6.71
C ALA B 740 -10.47 -4.94 -5.85
N TYR B 741 -10.24 -4.56 -4.59
CA TYR B 741 -9.37 -5.31 -3.69
C TYR B 741 -9.81 -6.78 -3.58
N GLY B 742 -11.12 -7.03 -3.50
CA GLY B 742 -11.62 -8.40 -3.41
C GLY B 742 -11.22 -9.27 -4.59
N VAL B 743 -11.11 -8.65 -5.76
CA VAL B 743 -10.67 -9.38 -6.94
C VAL B 743 -9.17 -9.72 -6.83
N TYR B 744 -8.37 -8.70 -6.50
CA TYR B 744 -6.94 -8.89 -6.19
C TYR B 744 -6.74 -10.02 -5.18
N LYS B 745 -7.52 -10.00 -4.10
CA LYS B 745 -7.31 -10.91 -2.98
C LYS B 745 -7.58 -12.36 -3.33
N MET B 746 -8.71 -12.61 -3.99
CA MET B 746 -9.05 -13.90 -4.53
C MET B 746 -8.05 -14.42 -5.53
N THR B 747 -7.50 -13.53 -6.34
CA THR B 747 -6.60 -13.95 -7.40
C THR B 747 -5.17 -14.25 -6.87
N TYR B 748 -4.62 -13.33 -6.08
CA TYR B 748 -3.19 -13.30 -5.73
C TYR B 748 -2.84 -13.62 -4.28
N ASP B 749 -3.74 -13.40 -3.35
CA ASP B 749 -3.39 -13.42 -1.93
C ASP B 749 -3.37 -14.82 -1.38
N LYS B 750 -2.60 -15.05 -0.31
CA LYS B 750 -2.60 -16.32 0.41
C LYS B 750 -4.00 -16.79 0.86
N SER B 751 -4.88 -15.85 1.19
CA SER B 751 -6.25 -16.17 1.61
C SER B 751 -7.23 -16.32 0.42
N GLY B 752 -6.74 -16.22 -0.82
CA GLY B 752 -7.59 -16.34 -1.98
C GLY B 752 -7.70 -17.77 -2.49
N LYS B 753 -7.92 -17.92 -3.79
CA LYS B 753 -8.20 -19.23 -4.37
C LYS B 753 -7.18 -19.71 -5.39
N GLY B 754 -6.06 -19.00 -5.48
CA GLY B 754 -4.95 -19.46 -6.29
C GLY B 754 -5.09 -19.31 -7.80
N TYR B 755 -5.53 -18.14 -8.24
CA TYR B 755 -5.81 -17.91 -9.66
C TYR B 755 -4.79 -16.99 -10.36
N TRP B 756 -3.64 -16.77 -9.73
CA TRP B 756 -2.54 -15.99 -10.34
C TRP B 756 -2.12 -16.55 -11.70
N PHE B 757 -2.00 -15.63 -12.68
CA PHE B 757 -1.73 -15.92 -14.08
C PHE B 757 -2.78 -16.88 -14.74
N ARG B 758 -4.01 -16.83 -14.25
CA ARG B 758 -5.14 -17.49 -14.89
C ARG B 758 -6.42 -16.93 -14.38
N THR B 759 -6.49 -15.59 -14.25
CA THR B 759 -7.65 -14.93 -13.71
C THR B 759 -8.91 -15.38 -14.47
N PRO B 760 -9.93 -15.85 -13.73
CA PRO B 760 -11.12 -16.39 -14.40
C PRO B 760 -12.18 -15.34 -14.67
N GLU B 761 -13.12 -15.67 -15.54
CA GLU B 761 -14.30 -14.85 -15.75
C GLU B 761 -14.98 -14.63 -14.39
N ALA B 762 -15.20 -15.72 -13.65
CA ALA B 762 -16.17 -15.67 -12.60
C ALA B 762 -15.87 -16.59 -11.46
N TRP B 763 -16.32 -16.19 -10.27
CA TRP B 763 -16.47 -17.11 -9.15
C TRP B 763 -17.79 -16.94 -8.42
N THR B 764 -18.20 -18.00 -7.76
CA THR B 764 -19.36 -18.02 -6.86
C THR B 764 -18.89 -17.79 -5.41
N LYS B 765 -19.84 -17.67 -4.48
CA LYS B 765 -19.52 -17.32 -3.09
C LYS B 765 -18.52 -18.28 -2.41
N ASP B 766 -18.49 -19.53 -2.85
CA ASP B 766 -17.51 -20.52 -2.36
C ASP B 766 -16.09 -20.36 -2.93
N GLY B 767 -15.89 -19.43 -3.86
CA GLY B 767 -14.57 -19.18 -4.41
C GLY B 767 -14.24 -20.02 -5.63
N ASN B 768 -15.08 -21.00 -5.99
CA ASN B 768 -14.78 -21.84 -7.15
C ASN B 768 -15.15 -21.08 -8.41
N TYR B 769 -14.55 -21.45 -9.53
CA TYR B 769 -14.50 -20.56 -10.70
C TYR B 769 -15.16 -21.10 -11.94
N ARG B 770 -15.40 -20.19 -12.87
CA ARG B 770 -15.68 -20.53 -14.24
C ARG B 770 -14.77 -19.76 -15.20
N ALA B 771 -14.13 -20.53 -16.09
CA ALA B 771 -13.35 -20.07 -17.24
C ALA B 771 -12.08 -19.32 -16.80
N SER B 772 -11.06 -20.08 -16.41
CA SER B 772 -9.76 -19.53 -16.08
C SER B 772 -9.08 -19.02 -17.36
N MET B 773 -8.14 -18.10 -17.19
CA MET B 773 -7.41 -17.45 -18.30
C MET B 773 -8.37 -16.66 -19.20
N TYR B 774 -8.94 -15.60 -18.64
CA TYR B 774 -10.06 -14.89 -19.27
C TYR B 774 -9.70 -13.46 -19.63
N MET B 775 -10.25 -12.97 -20.75
CA MET B 775 -9.91 -11.65 -21.25
C MET B 775 -10.49 -10.52 -20.42
N ARG B 776 -11.72 -10.69 -19.93
CA ARG B 776 -12.42 -9.62 -19.26
C ARG B 776 -11.68 -8.81 -18.16
N PRO B 777 -10.97 -9.48 -17.21
CA PRO B 777 -10.30 -8.72 -16.12
C PRO B 777 -9.15 -7.81 -16.54
N LEU B 778 -8.77 -7.86 -17.80
CA LEU B 778 -7.92 -6.82 -18.35
C LEU B 778 -8.55 -5.42 -18.20
N SER B 779 -9.86 -5.36 -17.93
CA SER B 779 -10.53 -4.13 -17.59
C SER B 779 -9.99 -3.36 -16.36
N ILE B 780 -9.16 -3.99 -15.54
CA ILE B 780 -8.43 -3.26 -14.50
C ILE B 780 -7.73 -2.01 -15.07
N TRP B 781 -7.23 -2.07 -16.30
CA TRP B 781 -6.58 -0.87 -16.89
C TRP B 781 -7.51 0.35 -17.07
N SER B 782 -8.83 0.16 -17.04
CA SER B 782 -9.77 1.27 -17.05
C SER B 782 -9.67 2.11 -15.76
N MET B 783 -9.11 1.54 -14.70
CA MET B 783 -8.80 2.30 -13.48
C MET B 783 -7.68 3.34 -13.65
N GLU B 784 -6.88 3.24 -14.73
CA GLU B 784 -5.77 4.15 -15.05
C GLU B 784 -6.08 5.22 -16.10
N VAL B 785 -7.31 5.31 -16.60
CA VAL B 785 -7.65 6.34 -17.60
C VAL B 785 -7.37 7.81 -17.16
#